data_3EK9
# 
_entry.id   3EK9 
# 
_audit_conform.dict_name       mmcif_pdbx.dic 
_audit_conform.dict_version    5.377 
_audit_conform.dict_location   http://mmcif.pdb.org/dictionaries/ascii/mmcif_pdbx.dic 
# 
loop_
_database_2.database_id 
_database_2.database_code 
_database_2.pdbx_database_accession 
_database_2.pdbx_DOI 
PDB   3EK9         pdb_00003ek9 10.2210/pdb3ek9/pdb 
RCSB  RCSB049427   ?            ?                   
WWPDB D_1000049427 ?            ?                   
# 
_pdbx_database_status.status_code                     REL 
_pdbx_database_status.entry_id                        3EK9 
_pdbx_database_status.recvd_initial_deposition_date   2008-09-19 
_pdbx_database_status.deposit_site                    RCSB 
_pdbx_database_status.process_site                    RCSB 
_pdbx_database_status.status_code_sf                  REL 
_pdbx_database_status.status_code_mr                  ? 
_pdbx_database_status.SG_entry                        . 
_pdbx_database_status.status_code_cs                  ? 
_pdbx_database_status.methods_development_category    ? 
_pdbx_database_status.pdb_format_compatible           Y 
_pdbx_database_status.status_code_nmr_data            ? 
# 
loop_
_audit_author.name 
_audit_author.pdbx_ordinal 
'Kuang, Z.'       1 
'Yao, S.'         2 
'Xu, Y.'          3 
'Garrett, T.J.P.' 4 
'Norton, R.S.'    5 
# 
_citation.id                        primary 
_citation.title                     
'SPRY domain-containing SOCS box protein 2: crystal structure and residues critical for protein binding.' 
_citation.journal_abbrev            J.Mol.Biol. 
_citation.journal_volume            386 
_citation.page_first                662 
_citation.page_last                 674 
_citation.year                      2009 
_citation.journal_id_ASTM           JMOBAK 
_citation.country                   UK 
_citation.journal_id_ISSN           0022-2836 
_citation.journal_id_CSD            0070 
_citation.book_publisher            ? 
_citation.pdbx_database_id_PubMed   19154741 
_citation.pdbx_database_id_DOI      10.1016/j.jmb.2008.12.078 
# 
loop_
_citation_author.citation_id 
_citation_author.name 
_citation_author.ordinal 
_citation_author.identifier_ORCID 
primary 'Kuang, Z.'       1  ? 
primary 'Yao, S.'         2  ? 
primary 'Xu, Y.'          3  ? 
primary 'Lewis, R.S.'     4  ? 
primary 'Low, A.'         5  ? 
primary 'Masters, S.L.'   6  ? 
primary 'Willson, T.A.'   7  ? 
primary 'Kolesnik, T.B.'  8  ? 
primary 'Nicholson, S.E.' 9  ? 
primary 'Garrett, T.J.'   10 ? 
primary 'Norton, R.S.'    11 ? 
# 
_cell.entry_id           3EK9 
_cell.length_a           34.255 
_cell.length_b           68.176 
_cell.length_c           69.012 
_cell.angle_alpha        90.00 
_cell.angle_beta         90.00 
_cell.angle_gamma        90.00 
_cell.Z_PDB              4 
_cell.pdbx_unique_axis   ? 
_cell.length_a_esd       ? 
_cell.length_b_esd       ? 
_cell.length_c_esd       ? 
_cell.angle_alpha_esd    ? 
_cell.angle_beta_esd     ? 
_cell.angle_gamma_esd    ? 
# 
_symmetry.entry_id                         3EK9 
_symmetry.space_group_name_H-M             'P 21 21 21' 
_symmetry.pdbx_full_space_group_name_H-M   ? 
_symmetry.cell_setting                     ? 
_symmetry.Int_Tables_number                19 
_symmetry.space_group_name_Hall            ? 
# 
loop_
_entity.id 
_entity.type 
_entity.src_method 
_entity.pdbx_description 
_entity.formula_weight 
_entity.pdbx_number_of_molecules 
_entity.pdbx_ec 
_entity.pdbx_mutation 
_entity.pdbx_fragment 
_entity.details 
1 polymer     man 'SPRY domain-containing SOCS box protein 2' 23365.156 1  ? ? 'B30.2/SPRY domain residues 12-224' ? 
2 non-polymer syn GLYCEROL                                    92.094    1  ? ? ?                                   ? 
3 water       nat water                                       18.015    59 ? ? ?                                   ? 
# 
_entity_name_com.entity_id   1 
_entity_name_com.name        'SSB-2, Gene-rich cluster protein C9' 
# 
_entity_poly.entity_id                      1 
_entity_poly.type                           'polypeptide(L)' 
_entity_poly.nstd_linkage                   no 
_entity_poly.nstd_monomer                   no 
_entity_poly.pdbx_seq_one_letter_code       
;STPTSQALYSDFSPPEGLEELLSAPPPDLVAQRHHGWNPKDCSENIDVKEGGLCFERRPVAQSTDGVRGKRGYSRGLHAW
EISWPLEQRGTHAVVGVATALAPLQADHYAALLGSNSESWGWDIGRGKLYHQSKGLEAPQYPAGPQGEQLVVPERLLVVL
DMEEGTLGYSIGGTYLGPAFRGLKGRTLYPSVSAVWGQCQVRIRYMGERRVEE
;
_entity_poly.pdbx_seq_one_letter_code_can   
;STPTSQALYSDFSPPEGLEELLSAPPPDLVAQRHHGWNPKDCSENIDVKEGGLCFERRPVAQSTDGVRGKRGYSRGLHAW
EISWPLEQRGTHAVVGVATALAPLQADHYAALLGSNSESWGWDIGRGKLYHQSKGLEAPQYPAGPQGEQLVVPERLLVVL
DMEEGTLGYSIGGTYLGPAFRGLKGRTLYPSVSAVWGQCQVRIRYMGERRVEE
;
_entity_poly.pdbx_strand_id                 A 
_entity_poly.pdbx_target_identifier         ? 
# 
loop_
_entity_poly_seq.entity_id 
_entity_poly_seq.num 
_entity_poly_seq.mon_id 
_entity_poly_seq.hetero 
1 1   SER n 
1 2   THR n 
1 3   PRO n 
1 4   THR n 
1 5   SER n 
1 6   GLN n 
1 7   ALA n 
1 8   LEU n 
1 9   TYR n 
1 10  SER n 
1 11  ASP n 
1 12  PHE n 
1 13  SER n 
1 14  PRO n 
1 15  PRO n 
1 16  GLU n 
1 17  GLY n 
1 18  LEU n 
1 19  GLU n 
1 20  GLU n 
1 21  LEU n 
1 22  LEU n 
1 23  SER n 
1 24  ALA n 
1 25  PRO n 
1 26  PRO n 
1 27  PRO n 
1 28  ASP n 
1 29  LEU n 
1 30  VAL n 
1 31  ALA n 
1 32  GLN n 
1 33  ARG n 
1 34  HIS n 
1 35  HIS n 
1 36  GLY n 
1 37  TRP n 
1 38  ASN n 
1 39  PRO n 
1 40  LYS n 
1 41  ASP n 
1 42  CYS n 
1 43  SER n 
1 44  GLU n 
1 45  ASN n 
1 46  ILE n 
1 47  ASP n 
1 48  VAL n 
1 49  LYS n 
1 50  GLU n 
1 51  GLY n 
1 52  GLY n 
1 53  LEU n 
1 54  CYS n 
1 55  PHE n 
1 56  GLU n 
1 57  ARG n 
1 58  ARG n 
1 59  PRO n 
1 60  VAL n 
1 61  ALA n 
1 62  GLN n 
1 63  SER n 
1 64  THR n 
1 65  ASP n 
1 66  GLY n 
1 67  VAL n 
1 68  ARG n 
1 69  GLY n 
1 70  LYS n 
1 71  ARG n 
1 72  GLY n 
1 73  TYR n 
1 74  SER n 
1 75  ARG n 
1 76  GLY n 
1 77  LEU n 
1 78  HIS n 
1 79  ALA n 
1 80  TRP n 
1 81  GLU n 
1 82  ILE n 
1 83  SER n 
1 84  TRP n 
1 85  PRO n 
1 86  LEU n 
1 87  GLU n 
1 88  GLN n 
1 89  ARG n 
1 90  GLY n 
1 91  THR n 
1 92  HIS n 
1 93  ALA n 
1 94  VAL n 
1 95  VAL n 
1 96  GLY n 
1 97  VAL n 
1 98  ALA n 
1 99  THR n 
1 100 ALA n 
1 101 LEU n 
1 102 ALA n 
1 103 PRO n 
1 104 LEU n 
1 105 GLN n 
1 106 ALA n 
1 107 ASP n 
1 108 HIS n 
1 109 TYR n 
1 110 ALA n 
1 111 ALA n 
1 112 LEU n 
1 113 LEU n 
1 114 GLY n 
1 115 SER n 
1 116 ASN n 
1 117 SER n 
1 118 GLU n 
1 119 SER n 
1 120 TRP n 
1 121 GLY n 
1 122 TRP n 
1 123 ASP n 
1 124 ILE n 
1 125 GLY n 
1 126 ARG n 
1 127 GLY n 
1 128 LYS n 
1 129 LEU n 
1 130 TYR n 
1 131 HIS n 
1 132 GLN n 
1 133 SER n 
1 134 LYS n 
1 135 GLY n 
1 136 LEU n 
1 137 GLU n 
1 138 ALA n 
1 139 PRO n 
1 140 GLN n 
1 141 TYR n 
1 142 PRO n 
1 143 ALA n 
1 144 GLY n 
1 145 PRO n 
1 146 GLN n 
1 147 GLY n 
1 148 GLU n 
1 149 GLN n 
1 150 LEU n 
1 151 VAL n 
1 152 VAL n 
1 153 PRO n 
1 154 GLU n 
1 155 ARG n 
1 156 LEU n 
1 157 LEU n 
1 158 VAL n 
1 159 VAL n 
1 160 LEU n 
1 161 ASP n 
1 162 MET n 
1 163 GLU n 
1 164 GLU n 
1 165 GLY n 
1 166 THR n 
1 167 LEU n 
1 168 GLY n 
1 169 TYR n 
1 170 SER n 
1 171 ILE n 
1 172 GLY n 
1 173 GLY n 
1 174 THR n 
1 175 TYR n 
1 176 LEU n 
1 177 GLY n 
1 178 PRO n 
1 179 ALA n 
1 180 PHE n 
1 181 ARG n 
1 182 GLY n 
1 183 LEU n 
1 184 LYS n 
1 185 GLY n 
1 186 ARG n 
1 187 THR n 
1 188 LEU n 
1 189 TYR n 
1 190 PRO n 
1 191 SER n 
1 192 VAL n 
1 193 SER n 
1 194 ALA n 
1 195 VAL n 
1 196 TRP n 
1 197 GLY n 
1 198 GLN n 
1 199 CYS n 
1 200 GLN n 
1 201 VAL n 
1 202 ARG n 
1 203 ILE n 
1 204 ARG n 
1 205 TYR n 
1 206 MET n 
1 207 GLY n 
1 208 GLU n 
1 209 ARG n 
1 210 ARG n 
1 211 VAL n 
1 212 GLU n 
1 213 GLU n 
# 
_entity_src_gen.entity_id                          1 
_entity_src_gen.pdbx_src_id                        1 
_entity_src_gen.pdbx_alt_source_flag               sample 
_entity_src_gen.pdbx_seq_type                      ? 
_entity_src_gen.pdbx_beg_seq_num                   ? 
_entity_src_gen.pdbx_end_seq_num                   ? 
_entity_src_gen.gene_src_common_name               Mouse 
_entity_src_gen.gene_src_genus                     ? 
_entity_src_gen.pdbx_gene_src_gene                 'Spsb2, Grcc9, Ssb2' 
_entity_src_gen.gene_src_species                   ? 
_entity_src_gen.gene_src_strain                    ? 
_entity_src_gen.gene_src_tissue                    ? 
_entity_src_gen.gene_src_tissue_fraction           ? 
_entity_src_gen.gene_src_details                   ? 
_entity_src_gen.pdbx_gene_src_fragment             ? 
_entity_src_gen.pdbx_gene_src_scientific_name      'Mus musculus' 
_entity_src_gen.pdbx_gene_src_ncbi_taxonomy_id     10090 
_entity_src_gen.pdbx_gene_src_variant              ? 
_entity_src_gen.pdbx_gene_src_cell_line            ? 
_entity_src_gen.pdbx_gene_src_atcc                 ? 
_entity_src_gen.pdbx_gene_src_organ                ? 
_entity_src_gen.pdbx_gene_src_organelle            ? 
_entity_src_gen.pdbx_gene_src_cell                 ? 
_entity_src_gen.pdbx_gene_src_cellular_location    ? 
_entity_src_gen.host_org_common_name               ? 
_entity_src_gen.pdbx_host_org_scientific_name      'Escherichia coli' 
_entity_src_gen.pdbx_host_org_ncbi_taxonomy_id     562 
_entity_src_gen.host_org_genus                     ? 
_entity_src_gen.pdbx_host_org_gene                 ? 
_entity_src_gen.pdbx_host_org_organ                ? 
_entity_src_gen.host_org_species                   ? 
_entity_src_gen.pdbx_host_org_tissue               ? 
_entity_src_gen.pdbx_host_org_tissue_fraction      ? 
_entity_src_gen.pdbx_host_org_strain               ? 
_entity_src_gen.pdbx_host_org_variant              ? 
_entity_src_gen.pdbx_host_org_cell_line            ? 
_entity_src_gen.pdbx_host_org_atcc                 ? 
_entity_src_gen.pdbx_host_org_culture_collection   ? 
_entity_src_gen.pdbx_host_org_cell                 ? 
_entity_src_gen.pdbx_host_org_organelle            ? 
_entity_src_gen.pdbx_host_org_cellular_location    ? 
_entity_src_gen.pdbx_host_org_vector_type          ? 
_entity_src_gen.pdbx_host_org_vector               ? 
_entity_src_gen.host_org_details                   ? 
_entity_src_gen.expression_system_id               ? 
_entity_src_gen.plasmid_name                       ? 
_entity_src_gen.plasmid_details                    ? 
_entity_src_gen.pdbx_description                   ? 
# 
_struct_ref.id                         1 
_struct_ref.db_name                    UNP 
_struct_ref.db_code                    SPSB2_MOUSE 
_struct_ref.pdbx_db_accession          O88838 
_struct_ref.entity_id                  1 
_struct_ref.pdbx_seq_one_letter_code   
;STPTSQALYSDFSPPEGLEELLSAPPPDLVAQRHHGWNPKDCSENIDVKEGGLCFERRPVAQSTDGVRGKRGYSRGLHAW
EISWPLEQRGTHAVVGVATALAPLQADHYAALLGSNSESWGWDIGRGKLYHQSKGLEAPQYPAGPQGEQLVVPERLLVVL
DMEEGTLGYSIGGTYLGPAFRGLKGRTLYPSVSAVWGQCQVRIRYMGERRVEE
;
_struct_ref.pdbx_align_begin           12 
_struct_ref.pdbx_db_isoform            ? 
# 
_struct_ref_seq.align_id                      1 
_struct_ref_seq.ref_id                        1 
_struct_ref_seq.pdbx_PDB_id_code              3EK9 
_struct_ref_seq.pdbx_strand_id                A 
_struct_ref_seq.seq_align_beg                 1 
_struct_ref_seq.pdbx_seq_align_beg_ins_code   ? 
_struct_ref_seq.seq_align_end                 213 
_struct_ref_seq.pdbx_seq_align_end_ins_code   ? 
_struct_ref_seq.pdbx_db_accession             O88838 
_struct_ref_seq.db_align_beg                  12 
_struct_ref_seq.pdbx_db_align_beg_ins_code    ? 
_struct_ref_seq.db_align_end                  224 
_struct_ref_seq.pdbx_db_align_end_ins_code    ? 
_struct_ref_seq.pdbx_auth_seq_align_beg       12 
_struct_ref_seq.pdbx_auth_seq_align_end       224 
# 
loop_
_chem_comp.id 
_chem_comp.type 
_chem_comp.mon_nstd_flag 
_chem_comp.name 
_chem_comp.pdbx_synonyms 
_chem_comp.formula 
_chem_comp.formula_weight 
ALA 'L-peptide linking' y ALANINE         ?                               'C3 H7 N O2'     89.093  
ARG 'L-peptide linking' y ARGININE        ?                               'C6 H15 N4 O2 1' 175.209 
ASN 'L-peptide linking' y ASPARAGINE      ?                               'C4 H8 N2 O3'    132.118 
ASP 'L-peptide linking' y 'ASPARTIC ACID' ?                               'C4 H7 N O4'     133.103 
CYS 'L-peptide linking' y CYSTEINE        ?                               'C3 H7 N O2 S'   121.158 
GLN 'L-peptide linking' y GLUTAMINE       ?                               'C5 H10 N2 O3'   146.144 
GLU 'L-peptide linking' y 'GLUTAMIC ACID' ?                               'C5 H9 N O4'     147.129 
GLY 'peptide linking'   y GLYCINE         ?                               'C2 H5 N O2'     75.067  
GOL non-polymer         . GLYCEROL        'GLYCERIN; PROPANE-1,2,3-TRIOL' 'C3 H8 O3'       92.094  
HIS 'L-peptide linking' y HISTIDINE       ?                               'C6 H10 N3 O2 1' 156.162 
HOH non-polymer         . WATER           ?                               'H2 O'           18.015  
ILE 'L-peptide linking' y ISOLEUCINE      ?                               'C6 H13 N O2'    131.173 
LEU 'L-peptide linking' y LEUCINE         ?                               'C6 H13 N O2'    131.173 
LYS 'L-peptide linking' y LYSINE          ?                               'C6 H15 N2 O2 1' 147.195 
MET 'L-peptide linking' y METHIONINE      ?                               'C5 H11 N O2 S'  149.211 
PHE 'L-peptide linking' y PHENYLALANINE   ?                               'C9 H11 N O2'    165.189 
PRO 'L-peptide linking' y PROLINE         ?                               'C5 H9 N O2'     115.130 
SER 'L-peptide linking' y SERINE          ?                               'C3 H7 N O3'     105.093 
THR 'L-peptide linking' y THREONINE       ?                               'C4 H9 N O3'     119.119 
TRP 'L-peptide linking' y TRYPTOPHAN      ?                               'C11 H12 N2 O2'  204.225 
TYR 'L-peptide linking' y TYROSINE        ?                               'C9 H11 N O3'    181.189 
VAL 'L-peptide linking' y VALINE          ?                               'C5 H11 N O2'    117.146 
# 
_exptl.entry_id          3EK9 
_exptl.method            'X-RAY DIFFRACTION' 
_exptl.crystals_number   1 
# 
_exptl_crystal.id                    1 
_exptl_crystal.density_meas          ? 
_exptl_crystal.density_Matthews      ? 
_exptl_crystal.density_percent_sol   ? 
_exptl_crystal.description           ? 
_exptl_crystal.F_000                 ? 
_exptl_crystal.preparation           ? 
# 
_exptl_crystal_grow.crystal_id      1 
_exptl_crystal_grow.method          EVAPORATION 
_exptl_crystal_grow.temp            293 
_exptl_crystal_grow.temp_details    ? 
_exptl_crystal_grow.pH              6.5 
_exptl_crystal_grow.pdbx_details    '100mM Bis-Tris, pH6.5, 200mM MgCl2, 25% PEG3350, EVAPORATION, temperature 293K' 
_exptl_crystal_grow.pdbx_pH_range   . 
# 
_diffrn.id                     1 
_diffrn.ambient_temp           100 
_diffrn.ambient_temp_details   ? 
_diffrn.crystal_id             1 
# 
_diffrn_detector.diffrn_id              1 
_diffrn_detector.detector               'IMAGE PLATE' 
_diffrn_detector.type                   'RIGAKU RAXIS IV' 
_diffrn_detector.pdbx_collection_date   2007-06-13 
_diffrn_detector.details                AXCO 
# 
_diffrn_radiation.diffrn_id                        1 
_diffrn_radiation.wavelength_id                    1 
_diffrn_radiation.pdbx_monochromatic_or_laue_m_l   M 
_diffrn_radiation.monochromator                    ? 
_diffrn_radiation.pdbx_diffrn_protocol             'SINGLE WAVELENGTH' 
_diffrn_radiation.pdbx_scattering_type             x-ray 
# 
_diffrn_radiation_wavelength.id           1 
_diffrn_radiation_wavelength.wavelength   1.54 
_diffrn_radiation_wavelength.wt           1.0 
# 
_diffrn_source.diffrn_id                   1 
_diffrn_source.source                      'ROTATING ANODE' 
_diffrn_source.type                        'RIGAKU MICROMAX-007' 
_diffrn_source.pdbx_synchrotron_site       ? 
_diffrn_source.pdbx_synchrotron_beamline   ? 
_diffrn_source.pdbx_wavelength             ? 
_diffrn_source.pdbx_wavelength_list        1.54 
# 
_reflns.entry_id                     3EK9 
_reflns.observed_criterion_sigma_I   1 
_reflns.observed_criterion_sigma_F   2 
_reflns.d_resolution_low             30.7 
_reflns.d_resolution_high            2.6 
_reflns.number_obs                   5002 
_reflns.number_all                   5018 
_reflns.percent_possible_obs         94.0 
_reflns.pdbx_Rmerge_I_obs            0.117 
_reflns.pdbx_Rsym_value              ? 
_reflns.B_iso_Wilson_estimate        ? 
_reflns.pdbx_redundancy              3.7 
_reflns.R_free_details               ? 
_reflns.limit_h_max                  ? 
_reflns.limit_h_min                  ? 
_reflns.limit_k_max                  ? 
_reflns.limit_k_min                  ? 
_reflns.limit_l_max                  ? 
_reflns.limit_l_min                  ? 
_reflns.observed_criterion_F_max     ? 
_reflns.observed_criterion_F_min     ? 
_reflns.pdbx_chi_squared             ? 
_reflns.pdbx_scaling_rejects         ? 
_reflns.pdbx_netI_over_sigmaI        ? 
_reflns.pdbx_ordinal                 1 
_reflns.pdbx_diffrn_id               1 
# 
_reflns_shell.d_res_high             2.60 
_reflns_shell.d_res_low              2.69 
_reflns_shell.percent_possible_all   93.9 
_reflns_shell.Rmerge_I_obs           0.356 
_reflns_shell.pdbx_Rsym_value        ? 
_reflns_shell.meanI_over_sigI_obs    3.2 
_reflns_shell.pdbx_redundancy        3.3 
_reflns_shell.percent_possible_obs   ? 
_reflns_shell.number_unique_all      493 
_reflns_shell.number_measured_all    ? 
_reflns_shell.number_measured_obs    ? 
_reflns_shell.number_unique_obs      ? 
_reflns_shell.pdbx_chi_squared       ? 
_reflns_shell.pdbx_ordinal           1 
_reflns_shell.pdbx_diffrn_id         1 
# 
_refine.entry_id                                 3EK9 
_refine.ls_number_reflns_obs                     4795 
_refine.ls_number_reflns_all                     ? 
_refine.pdbx_ls_sigma_I                          ? 
_refine.pdbx_ls_sigma_F                          ? 
_refine.pdbx_data_cutoff_high_absF               ? 
_refine.pdbx_data_cutoff_low_absF                ? 
_refine.pdbx_data_cutoff_high_rms_absF           ? 
_refine.ls_d_res_low                             30.69 
_refine.ls_d_res_high                            2.60 
_refine.ls_percent_reflns_obs                    93.76 
_refine.ls_R_factor_obs                          0.17277 
_refine.ls_R_factor_all                          ? 
_refine.ls_R_factor_R_work                       0.16808 
_refine.ls_R_factor_R_free                       0.27269 
_refine.ls_R_factor_R_free_error                 ? 
_refine.ls_R_factor_R_free_error_details         ? 
_refine.ls_percent_reflns_R_free                 4.4 
_refine.ls_number_reflns_R_free                  223 
_refine.ls_number_parameters                     ? 
_refine.ls_number_restraints                     ? 
_refine.occupancy_min                            ? 
_refine.occupancy_max                            ? 
_refine.correlation_coeff_Fo_to_Fc               0.945 
_refine.correlation_coeff_Fo_to_Fc_free          0.833 
_refine.B_iso_mean                               17.309 
_refine.aniso_B[1][1]                            -0.10 
_refine.aniso_B[2][2]                            -1.19 
_refine.aniso_B[3][3]                            1.29 
_refine.aniso_B[1][2]                            0.00 
_refine.aniso_B[1][3]                            0.00 
_refine.aniso_B[2][3]                            0.00 
_refine.solvent_model_details                    MASK 
_refine.solvent_model_param_ksol                 ? 
_refine.solvent_model_param_bsol                 ? 
_refine.pdbx_solvent_vdw_probe_radii             1.40 
_refine.pdbx_solvent_ion_probe_radii             0.80 
_refine.pdbx_solvent_shrinkage_radii             0.80 
_refine.pdbx_ls_cross_valid_method               THROUGHOUT 
_refine.details                                  ? 
_refine.pdbx_starting_model                      'PDB entry 2FNJ' 
_refine.pdbx_method_to_determine_struct          'MOLECULAR REPLACEMENT' 
_refine.pdbx_isotropic_thermal_model             ? 
_refine.pdbx_stereochemistry_target_values       'MAXIMUM LIKELIHOOD' 
_refine.pdbx_stereochem_target_val_spec_case     ? 
_refine.pdbx_R_Free_selection_details            RANDOM 
_refine.pdbx_overall_ESU_R                       ? 
_refine.pdbx_overall_ESU_R_Free                  0.419 
_refine.overall_SU_ML                            0.262 
_refine.overall_SU_B                             12.125 
_refine.ls_redundancy_reflns_obs                 ? 
_refine.B_iso_min                                ? 
_refine.B_iso_max                                ? 
_refine.overall_SU_R_Cruickshank_DPI             ? 
_refine.overall_SU_R_free                        ? 
_refine.ls_wR_factor_R_free                      ? 
_refine.ls_wR_factor_R_work                      ? 
_refine.overall_FOM_free_R_set                   ? 
_refine.overall_FOM_work_R_set                   ? 
_refine.pdbx_overall_phase_error                 ? 
_refine.pdbx_refine_id                           'X-RAY DIFFRACTION' 
_refine.pdbx_diffrn_id                           1 
_refine.pdbx_TLS_residual_ADP_flag               ? 
_refine.pdbx_overall_SU_R_free_Cruickshank_DPI   ? 
_refine.pdbx_overall_SU_R_Blow_DPI               ? 
_refine.pdbx_overall_SU_R_free_Blow_DPI          ? 
# 
_refine_hist.pdbx_refine_id                   'X-RAY DIFFRACTION' 
_refine_hist.cycle_id                         LAST 
_refine_hist.pdbx_number_atoms_protein        1476 
_refine_hist.pdbx_number_atoms_nucleic_acid   0 
_refine_hist.pdbx_number_atoms_ligand         6 
_refine_hist.number_atoms_solvent             59 
_refine_hist.number_atoms_total               1541 
_refine_hist.d_res_high                       2.60 
_refine_hist.d_res_low                        30.69 
# 
loop_
_refine_ls_restr.type 
_refine_ls_restr.dev_ideal 
_refine_ls_restr.dev_ideal_target 
_refine_ls_restr.weight 
_refine_ls_restr.number 
_refine_ls_restr.pdbx_refine_id 
_refine_ls_restr.pdbx_restraint_function 
r_bond_refined_d       0.011  0.021  ? 1536 'X-RAY DIFFRACTION' ? 
r_angle_refined_deg    1.431  1.961  ? 2086 'X-RAY DIFFRACTION' ? 
r_dihedral_angle_1_deg 6.412  5.000  ? 192  'X-RAY DIFFRACTION' ? 
r_dihedral_angle_2_deg 35.096 22.985 ? 67   'X-RAY DIFFRACTION' ? 
r_dihedral_angle_3_deg 16.038 15.000 ? 231  'X-RAY DIFFRACTION' ? 
r_dihedral_angle_4_deg 15.681 15.000 ? 12   'X-RAY DIFFRACTION' ? 
r_chiral_restr         0.091  0.200  ? 216  'X-RAY DIFFRACTION' ? 
r_gen_planes_refined   0.006  0.021  ? 1197 'X-RAY DIFFRACTION' ? 
r_mcbond_it            1.219  3.000  ? 963  'X-RAY DIFFRACTION' ? 
r_mcangle_it           2.240  5.000  ? 1530 'X-RAY DIFFRACTION' ? 
r_scbond_it            3.518  7.000  ? 573  'X-RAY DIFFRACTION' ? 
r_scangle_it           5.516  10.000 ? 556  'X-RAY DIFFRACTION' ? 
# 
_refine_ls_shell.pdbx_total_number_of_bins_used   20 
_refine_ls_shell.d_res_high                       2.60 
_refine_ls_shell.d_res_low                        2.670 
_refine_ls_shell.number_reflns_R_work             339 
_refine_ls_shell.R_factor_R_work                  0.235 
_refine_ls_shell.percent_reflns_obs               90.41 
_refine_ls_shell.R_factor_R_free                  0.184 
_refine_ls_shell.R_factor_R_free_error            ? 
_refine_ls_shell.percent_reflns_R_free            ? 
_refine_ls_shell.number_reflns_R_free             10 
_refine_ls_shell.number_reflns_all                ? 
_refine_ls_shell.R_factor_all                     ? 
_refine_ls_shell.number_reflns_obs                ? 
_refine_ls_shell.redundancy_reflns_obs            ? 
_refine_ls_shell.pdbx_refine_id                   'X-RAY DIFFRACTION' 
# 
_struct.entry_id                  3EK9 
_struct.title                     
'SPRY Domain-containing SOCS Box Protein 2: Crystal Structure and Residues Critical for Protein Binding' 
_struct.pdbx_model_details        ? 
_struct.pdbx_CASP_flag            ? 
_struct.pdbx_model_type_details   ? 
# 
_struct_keywords.entry_id        3EK9 
_struct_keywords.pdbx_keywords   'PROTEIN BINDING' 
_struct_keywords.text            'SPRY domain, Ubl conjugation pathway, SIGNALING PROTEIN, PROTEIN BINDING' 
# 
loop_
_struct_asym.id 
_struct_asym.pdbx_blank_PDB_chainid_flag 
_struct_asym.pdbx_modified 
_struct_asym.entity_id 
_struct_asym.details 
A N N 1 ? 
B N N 2 ? 
C N N 3 ? 
# 
_struct_biol.id        1 
_struct_biol.details   ? 
# 
loop_
_struct_conf.conf_type_id 
_struct_conf.id 
_struct_conf.pdbx_PDB_helix_id 
_struct_conf.beg_label_comp_id 
_struct_conf.beg_label_asym_id 
_struct_conf.beg_label_seq_id 
_struct_conf.pdbx_beg_PDB_ins_code 
_struct_conf.end_label_comp_id 
_struct_conf.end_label_asym_id 
_struct_conf.end_label_seq_id 
_struct_conf.pdbx_end_PDB_ins_code 
_struct_conf.beg_auth_comp_id 
_struct_conf.beg_auth_asym_id 
_struct_conf.beg_auth_seq_id 
_struct_conf.end_auth_comp_id 
_struct_conf.end_auth_asym_id 
_struct_conf.end_auth_seq_id 
_struct_conf.pdbx_PDB_helix_class 
_struct_conf.details 
_struct_conf.pdbx_PDB_helix_length 
HELX_P HELX_P1 1 GLY A 17 ? ALA A 24 ? GLY A 28 ALA A 35  1 ? 8 
HELX_P HELX_P2 2 ASP A 28 ? HIS A 35 ? ASP A 39 HIS A 46  1 ? 8 
HELX_P HELX_P3 3 GLU A 50 ? GLY A 52 ? GLU A 61 GLY A 63  5 ? 3 
HELX_P HELX_P4 4 PRO A 85 ? ARG A 89 ? PRO A 96 ARG A 100 5 ? 5 
# 
_struct_conf_type.id          HELX_P 
_struct_conf_type.criteria    ? 
_struct_conf_type.reference   ? 
# 
_struct_mon_prot_cis.pdbx_id                1 
_struct_mon_prot_cis.label_comp_id          TYR 
_struct_mon_prot_cis.label_seq_id           141 
_struct_mon_prot_cis.label_asym_id          A 
_struct_mon_prot_cis.label_alt_id           . 
_struct_mon_prot_cis.pdbx_PDB_ins_code      ? 
_struct_mon_prot_cis.auth_comp_id           TYR 
_struct_mon_prot_cis.auth_seq_id            152 
_struct_mon_prot_cis.auth_asym_id           A 
_struct_mon_prot_cis.pdbx_label_comp_id_2   PRO 
_struct_mon_prot_cis.pdbx_label_seq_id_2    142 
_struct_mon_prot_cis.pdbx_label_asym_id_2   A 
_struct_mon_prot_cis.pdbx_PDB_ins_code_2    ? 
_struct_mon_prot_cis.pdbx_auth_comp_id_2    PRO 
_struct_mon_prot_cis.pdbx_auth_seq_id_2     153 
_struct_mon_prot_cis.pdbx_auth_asym_id_2    A 
_struct_mon_prot_cis.pdbx_PDB_model_num     1 
_struct_mon_prot_cis.pdbx_omega_angle       4.34 
# 
loop_
_struct_sheet.id 
_struct_sheet.type 
_struct_sheet.number_strands 
_struct_sheet.details 
A ? 3 ? 
B ? 6 ? 
C ? 7 ? 
# 
loop_
_struct_sheet_order.sheet_id 
_struct_sheet_order.range_id_1 
_struct_sheet_order.range_id_2 
_struct_sheet_order.offset 
_struct_sheet_order.sense 
A 1 2 ? anti-parallel 
A 2 3 ? anti-parallel 
B 1 2 ? anti-parallel 
B 2 3 ? anti-parallel 
B 3 4 ? anti-parallel 
B 4 5 ? anti-parallel 
B 5 6 ? anti-parallel 
C 1 2 ? anti-parallel 
C 2 3 ? anti-parallel 
C 3 4 ? anti-parallel 
C 4 5 ? anti-parallel 
C 5 6 ? anti-parallel 
C 6 7 ? anti-parallel 
# 
loop_
_struct_sheet_range.sheet_id 
_struct_sheet_range.id 
_struct_sheet_range.beg_label_comp_id 
_struct_sheet_range.beg_label_asym_id 
_struct_sheet_range.beg_label_seq_id 
_struct_sheet_range.pdbx_beg_PDB_ins_code 
_struct_sheet_range.end_label_comp_id 
_struct_sheet_range.end_label_asym_id 
_struct_sheet_range.end_label_seq_id 
_struct_sheet_range.pdbx_end_PDB_ins_code 
_struct_sheet_range.beg_auth_comp_id 
_struct_sheet_range.beg_auth_asym_id 
_struct_sheet_range.beg_auth_seq_id 
_struct_sheet_range.end_auth_comp_id 
_struct_sheet_range.end_auth_asym_id 
_struct_sheet_range.end_auth_seq_id 
A 1 TRP A 37  ? CYS A 42  ? TRP A 48  CYS A 53  
A 2 THR A 64  ? GLY A 69  ? THR A 75  GLY A 80  
A 3 GLN A 105 ? ALA A 106 ? GLN A 116 ALA A 117 
B 1 TRP A 37  ? CYS A 42  ? TRP A 48  CYS A 53  
B 2 THR A 64  ? GLY A 69  ? THR A 75  GLY A 80  
B 3 TYR A 189 ? ALA A 194 ? TYR A 200 ALA A 205 
B 4 VAL A 94  ? ALA A 98  ? VAL A 105 ALA A 109 
B 5 SER A 119 ? ASP A 123 ? SER A 130 ASP A 134 
B 6 LEU A 129 ? TYR A 130 ? LEU A 140 TYR A 141 
C 1 ILE A 46  ? LYS A 49  ? ILE A 57  LYS A 60  
C 2 CYS A 54  ? ARG A 57  ? CYS A 65  ARG A 68  
C 3 VAL A 201 ? GLY A 207 ? VAL A 212 GLY A 218 
C 4 LEU A 77  ? SER A 83  ? LEU A 88  SER A 94  
C 5 ARG A 155 ? ASP A 161 ? ARG A 166 ASP A 172 
C 6 THR A 166 ? ILE A 171 ? THR A 177 ILE A 182 
C 7 THR A 174 ? PHE A 180 ? THR A 185 PHE A 191 
# 
loop_
_pdbx_struct_sheet_hbond.sheet_id 
_pdbx_struct_sheet_hbond.range_id_1 
_pdbx_struct_sheet_hbond.range_id_2 
_pdbx_struct_sheet_hbond.range_1_label_atom_id 
_pdbx_struct_sheet_hbond.range_1_label_comp_id 
_pdbx_struct_sheet_hbond.range_1_label_asym_id 
_pdbx_struct_sheet_hbond.range_1_label_seq_id 
_pdbx_struct_sheet_hbond.range_1_PDB_ins_code 
_pdbx_struct_sheet_hbond.range_1_auth_atom_id 
_pdbx_struct_sheet_hbond.range_1_auth_comp_id 
_pdbx_struct_sheet_hbond.range_1_auth_asym_id 
_pdbx_struct_sheet_hbond.range_1_auth_seq_id 
_pdbx_struct_sheet_hbond.range_2_label_atom_id 
_pdbx_struct_sheet_hbond.range_2_label_comp_id 
_pdbx_struct_sheet_hbond.range_2_label_asym_id 
_pdbx_struct_sheet_hbond.range_2_label_seq_id 
_pdbx_struct_sheet_hbond.range_2_PDB_ins_code 
_pdbx_struct_sheet_hbond.range_2_auth_atom_id 
_pdbx_struct_sheet_hbond.range_2_auth_comp_id 
_pdbx_struct_sheet_hbond.range_2_auth_asym_id 
_pdbx_struct_sheet_hbond.range_2_auth_seq_id 
A 1 2 N ASP A 41  ? N ASP A 52  O ARG A 68  ? O ARG A 79  
A 2 3 N THR A 64  ? N THR A 75  O ALA A 106 ? O ALA A 117 
B 1 2 N ASP A 41  ? N ASP A 52  O ARG A 68  ? O ARG A 79  
B 2 3 N ASP A 65  ? N ASP A 76  O ALA A 194 ? O ALA A 205 
B 3 4 O SER A 191 ? O SER A 202 N GLY A 96  ? N GLY A 107 
B 4 5 N VAL A 95  ? N VAL A 106 O TRP A 122 ? O TRP A 133 
B 5 6 N GLY A 121 ? N GLY A 132 O TYR A 130 ? O TYR A 141 
C 1 2 N LYS A 49  ? N LYS A 60  O CYS A 54  ? O CYS A 65  
C 2 3 N PHE A 55  ? N PHE A 66  O VAL A 201 ? O VAL A 212 
C 3 4 O ARG A 204 ? O ARG A 215 N GLU A 81  ? N GLU A 92  
C 4 5 N HIS A 78  ? N HIS A 89  O LEU A 160 ? O LEU A 171 
C 5 6 N LEU A 157 ? N LEU A 168 O SER A 170 ? O SER A 181 
C 6 7 N LEU A 167 ? N LEU A 178 O ALA A 179 ? O ALA A 190 
# 
_struct_site.id                   AC1 
_struct_site.pdbx_evidence_code   Software 
_struct_site.pdbx_auth_asym_id    A 
_struct_site.pdbx_auth_comp_id    GOL 
_struct_site.pdbx_auth_seq_id     988 
_struct_site.pdbx_auth_ins_code   ? 
_struct_site.pdbx_num_residues    7 
_struct_site.details              'BINDING SITE FOR RESIDUE GOL A 988' 
# 
loop_
_struct_site_gen.id 
_struct_site_gen.site_id 
_struct_site_gen.pdbx_num_res 
_struct_site_gen.label_comp_id 
_struct_site_gen.label_asym_id 
_struct_site_gen.label_seq_id 
_struct_site_gen.pdbx_auth_ins_code 
_struct_site_gen.auth_comp_id 
_struct_site_gen.auth_asym_id 
_struct_site_gen.auth_seq_id 
_struct_site_gen.label_atom_id 
_struct_site_gen.label_alt_id 
_struct_site_gen.symmetry 
_struct_site_gen.details 
1 AC1 7 LEU A 86  ? LEU A 97   . ? 1_555 ? 
2 AC1 7 GLY A 90  ? GLY A 101  . ? 4_445 ? 
3 AC1 7 THR A 91  ? THR A 102  . ? 4_445 ? 
4 AC1 7 VAL A 151 ? VAL A 162  . ? 1_555 ? 
5 AC1 7 VAL A 195 ? VAL A 206  . ? 4_445 ? 
6 AC1 7 TRP A 196 ? TRP A 207  . ? 4_445 ? 
7 AC1 7 HOH C .   ? HOH A 1024 . ? 4_445 ? 
# 
_atom_sites.entry_id                    3EK9 
_atom_sites.fract_transf_matrix[1][1]   -0.00305627 
_atom_sites.fract_transf_matrix[1][2]   -0.01413538 
_atom_sites.fract_transf_matrix[1][3]   -0.02535905 
_atom_sites.fract_transf_matrix[2][1]   0.01093931 
_atom_sites.fract_transf_matrix[2][2]   0.00791492 
_atom_sites.fract_transf_matrix[2][3]   -0.00573026 
_atom_sites.fract_transf_matrix[3][1]   0.00953295 
_atom_sites.fract_transf_matrix[3][2]   -0.00997995 
_atom_sites.fract_transf_matrix[3][3]   0.00441401 
_atom_sites.fract_transf_vector[1]      0.233490 
_atom_sites.fract_transf_vector[2]      -0.165085 
_atom_sites.fract_transf_vector[3]      -0.230664 
# 
loop_
_atom_type.symbol 
C 
N 
O 
S 
# 
loop_
_atom_site.group_PDB 
_atom_site.id 
_atom_site.type_symbol 
_atom_site.label_atom_id 
_atom_site.label_alt_id 
_atom_site.label_comp_id 
_atom_site.label_asym_id 
_atom_site.label_entity_id 
_atom_site.label_seq_id 
_atom_site.pdbx_PDB_ins_code 
_atom_site.Cartn_x 
_atom_site.Cartn_y 
_atom_site.Cartn_z 
_atom_site.occupancy 
_atom_site.B_iso_or_equiv 
_atom_site.pdbx_formal_charge 
_atom_site.auth_seq_id 
_atom_site.auth_comp_id 
_atom_site.auth_asym_id 
_atom_site.auth_atom_id 
_atom_site.pdbx_PDB_model_num 
ATOM   1    N N   . SER A 1 10  ? 9.918   13.753  9.164   1.00 37.80  ? 21   SER A N   1 
ATOM   2    C CA  . SER A 1 10  ? 10.177  13.116  10.491  1.00 36.24  ? 21   SER A CA  1 
ATOM   3    C C   . SER A 1 10  ? 11.675  12.938  10.757  1.00 35.23  ? 21   SER A C   1 
ATOM   4    O O   . SER A 1 10  ? 12.278  13.732  11.477  1.00 36.36  ? 21   SER A O   1 
ATOM   5    C CB  . SER A 1 10  ? 9.424   11.808  10.605  1.00 36.29  ? 21   SER A CB  1 
ATOM   6    N N   . ASP A 1 11  ? 12.298  11.911  10.193  1.00 33.81  ? 22   ASP A N   1 
ATOM   7    C CA  . ASP A 1 11  ? 13.735  12.038  9.987   1.00 31.08  ? 22   ASP A CA  1 
ATOM   8    C C   . ASP A 1 11  ? 14.012  12.355  8.505   1.00 28.05  ? 22   ASP A C   1 
ATOM   9    O O   . ASP A 1 11  ? 15.078  12.845  8.165   1.00 28.61  ? 22   ASP A O   1 
ATOM   10   C CB  . ASP A 1 11  ? 14.568  10.910  10.645  1.00 31.87  ? 22   ASP A CB  1 
ATOM   11   C CG  . ASP A 1 11  ? 14.871  9.734   9.723   1.00 36.47  ? 22   ASP A CG  1 
ATOM   12   O OD1 . ASP A 1 11  ? 13.938  9.191   9.086   1.00 36.04  ? 22   ASP A OD1 1 
ATOM   13   O OD2 . ASP A 1 11  ? 16.061  9.333   9.680   1.00 38.54  ? 22   ASP A OD2 1 
ATOM   14   N N   . PHE A 1 12  ? 13.009  12.143  7.651   1.00 24.33  ? 23   PHE A N   1 
ATOM   15   C CA  . PHE A 1 12  ? 13.012  12.692  6.295   1.00 24.15  ? 23   PHE A CA  1 
ATOM   16   C C   . PHE A 1 12  ? 11.984  13.811  6.182   1.00 22.77  ? 23   PHE A C   1 
ATOM   17   O O   . PHE A 1 12  ? 10.990  13.775  6.888   1.00 23.23  ? 23   PHE A O   1 
ATOM   18   C CB  . PHE A 1 12  ? 12.728  11.590  5.258   1.00 24.16  ? 23   PHE A CB  1 
ATOM   19   C CG  . PHE A 1 12  ? 13.957  10.889  4.787   1.00 25.87  ? 23   PHE A CG  1 
ATOM   20   C CD1 . PHE A 1 12  ? 14.658  10.048  5.640   1.00 25.80  ? 23   PHE A CD1 1 
ATOM   21   C CD2 . PHE A 1 12  ? 14.440  11.088  3.505   1.00 26.72  ? 23   PHE A CD2 1 
ATOM   22   C CE1 . PHE A 1 12  ? 15.806  9.414   5.220   1.00 25.57  ? 23   PHE A CE1 1 
ATOM   23   C CE2 . PHE A 1 12  ? 15.606  10.448  3.082   1.00 23.66  ? 23   PHE A CE2 1 
ATOM   24   C CZ  . PHE A 1 12  ? 16.283  9.618   3.934   1.00 20.69  ? 23   PHE A CZ  1 
ATOM   25   N N   . SER A 1 13  ? 12.211  14.797  5.310   1.00 22.80  ? 24   SER A N   1 
ATOM   26   C CA  . SER A 1 13  ? 11.210  15.857  5.072   1.00 23.14  ? 24   SER A CA  1 
ATOM   27   C C   . SER A 1 13  ? 10.058  15.363  4.194   1.00 23.12  ? 24   SER A C   1 
ATOM   28   O O   . SER A 1 13  ? 10.270  15.014  3.020   1.00 24.04  ? 24   SER A O   1 
ATOM   29   C CB  . SER A 1 13  ? 11.848  17.064  4.391   1.00 24.03  ? 24   SER A CB  1 
ATOM   30   O OG  . SER A 1 13  ? 13.107  17.396  4.951   1.00 28.30  ? 24   SER A OG  1 
ATOM   31   N N   . PRO A 1 14  ? 8.830   15.346  4.749   1.00 22.25  ? 25   PRO A N   1 
ATOM   32   C CA  . PRO A 1 14  ? 7.641   14.838  4.068   1.00 20.92  ? 25   PRO A CA  1 
ATOM   33   C C   . PRO A 1 14  ? 7.153   15.825  3.037   1.00 19.90  ? 25   PRO A C   1 
ATOM   34   O O   . PRO A 1 14  ? 7.432   17.010  3.153   1.00 19.83  ? 25   PRO A O   1 
ATOM   35   C CB  . PRO A 1 14  ? 6.623   14.747  5.191   1.00 20.98  ? 25   PRO A CB  1 
ATOM   36   C CG  . PRO A 1 14  ? 6.995   15.885  6.081   1.00 22.95  ? 25   PRO A CG  1 
ATOM   37   C CD  . PRO A 1 14  ? 8.497   15.941  6.053   1.00 22.83  ? 25   PRO A CD  1 
ATOM   38   N N   . PRO A 1 15  ? 6.426   15.347  2.016   1.00 20.24  ? 26   PRO A N   1 
ATOM   39   C CA  . PRO A 1 15  ? 6.032   16.284  0.957   1.00 19.24  ? 26   PRO A CA  1 
ATOM   40   C C   . PRO A 1 15  ? 5.273   17.474  1.516   1.00 18.36  ? 26   PRO A C   1 
ATOM   41   O O   . PRO A 1 15  ? 4.607   17.352  2.538   1.00 18.42  ? 26   PRO A O   1 
ATOM   42   C CB  . PRO A 1 15  ? 5.128   15.454  0.048   1.00 19.65  ? 26   PRO A CB  1 
ATOM   43   C CG  . PRO A 1 15  ? 5.214   14.042  0.507   1.00 16.62  ? 26   PRO A CG  1 
ATOM   44   C CD  . PRO A 1 15  ? 6.077   13.949  1.713   1.00 19.02  ? 26   PRO A CD  1 
ATOM   45   N N   . GLU A 1 16  ? 5.375   18.616  0.857   1.00 18.77  ? 27   GLU A N   1 
ATOM   46   C CA  . GLU A 1 16  ? 4.720   19.832  1.332   1.00 20.35  ? 27   GLU A CA  1 
ATOM   47   C C   . GLU A 1 16  ? 3.205   19.691  1.485   1.00 20.90  ? 27   GLU A C   1 
ATOM   48   O O   . GLU A 1 16  ? 2.512   19.242  0.564   1.00 20.19  ? 27   GLU A O   1 
ATOM   49   C CB  . GLU A 1 16  ? 5.028   20.999  0.400   1.00 20.75  ? 27   GLU A CB  1 
ATOM   50   C CG  . GLU A 1 16  ? 6.354   21.651  0.683   1.00 25.32  ? 27   GLU A CG  1 
ATOM   51   C CD  . GLU A 1 16  ? 6.635   21.797  2.180   1.00 32.70  ? 27   GLU A CD  1 
ATOM   52   O OE1 . GLU A 1 16  ? 5.727   22.195  2.948   1.00 36.34  ? 27   GLU A OE1 1 
ATOM   53   O OE2 . GLU A 1 16  ? 7.787   21.523  2.589   1.00 33.81  ? 27   GLU A OE2 1 
ATOM   54   N N   . GLY A 1 17  ? 2.698   20.089  2.645   1.00 20.29  ? 28   GLY A N   1 
ATOM   55   C CA  . GLY A 1 17  ? 1.272   20.046  2.894   1.00 20.34  ? 28   GLY A CA  1 
ATOM   56   C C   . GLY A 1 17  ? 0.789   18.717  3.442   1.00 20.91  ? 28   GLY A C   1 
ATOM   57   O O   . GLY A 1 17  ? -0.425  18.532  3.653   1.00 21.80  ? 28   GLY A O   1 
ATOM   58   N N   . LEU A 1 18  ? 1.719   17.788  3.677   1.00 18.63  ? 29   LEU A N   1 
ATOM   59   C CA  . LEU A 1 18  ? 1.351   16.525  4.329   1.00 17.89  ? 29   LEU A CA  1 
ATOM   60   C C   . LEU A 1 18  ? 0.917   16.701  5.792   1.00 19.62  ? 29   LEU A C   1 
ATOM   61   O O   . LEU A 1 18  ? -0.122  16.179  6.197   1.00 21.85  ? 29   LEU A O   1 
ATOM   62   C CB  . LEU A 1 18  ? 2.471   15.494  4.243   1.00 17.48  ? 29   LEU A CB  1 
ATOM   63   C CG  . LEU A 1 18  ? 2.115   14.151  4.877   1.00 14.19  ? 29   LEU A CG  1 
ATOM   64   C CD1 . LEU A 1 18  ? 0.991   13.503  4.079   1.00 17.82  ? 29   LEU A CD1 1 
ATOM   65   C CD2 . LEU A 1 18  ? 3.327   13.238  4.963   1.00 13.15  ? 29   LEU A CD2 1 
ATOM   66   N N   . GLU A 1 19  ? 1.705   17.433  6.578   1.00 19.71  ? 30   GLU A N   1 
ATOM   67   C CA  . GLU A 1 19  ? 1.378   17.703  7.981   1.00 18.95  ? 30   GLU A CA  1 
ATOM   68   C C   . GLU A 1 19  ? 0.012   18.380  8.084   1.00 19.06  ? 30   GLU A C   1 
ATOM   69   O O   . GLU A 1 19  ? -0.752  18.146  9.013   1.00 19.09  ? 30   GLU A O   1 
ATOM   70   C CB  . GLU A 1 19  ? 2.452   18.584  8.626   1.00 18.86  ? 30   GLU A CB  1 
ATOM   71   C CG  . GLU A 1 19  ? 3.934   18.113  8.447   1.00 23.82  ? 30   GLU A CG  1 
ATOM   72   C CD  . GLU A 1 19  ? 4.584   18.519  7.083   1.00 34.84  ? 30   GLU A CD  1 
ATOM   73   O OE1 . GLU A 1 19  ? 3.898   18.605  6.030   1.00 31.67  ? 30   GLU A OE1 1 
ATOM   74   O OE2 . GLU A 1 19  ? 5.819   18.745  7.061   1.00 39.23  ? 30   GLU A OE2 1 
ATOM   75   N N   . GLU A 1 20  ? -0.296  19.234  7.121   1.00 19.97  ? 31   GLU A N   1 
ATOM   76   C CA  . GLU A 1 20  ? -1.555  19.950  7.172   1.00 20.19  ? 31   GLU A CA  1 
ATOM   77   C C   . GLU A 1 20  ? -2.683  18.973  6.922   1.00 18.92  ? 31   GLU A C   1 
ATOM   78   O O   . GLU A 1 20  ? -3.583  18.882  7.733   1.00 21.18  ? 31   GLU A O   1 
ATOM   79   C CB  . GLU A 1 20  ? -1.591  21.142  6.200   1.00 20.82  ? 31   GLU A CB  1 
ATOM   80   C CG  . GLU A 1 20  ? -0.208  21.809  5.909   1.00 28.48  ? 31   GLU A CG  1 
ATOM   81   C CD  . GLU A 1 20  ? 0.459   22.536  7.111   1.00 38.10  ? 31   GLU A CD  1 
ATOM   82   O OE1 . GLU A 1 20  ? -0.208  22.847  8.137   1.00 33.91  ? 31   GLU A OE1 1 
ATOM   83   O OE2 . GLU A 1 20  ? 1.681   22.821  7.004   1.00 40.79  ? 31   GLU A OE2 1 
ATOM   84   N N   . LEU A 1 21  ? -2.643  18.212  5.831   1.00 17.69  ? 32   LEU A N   1 
ATOM   85   C CA  . LEU A 1 21  ? -3.748  17.258  5.559   1.00 16.60  ? 32   LEU A CA  1 
ATOM   86   C C   . LEU A 1 21  ? -3.963  16.190  6.642   1.00 16.72  ? 32   LEU A C   1 
ATOM   87   O O   . LEU A 1 21  ? -5.084  15.711  6.827   1.00 17.17  ? 32   LEU A O   1 
ATOM   88   C CB  . LEU A 1 21  ? -3.662  16.623  4.149   1.00 16.74  ? 32   LEU A CB  1 
ATOM   89   C CG  . LEU A 1 21  ? -2.783  15.406  3.833   1.00 17.94  ? 32   LEU A CG  1 
ATOM   90   C CD1 . LEU A 1 21  ? -3.333  14.179  4.507   1.00 20.23  ? 32   LEU A CD1 1 
ATOM   91   C CD2 . LEU A 1 21  ? -2.689  15.157  2.342   1.00 14.63  ? 32   LEU A CD2 1 
ATOM   92   N N   . LEU A 1 22  ? -2.900  15.824  7.357   1.00 16.60  ? 33   LEU A N   1 
ATOM   93   C CA  . LEU A 1 22  ? -2.989  14.805  8.391   1.00 16.83  ? 33   LEU A CA  1 
ATOM   94   C C   . LEU A 1 22  ? -3.495  15.388  9.693   1.00 19.42  ? 33   LEU A C   1 
ATOM   95   O O   . LEU A 1 22  ? -4.004  14.654  10.538  1.00 21.27  ? 33   LEU A O   1 
ATOM   96   C CB  . LEU A 1 22  ? -1.627  14.144  8.632   1.00 16.10  ? 33   LEU A CB  1 
ATOM   97   C CG  . LEU A 1 22  ? -1.072  13.213  7.550   1.00 13.90  ? 33   LEU A CG  1 
ATOM   98   C CD1 . LEU A 1 22  ? 0.274   12.651  7.947   1.00 2.85   ? 33   LEU A CD1 1 
ATOM   99   C CD2 . LEU A 1 22  ? -2.085  12.103  7.209   1.00 10.05  ? 33   LEU A CD2 1 
ATOM   100  N N   . SER A 1 23  ? -3.335  16.701  9.865   1.00 20.13  ? 34   SER A N   1 
ATOM   101  C CA  . SER A 1 23  ? -3.809  17.387  11.075  1.00 21.10  ? 34   SER A CA  1 
ATOM   102  C C   . SER A 1 23  ? -5.283  17.720  10.949  1.00 21.80  ? 34   SER A C   1 
ATOM   103  O O   . SER A 1 23  ? -6.042  17.584  11.901  1.00 23.26  ? 34   SER A O   1 
ATOM   104  C CB  . SER A 1 23  ? -3.035  18.685  11.328  1.00 21.53  ? 34   SER A CB  1 
ATOM   105  O OG  . SER A 1 23  ? -1.627  18.482  11.315  1.00 22.66  ? 34   SER A OG  1 
ATOM   106  N N   . ALA A 1 24  ? -5.673  18.183  9.771   1.00 22.35  ? 35   ALA A N   1 
ATOM   107  C CA  . ALA A 1 24  ? -7.052  18.531  9.497   1.00 23.83  ? 35   ALA A CA  1 
ATOM   108  C C   . ALA A 1 24  ? -8.003  17.425  9.942   1.00 24.92  ? 35   ALA A C   1 
ATOM   109  O O   . ALA A 1 24  ? -7.597  16.270  10.056  1.00 25.85  ? 35   ALA A O   1 
ATOM   110  C CB  . ALA A 1 24  ? -7.225  18.806  8.014   1.00 23.81  ? 35   ALA A CB  1 
ATOM   111  N N   . PRO A 1 25  ? -9.273  17.783  10.208  1.00 26.05  ? 36   PRO A N   1 
ATOM   112  C CA  . PRO A 1 25  ? -10.272 16.766  10.476  1.00 25.88  ? 36   PRO A CA  1 
ATOM   113  C C   . PRO A 1 25  ? -10.203 15.747  9.371   1.00 26.05  ? 36   PRO A C   1 
ATOM   114  O O   . PRO A 1 25  ? -10.223 16.129  8.202   1.00 25.65  ? 36   PRO A O   1 
ATOM   115  C CB  . PRO A 1 25  ? -11.584 17.535  10.338  1.00 26.20  ? 36   PRO A CB  1 
ATOM   116  C CG  . PRO A 1 25  ? -11.241 18.920  10.739  1.00 27.38  ? 36   PRO A CG  1 
ATOM   117  C CD  . PRO A 1 25  ? -9.852  19.142  10.212  1.00 26.80  ? 36   PRO A CD  1 
ATOM   118  N N   . PRO A 1 26  ? -10.147 14.452  9.728   1.00 27.02  ? 37   PRO A N   1 
ATOM   119  C CA  . PRO A 1 26  ? -10.037 13.361  8.747   1.00 26.49  ? 37   PRO A CA  1 
ATOM   120  C C   . PRO A 1 26  ? -11.301 13.221  7.914   1.00 25.73  ? 37   PRO A C   1 
ATOM   121  O O   . PRO A 1 26  ? -12.389 13.591  8.378   1.00 25.03  ? 37   PRO A O   1 
ATOM   122  C CB  . PRO A 1 26  ? -9.862  12.125  9.616   1.00 25.54  ? 37   PRO A CB  1 
ATOM   123  C CG  . PRO A 1 26  ? -10.598 12.467  10.881  1.00 26.91  ? 37   PRO A CG  1 
ATOM   124  C CD  . PRO A 1 26  ? -10.427 13.952  11.086  1.00 26.95  ? 37   PRO A CD  1 
ATOM   125  N N   . PRO A 1 27  ? -11.160 12.692  6.680   1.00 25.34  ? 38   PRO A N   1 
ATOM   126  C CA  . PRO A 1 27  ? -12.303 12.487  5.782   1.00 23.39  ? 38   PRO A CA  1 
ATOM   127  C C   . PRO A 1 27  ? -13.365 11.637  6.474   1.00 21.48  ? 38   PRO A C   1 
ATOM   128  O O   . PRO A 1 27  ? -13.022 10.781  7.287   1.00 18.78  ? 38   PRO A O   1 
ATOM   129  C CB  . PRO A 1 27  ? -11.684 11.736  4.591   1.00 23.03  ? 38   PRO A CB  1 
ATOM   130  C CG  . PRO A 1 27  ? -10.232 12.133  4.601   1.00 22.33  ? 38   PRO A CG  1 
ATOM   131  C CD  . PRO A 1 27  ? -9.893  12.233  6.073   1.00 25.53  ? 38   PRO A CD  1 
ATOM   132  N N   . ASP A 1 28  ? -14.638 11.869  6.168   1.00 21.59  ? 39   ASP A N   1 
ATOM   133  C CA  . ASP A 1 28  ? -15.698 11.152  6.882   1.00 23.97  ? 39   ASP A CA  1 
ATOM   134  C C   . ASP A 1 28  ? -15.854 9.707   6.395   1.00 23.52  ? 39   ASP A C   1 
ATOM   135  O O   . ASP A 1 28  ? -15.227 9.301   5.414   1.00 24.54  ? 39   ASP A O   1 
ATOM   136  C CB  . ASP A 1 28  ? -17.042 11.905  6.828   1.00 24.18  ? 39   ASP A CB  1 
ATOM   137  C CG  . ASP A 1 28  ? -17.629 11.984  5.415   1.00 29.67  ? 39   ASP A CG  1 
ATOM   138  O OD1 . ASP A 1 28  ? -18.467 12.890  5.178   1.00 34.56  ? 39   ASP A OD1 1 
ATOM   139  O OD2 . ASP A 1 28  ? -17.260 11.157  4.545   1.00 25.60  ? 39   ASP A OD2 1 
ATOM   140  N N   . LEU A 1 29  ? -16.692 8.939   7.082   1.00 22.23  ? 40   LEU A N   1 
ATOM   141  C CA  . LEU A 1 29  ? -16.856 7.533   6.762   1.00 21.46  ? 40   LEU A CA  1 
ATOM   142  C C   . LEU A 1 29  ? -17.146 7.284   5.289   1.00 21.06  ? 40   LEU A C   1 
ATOM   143  O O   . LEU A 1 29  ? -16.610 6.334   4.728   1.00 21.64  ? 40   LEU A O   1 
ATOM   144  C CB  . LEU A 1 29  ? -17.951 6.905   7.618   1.00 23.33  ? 40   LEU A CB  1 
ATOM   145  C CG  . LEU A 1 29  ? -17.765 5.415   7.899   1.00 26.64  ? 40   LEU A CG  1 
ATOM   146  C CD1 . LEU A 1 29  ? -16.638 5.266   8.914   1.00 26.30  ? 40   LEU A CD1 1 
ATOM   147  C CD2 . LEU A 1 29  ? -19.073 4.753   8.387   1.00 29.93  ? 40   LEU A CD2 1 
ATOM   148  N N   . VAL A 1 30  ? -17.967 8.134   4.659   1.00 20.93  ? 41   VAL A N   1 
ATOM   149  C CA  . VAL A 1 30  ? -18.358 7.929   3.249   1.00 20.90  ? 41   VAL A CA  1 
ATOM   150  C C   . VAL A 1 30  ? -17.162 8.086   2.311   1.00 20.70  ? 41   VAL A C   1 
ATOM   151  O O   . VAL A 1 30  ? -16.952 7.255   1.411   1.00 21.76  ? 41   VAL A O   1 
ATOM   152  C CB  . VAL A 1 30  ? -19.510 8.880   2.788   1.00 22.43  ? 41   VAL A CB  1 
ATOM   153  C CG1 . VAL A 1 30  ? -20.152 8.384   1.482   1.00 21.69  ? 41   VAL A CG1 1 
ATOM   154  C CG2 . VAL A 1 30  ? -20.591 8.985   3.868   1.00 24.35  ? 41   VAL A CG2 1 
ATOM   155  N N   . ALA A 1 31  ? -16.380 9.136   2.543   1.00 18.93  ? 42   ALA A N   1 
ATOM   156  C CA  . ALA A 1 31  ? -15.163 9.398   1.767   1.00 18.72  ? 42   ALA A CA  1 
ATOM   157  C C   . ALA A 1 31  ? -14.142 8.271   1.852   1.00 18.55  ? 42   ALA A C   1 
ATOM   158  O O   . ALA A 1 31  ? -13.519 7.912   0.850   1.00 18.78  ? 42   ALA A O   1 
ATOM   159  C CB  . ALA A 1 31  ? -14.522 10.701  2.209   1.00 19.34  ? 42   ALA A CB  1 
ATOM   160  N N   . GLN A 1 32  ? -13.967 7.716   3.049   1.00 17.90  ? 43   GLN A N   1 
ATOM   161  C CA  . GLN A 1 32  ? -12.988 6.648   3.265   1.00 16.92  ? 43   GLN A CA  1 
ATOM   162  C C   . GLN A 1 32  ? -13.398 5.350   2.593   1.00 15.67  ? 43   GLN A C   1 
ATOM   163  O O   . GLN A 1 32  ? -12.546 4.613   2.093   1.00 14.92  ? 43   GLN A O   1 
ATOM   164  C CB  . GLN A 1 32  ? -12.782 6.391   4.760   1.00 17.41  ? 43   GLN A CB  1 
ATOM   165  C CG  . GLN A 1 32  ? -12.154 7.542   5.503   1.00 16.45  ? 43   GLN A CG  1 
ATOM   166  C CD  . GLN A 1 32  ? -12.021 7.224   6.961   1.00 22.57  ? 43   GLN A CD  1 
ATOM   167  O OE1 . GLN A 1 32  ? -12.142 6.068   7.361   1.00 29.06  ? 43   GLN A OE1 1 
ATOM   168  N NE2 . GLN A 1 32  ? -11.774 8.239   7.772   1.00 28.33  ? 43   GLN A NE2 1 
ATOM   169  N N   . ARG A 1 33  ? -14.701 5.070   2.619   1.00 15.57  ? 44   ARG A N   1 
ATOM   170  C CA  . ARG A 1 33  ? -15.275 3.925   1.909   1.00 15.06  ? 44   ARG A CA  1 
ATOM   171  C C   . ARG A 1 33  ? -15.174 4.158   0.413   1.00 15.44  ? 44   ARG A C   1 
ATOM   172  O O   . ARG A 1 33  ? -14.830 3.263   -0.349  1.00 16.86  ? 44   ARG A O   1 
ATOM   173  C CB  . ARG A 1 33  ? -16.735 3.697   2.320   1.00 14.27  ? 44   ARG A CB  1 
ATOM   174  C CG  . ARG A 1 33  ? -16.903 3.322   3.762   1.00 14.90  ? 44   ARG A CG  1 
ATOM   175  C CD  . ARG A 1 33  ? -18.154 2.531   3.996   1.00 20.10  ? 44   ARG A CD  1 
ATOM   176  N NE  . ARG A 1 33  ? -18.412 2.404   5.429   1.00 28.64  ? 44   ARG A NE  1 
ATOM   177  C CZ  . ARG A 1 33  ? -19.236 1.506   5.962   1.00 33.19  ? 44   ARG A CZ  1 
ATOM   178  N NH1 . ARG A 1 33  ? -19.875 0.654   5.164   1.00 38.44  ? 44   ARG A NH1 1 
ATOM   179  N NH2 . ARG A 1 33  ? -19.415 1.445   7.280   1.00 29.31  ? 44   ARG A NH2 1 
ATOM   180  N N   . HIS A 1 34  ? -15.468 5.382   -0.002  1.00 16.31  ? 45   HIS A N   1 
ATOM   181  C CA  . HIS A 1 34  ? -15.412 5.778   -1.393  1.00 15.82  ? 45   HIS A CA  1 
ATOM   182  C C   . HIS A 1 34  ? -14.008 5.505   -1.941  1.00 15.17  ? 45   HIS A C   1 
ATOM   183  O O   . HIS A 1 34  ? -13.835 5.173   -3.116  1.00 16.12  ? 45   HIS A O   1 
ATOM   184  C CB  . HIS A 1 34  ? -15.804 7.265   -1.491  1.00 17.52  ? 45   HIS A CB  1 
ATOM   185  C CG  . HIS A 1 34  ? -15.850 7.796   -2.888  1.00 19.08  ? 45   HIS A CG  1 
ATOM   186  N ND1 . HIS A 1 34  ? -16.772 7.368   -3.821  1.00 25.47  ? 45   HIS A ND1 1 
ATOM   187  C CD2 . HIS A 1 34  ? -15.078 8.713   -3.517  1.00 20.98  ? 45   HIS A CD2 1 
ATOM   188  C CE1 . HIS A 1 34  ? -16.561 7.994   -4.967  1.00 25.33  ? 45   HIS A CE1 1 
ATOM   189  N NE2 . HIS A 1 34  ? -15.543 8.821   -4.806  1.00 22.08  ? 45   HIS A NE2 1 
ATOM   190  N N   . HIS A 1 35  ? -13.007 5.650   -1.076  1.00 14.68  ? 46   HIS A N   1 
ATOM   191  C CA  . HIS A 1 35  ? -11.599 5.470   -1.446  1.00 12.77  ? 46   HIS A CA  1 
ATOM   192  C C   . HIS A 1 35  ? -11.036 4.139   -0.982  1.00 12.04  ? 46   HIS A C   1 
ATOM   193  O O   . HIS A 1 35  ? -9.837  3.924   -1.053  1.00 12.35  ? 46   HIS A O   1 
ATOM   194  C CB  . HIS A 1 35  ? -10.747 6.568   -0.811  1.00 11.83  ? 46   HIS A CB  1 
ATOM   195  C CG  . HIS A 1 35  ? -10.873 7.897   -1.478  1.00 11.57  ? 46   HIS A CG  1 
ATOM   196  N ND1 . HIS A 1 35  ? -10.152 8.233   -2.602  1.00 15.37  ? 46   HIS A ND1 1 
ATOM   197  C CD2 . HIS A 1 35  ? -11.632 8.978   -1.181  1.00 15.83  ? 46   HIS A CD2 1 
ATOM   198  C CE1 . HIS A 1 35  ? -10.455 9.467   -2.965  1.00 15.38  ? 46   HIS A CE1 1 
ATOM   199  N NE2 . HIS A 1 35  ? -11.348 9.944   -2.115  1.00 14.46  ? 46   HIS A NE2 1 
ATOM   200  N N   . GLY A 1 36  ? -11.877 3.256   -0.469  1.00 12.34  ? 47   GLY A N   1 
ATOM   201  C CA  . GLY A 1 36  ? -11.376 1.986   0.062   1.00 13.42  ? 47   GLY A CA  1 
ATOM   202  C C   . GLY A 1 36  ? -10.997 0.884   -0.937  1.00 13.13  ? 47   GLY A C   1 
ATOM   203  O O   . GLY A 1 36  ? -10.751 1.142   -2.108  1.00 12.13  ? 47   GLY A O   1 
ATOM   204  N N   . TRP A 1 37  ? -10.950 -0.357  -0.461  1.00 13.24  ? 48   TRP A N   1 
ATOM   205  C CA  . TRP A 1 37  ? -10.599 -1.490  -1.311  1.00 14.38  ? 48   TRP A CA  1 
ATOM   206  C C   . TRP A 1 37  ? -11.741 -1.749  -2.284  1.00 16.16  ? 48   TRP A C   1 
ATOM   207  O O   . TRP A 1 37  ? -12.909 -1.571  -1.941  1.00 19.74  ? 48   TRP A O   1 
ATOM   208  C CB  . TRP A 1 37  ? -10.313 -2.743  -0.469  1.00 13.57  ? 48   TRP A CB  1 
ATOM   209  C CG  . TRP A 1 37  ? -9.097  -2.645  0.476   1.00 11.40  ? 48   TRP A CG  1 
ATOM   210  C CD1 . TRP A 1 37  ? -9.075  -2.915  1.811   1.00 9.34   ? 48   TRP A CD1 1 
ATOM   211  C CD2 . TRP A 1 37  ? -7.754  -2.263  0.129   1.00 7.64   ? 48   TRP A CD2 1 
ATOM   212  N NE1 . TRP A 1 37  ? -7.812  -2.723  2.320   1.00 6.88   ? 48   TRP A NE1 1 
ATOM   213  C CE2 . TRP A 1 37  ? -6.982  -2.329  1.309   1.00 5.43   ? 48   TRP A CE2 1 
ATOM   214  C CE3 . TRP A 1 37  ? -7.138  -1.851  -1.058  1.00 5.47   ? 48   TRP A CE3 1 
ATOM   215  C CZ2 . TRP A 1 37  ? -5.628  -2.014  1.337   1.00 4.13   ? 48   TRP A CZ2 1 
ATOM   216  C CZ3 . TRP A 1 37  ? -5.792  -1.525  -1.022  1.00 5.93   ? 48   TRP A CZ3 1 
ATOM   217  C CH2 . TRP A 1 37  ? -5.055  -1.607  0.164   1.00 2.00   ? 48   TRP A CH2 1 
ATOM   218  N N   . ASN A 1 38  ? -11.428 -2.130  -3.509  1.00 15.80  ? 49   ASN A N   1 
ATOM   219  C CA  . ASN A 1 38  ? -12.490 -2.304  -4.466  1.00 17.04  ? 49   ASN A CA  1 
ATOM   220  C C   . ASN A 1 38  ? -12.878 -3.768  -4.569  1.00 17.92  ? 49   ASN A C   1 
ATOM   221  O O   . ASN A 1 38  ? -12.034 -4.609  -4.918  1.00 18.47  ? 49   ASN A O   1 
ATOM   222  C CB  . ASN A 1 38  ? -12.080 -1.772  -5.826  1.00 18.00  ? 49   ASN A CB  1 
ATOM   223  C CG  . ASN A 1 38  ? -13.201 -1.846  -6.809  1.00 18.92  ? 49   ASN A CG  1 
ATOM   224  O OD1 . ASN A 1 38  ? -14.167 -2.571  -6.594  1.00 19.40  ? 49   ASN A OD1 1 
ATOM   225  N ND2 . ASN A 1 38  ? -13.101 -1.087  -7.888  1.00 18.91  ? 49   ASN A ND2 1 
ATOM   226  N N   . PRO A 1 39  ? -14.138 -4.089  -4.227  1.00 17.02  ? 50   PRO A N   1 
ATOM   227  C CA  . PRO A 1 39  ? -14.602 -5.475  -4.210  1.00 16.06  ? 50   PRO A CA  1 
ATOM   228  C C   . PRO A 1 39  ? -14.701 -6.032  -5.626  1.00 16.05  ? 50   PRO A C   1 
ATOM   229  O O   . PRO A 1 39  ? -14.981 -7.207  -5.824  1.00 16.00  ? 50   PRO A O   1 
ATOM   230  C CB  . PRO A 1 39  ? -15.985 -5.366  -3.573  1.00 15.00  ? 50   PRO A CB  1 
ATOM   231  C CG  . PRO A 1 39  ? -16.427 -3.994  -3.871  1.00 14.84  ? 50   PRO A CG  1 
ATOM   232  C CD  . PRO A 1 39  ? -15.197 -3.153  -3.811  1.00 17.31  ? 50   PRO A CD  1 
ATOM   233  N N   . LYS A 1 40  ? -14.437 -5.192  -6.612  1.00 16.88  ? 51   LYS A N   1 
ATOM   234  C CA  . LYS A 1 40  ? -14.598 -5.600  -7.993  1.00 17.96  ? 51   LYS A CA  1 
ATOM   235  C C   . LYS A 1 40  ? -13.286 -5.407  -8.714  1.00 16.28  ? 51   LYS A C   1 
ATOM   236  O O   . LYS A 1 40  ? -13.180 -5.618  -9.904  1.00 16.14  ? 51   LYS A O   1 
ATOM   237  C CB  . LYS A 1 40  ? -15.733 -4.806  -8.667  1.00 19.43  ? 51   LYS A CB  1 
ATOM   238  C CG  . LYS A 1 40  ? -17.130 -5.143  -8.113  1.00 21.36  ? 51   LYS A CG  1 
ATOM   239  C CD  . LYS A 1 40  ? -18.222 -4.457  -8.901  1.00 30.11  ? 51   LYS A CD  1 
ATOM   240  C CE  . LYS A 1 40  ? -18.083 -2.937  -8.834  1.00 34.21  ? 51   LYS A CE  1 
ATOM   241  N NZ  . LYS A 1 40  ? -19.105 -2.233  -9.665  1.00 38.67  ? 51   LYS A NZ  1 
ATOM   242  N N   . ASP A 1 41  ? -12.273 -4.998  -7.977  1.00 15.98  ? 52   ASP A N   1 
ATOM   243  C CA  . ASP A 1 41  ? -10.947 -4.973  -8.543  1.00 16.06  ? 52   ASP A CA  1 
ATOM   244  C C   . ASP A 1 41  ? -10.037 -5.706  -7.568  1.00 16.35  ? 52   ASP A C   1 
ATOM   245  O O   . ASP A 1 41  ? -9.186  -5.088  -6.925  1.00 16.31  ? 52   ASP A O   1 
ATOM   246  C CB  . ASP A 1 41  ? -10.477 -3.532  -8.765  1.00 15.82  ? 52   ASP A CB  1 
ATOM   247  C CG  . ASP A 1 41  ? -9.319  -3.437  -9.754  1.00 17.71  ? 52   ASP A CG  1 
ATOM   248  O OD1 . ASP A 1 41  ? -8.939  -4.503  -10.310 1.00 15.60  ? 52   ASP A OD1 1 
ATOM   249  O OD2 . ASP A 1 41  ? -8.793  -2.306  -9.965  1.00 16.64  ? 52   ASP A OD2 1 
ATOM   250  N N   . CYS A 1 42  ? -10.231 -7.019  -7.431  1.00 15.99  ? 53   CYS A N   1 
ATOM   251  C CA  . CYS A 1 42  ? -9.364  -7.801  -6.542  1.00 15.47  ? 53   CYS A CA  1 
ATOM   252  C C   . CYS A 1 42  ? -9.418  -9.297  -6.764  1.00 15.14  ? 53   CYS A C   1 
ATOM   253  O O   . CYS A 1 42  ? -10.354 -9.814  -7.359  1.00 16.86  ? 53   CYS A O   1 
ATOM   254  C CB  . CYS A 1 42  ? -9.661  -7.489  -5.091  1.00 14.21  ? 53   CYS A CB  1 
ATOM   255  S SG  . CYS A 1 42  ? -11.153 -8.260  -4.573  1.00 16.02  ? 53   CYS A SG  1 
ATOM   256  N N   . SER A 1 43  ? -8.390  -9.991  -6.288  1.00 14.74  ? 54   SER A N   1 
ATOM   257  C CA  . SER A 1 43  ? -8.299  -11.440 -6.438  1.00 13.67  ? 54   SER A CA  1 
ATOM   258  C C   . SER A 1 43  ? -9.575  -12.123 -5.988  1.00 13.21  ? 54   SER A C   1 
ATOM   259  O O   . SER A 1 43  ? -10.127 -11.786 -4.950  1.00 14.61  ? 54   SER A O   1 
ATOM   260  C CB  . SER A 1 43  ? -7.133  -11.962 -5.597  1.00 13.50  ? 54   SER A CB  1 
ATOM   261  O OG  . SER A 1 43  ? -7.206  -13.356 -5.391  1.00 11.24  ? 54   SER A OG  1 
ATOM   262  N N   . GLU A 1 44  ? -10.035 -13.113 -6.735  1.00 13.05  ? 55   GLU A N   1 
ATOM   263  C CA  . GLU A 1 44  ? -11.150 -13.925 -6.245  1.00 14.07  ? 55   GLU A CA  1 
ATOM   264  C C   . GLU A 1 44  ? -10.937 -14.530 -4.831  1.00 14.34  ? 55   GLU A C   1 
ATOM   265  O O   . GLU A 1 44  ? -11.876 -15.065 -4.258  1.00 15.48  ? 55   GLU A O   1 
ATOM   266  C CB  . GLU A 1 44  ? -11.437 -15.043 -7.230  1.00 13.33  ? 55   GLU A CB  1 
ATOM   267  C CG  . GLU A 1 44  ? -10.242 -15.940 -7.385  1.00 17.33  ? 55   GLU A CG  1 
ATOM   268  C CD  . GLU A 1 44  ? -10.433 -17.053 -8.395  1.00 21.35  ? 55   GLU A CD  1 
ATOM   269  O OE1 . GLU A 1 44  ? -11.550 -17.193 -8.952  1.00 20.40  ? 55   GLU A OE1 1 
ATOM   270  O OE2 . GLU A 1 44  ? -9.446  -17.789 -8.627  1.00 21.57  ? 55   GLU A OE2 1 
ATOM   271  N N   . ASN A 1 45  ? -9.727  -14.450 -4.267  1.00 13.34  ? 56   ASN A N   1 
ATOM   272  C CA  . ASN A 1 45  ? -9.441  -15.063 -2.953  1.00 12.49  ? 56   ASN A CA  1 
ATOM   273  C C   . ASN A 1 45  ? -9.499  -14.082 -1.792  1.00 12.54  ? 56   ASN A C   1 
ATOM   274  O O   . ASN A 1 45  ? -9.320  -14.455 -0.637  1.00 12.31  ? 56   ASN A O   1 
ATOM   275  C CB  . ASN A 1 45  ? -8.061  -15.720 -2.939  1.00 11.18  ? 56   ASN A CB  1 
ATOM   276  C CG  . ASN A 1 45  ? -7.934  -16.848 -3.945  1.00 15.67  ? 56   ASN A CG  1 
ATOM   277  O OD1 . ASN A 1 45  ? -8.867  -17.626 -4.152  1.00 19.52  ? 56   ASN A OD1 1 
ATOM   278  N ND2 . ASN A 1 45  ? -6.770  -16.946 -4.578  1.00 15.48  ? 56   ASN A ND2 1 
ATOM   279  N N   . ILE A 1 46  ? -9.726  -12.820 -2.114  1.00 13.26  ? 57   ILE A N   1 
ATOM   280  C CA  . ILE A 1 46  ? -9.821  -11.764 -1.131  1.00 13.42  ? 57   ILE A CA  1 
ATOM   281  C C   . ILE A 1 46  ? -11.294 -11.361 -1.059  1.00 14.48  ? 57   ILE A C   1 
ATOM   282  O O   . ILE A 1 46  ? -11.994 -11.372 -2.079  1.00 14.42  ? 57   ILE A O   1 
ATOM   283  C CB  . ILE A 1 46  ? -8.926  -10.565 -1.570  1.00 13.69  ? 57   ILE A CB  1 
ATOM   284  C CG1 . ILE A 1 46  ? -7.442  -10.929 -1.426  1.00 12.56  ? 57   ILE A CG1 1 
ATOM   285  C CG2 . ILE A 1 46  ? -9.245  -9.324  -0.791  1.00 8.57   ? 57   ILE A CG2 1 
ATOM   286  C CD1 . ILE A 1 46  ? -6.504  -9.829  -1.825  1.00 11.68  ? 57   ILE A CD1 1 
ATOM   287  N N   . ASP A 1 47  ? -11.778 -11.066 0.144   1.00 14.79  ? 58   ASP A N   1 
ATOM   288  C CA  . ASP A 1 47  ? -13.104 -10.487 0.327   1.00 14.13  ? 58   ASP A CA  1 
ATOM   289  C C   . ASP A 1 47  ? -12.982 -9.098  0.941   1.00 13.18  ? 58   ASP A C   1 
ATOM   290  O O   . ASP A 1 47  ? -12.386 -8.928  2.007   1.00 13.11  ? 58   ASP A O   1 
ATOM   291  C CB  . ASP A 1 47  ? -13.971 -11.341 1.268   1.00 14.08  ? 58   ASP A CB  1 
ATOM   292  C CG  . ASP A 1 47  ? -13.943 -12.823 0.935   1.00 16.93  ? 58   ASP A CG  1 
ATOM   293  O OD1 . ASP A 1 47  ? -14.193 -13.213 -0.224  1.00 12.46  ? 58   ASP A OD1 1 
ATOM   294  O OD2 . ASP A 1 47  ? -13.701 -13.618 1.868   1.00 25.89  ? 58   ASP A OD2 1 
ATOM   295  N N   . VAL A 1 48  ? -13.574 -8.107  0.290   1.00 12.75  ? 59   VAL A N   1 
ATOM   296  C CA  . VAL A 1 48  ? -13.610 -6.763  0.838   1.00 12.53  ? 59   VAL A CA  1 
ATOM   297  C C   . VAL A 1 48  ? -14.785 -6.572  1.803   1.00 13.63  ? 59   VAL A C   1 
ATOM   298  O O   . VAL A 1 48  ? -15.925 -6.932  1.508   1.00 15.19  ? 59   VAL A O   1 
ATOM   299  C CB  . VAL A 1 48  ? -13.683 -5.745  -0.285  1.00 12.10  ? 59   VAL A CB  1 
ATOM   300  C CG1 . VAL A 1 48  ? -13.852 -4.350  0.287   1.00 11.70  ? 59   VAL A CG1 1 
ATOM   301  C CG2 . VAL A 1 48  ? -12.446 -5.865  -1.146  1.00 5.44   ? 59   VAL A CG2 1 
ATOM   302  N N   . LYS A 1 49  ? -14.507 -6.024  2.975   1.00 13.11  ? 60   LYS A N   1 
ATOM   303  C CA  . LYS A 1 49  ? -15.549 -5.883  3.988   1.00 12.75  ? 60   LYS A CA  1 
ATOM   304  C C   . LYS A 1 49  ? -15.661 -4.419  4.361   1.00 12.00  ? 60   LYS A C   1 
ATOM   305  O O   . LYS A 1 49  ? -14.936 -3.589  3.828   1.00 11.17  ? 60   LYS A O   1 
ATOM   306  C CB  . LYS A 1 49  ? -15.248 -6.702  5.257   1.00 11.80  ? 60   LYS A CB  1 
ATOM   307  C CG  . LYS A 1 49  ? -14.565 -8.039  5.046   1.00 11.48  ? 60   LYS A CG  1 
ATOM   308  C CD  . LYS A 1 49  ? -15.402 -8.963  4.231   1.00 11.42  ? 60   LYS A CD  1 
ATOM   309  C CE  . LYS A 1 49  ? -16.575 -9.411  5.036   1.00 17.68  ? 60   LYS A CE  1 
ATOM   310  N NZ  . LYS A 1 49  ? -17.356 -10.437 4.293   1.00 26.95  ? 60   LYS A NZ  1 
ATOM   311  N N   . GLU A 1 50  ? -16.572 -4.112  5.280   1.00 10.34  ? 61   GLU A N   1 
ATOM   312  C CA  . GLU A 1 50  ? -16.686 -2.771  5.830   1.00 10.88  ? 61   GLU A CA  1 
ATOM   313  C C   . GLU A 1 50  ? -16.743 -1.670  4.786   1.00 12.04  ? 61   GLU A C   1 
ATOM   314  O O   . GLU A 1 50  ? -16.019 -0.675  4.900   1.00 13.86  ? 61   GLU A O   1 
ATOM   315  C CB  . GLU A 1 50  ? -15.522 -2.524  6.776   1.00 10.39  ? 61   GLU A CB  1 
ATOM   316  C CG  . GLU A 1 50  ? -15.451 -3.595  7.806   1.00 13.89  ? 61   GLU A CG  1 
ATOM   317  C CD  . GLU A 1 50  ? -14.282 -3.476  8.721   1.00 17.61  ? 61   GLU A CD  1 
ATOM   318  O OE1 . GLU A 1 50  ? -13.798 -2.339  8.924   1.00 20.98  ? 61   GLU A OE1 1 
ATOM   319  O OE2 . GLU A 1 50  ? -13.884 -4.534  9.262   1.00 19.29  ? 61   GLU A OE2 1 
ATOM   320  N N   . GLY A 1 51  ? -17.612 -1.840  3.789   1.00 12.54  ? 62   GLY A N   1 
ATOM   321  C CA  . GLY A 1 51  ? -17.767 -0.898  2.677   1.00 12.12  ? 62   GLY A CA  1 
ATOM   322  C C   . GLY A 1 51  ? -16.484 -0.467  1.991   1.00 12.46  ? 62   GLY A C   1 
ATOM   323  O O   . GLY A 1 51  ? -16.417 0.618   1.423   1.00 14.79  ? 62   GLY A O   1 
ATOM   324  N N   . GLY A 1 52  ? -15.452 -1.298  2.032   1.00 9.72   ? 63   GLY A N   1 
ATOM   325  C CA  . GLY A 1 52  ? -14.206 -0.935  1.393   1.00 7.25   ? 63   GLY A CA  1 
ATOM   326  C C   . GLY A 1 52  ? -13.056 -0.672  2.342   1.00 8.21   ? 63   GLY A C   1 
ATOM   327  O O   . GLY A 1 52  ? -11.932 -0.517  1.898   1.00 10.69  ? 63   GLY A O   1 
ATOM   328  N N   . LEU A 1 53  ? -13.312 -0.642  3.644   1.00 7.27   ? 64   LEU A N   1 
ATOM   329  C CA  . LEU A 1 53  ? -12.297 -0.257  4.615   1.00 9.20   ? 64   LEU A CA  1 
ATOM   330  C C   . LEU A 1 53  ? -11.351 -1.391  5.039   1.00 11.35  ? 64   LEU A C   1 
ATOM   331  O O   . LEU A 1 53  ? -10.299 -1.154  5.649   1.00 10.74  ? 64   LEU A O   1 
ATOM   332  C CB  . LEU A 1 53  ? -12.954 0.364   5.850   1.00 10.33  ? 64   LEU A CB  1 
ATOM   333  C CG  . LEU A 1 53  ? -13.672 1.699   5.636   1.00 8.52   ? 64   LEU A CG  1 
ATOM   334  C CD1 . LEU A 1 53  ? -14.074 2.324   6.966   1.00 7.39   ? 64   LEU A CD1 1 
ATOM   335  C CD2 . LEU A 1 53  ? -12.760 2.637   4.873   1.00 7.00   ? 64   LEU A CD2 1 
ATOM   336  N N   . CYS A 1 54  ? -11.719 -2.617  4.689   1.00 12.85  ? 65   CYS A N   1 
ATOM   337  C CA  . CYS A 1 54  ? -10.982 -3.790  5.121   1.00 14.21  ? 65   CYS A CA  1 
ATOM   338  C C   . CYS A 1 54  ? -11.106 -4.885  4.069   1.00 15.12  ? 65   CYS A C   1 
ATOM   339  O O   . CYS A 1 54  ? -12.116 -4.959  3.351   1.00 15.88  ? 65   CYS A O   1 
ATOM   340  C CB  . CYS A 1 54  ? -11.540 -4.277  6.463   1.00 14.70  ? 65   CYS A CB  1 
ATOM   341  S SG  . CYS A 1 54  ? -10.706 -5.716  7.158   1.00 17.46  ? 65   CYS A SG  1 
ATOM   342  N N   . PHE A 1 55  ? -10.074 -5.722  3.966   1.00 14.91  ? 66   PHE A N   1 
ATOM   343  C CA  . PHE A 1 55  ? -10.108 -6.879  3.066   1.00 13.32  ? 66   PHE A CA  1 
ATOM   344  C C   . PHE A 1 55  ? -9.520  -8.063  3.787   1.00 12.96  ? 66   PHE A C   1 
ATOM   345  O O   . PHE A 1 55  ? -8.651  -7.890  4.640   1.00 13.09  ? 66   PHE A O   1 
ATOM   346  C CB  . PHE A 1 55  ? -9.371  -6.601  1.745   1.00 12.76  ? 66   PHE A CB  1 
ATOM   347  C CG  . PHE A 1 55  ? -7.882  -6.874  1.776   1.00 11.95  ? 66   PHE A CG  1 
ATOM   348  C CD1 . PHE A 1 55  ? -7.387  -8.146  2.000   1.00 9.14   ? 66   PHE A CD1 1 
ATOM   349  C CD2 . PHE A 1 55  ? -6.974  -5.853  1.514   1.00 14.51  ? 66   PHE A CD2 1 
ATOM   350  C CE1 . PHE A 1 55  ? -6.017  -8.384  2.004   1.00 9.16   ? 66   PHE A CE1 1 
ATOM   351  C CE2 . PHE A 1 55  ? -5.601  -6.090  1.505   1.00 12.59  ? 66   PHE A CE2 1 
ATOM   352  C CZ  . PHE A 1 55  ? -5.129  -7.361  1.756   1.00 11.38  ? 66   PHE A CZ  1 
ATOM   353  N N   . GLU A 1 56  ? -10.044 -9.249  3.498   1.00 12.57  ? 67   GLU A N   1 
ATOM   354  C CA  . GLU A 1 56  ? -9.495  -10.484 4.041   1.00 13.68  ? 67   GLU A CA  1 
ATOM   355  C C   . GLU A 1 56  ? -9.119  -11.404 2.875   1.00 13.67  ? 67   GLU A C   1 
ATOM   356  O O   . GLU A 1 56  ? -9.862  -11.520 1.880   1.00 13.97  ? 67   GLU A O   1 
ATOM   357  C CB  . GLU A 1 56  ? -10.492 -11.207 4.953   1.00 14.01  ? 67   GLU A CB  1 
ATOM   358  C CG  . GLU A 1 56  ? -11.385 -10.331 5.818   1.00 20.97  ? 67   GLU A CG  1 
ATOM   359  C CD  . GLU A 1 56  ? -12.394 -11.159 6.624   1.00 27.26  ? 67   GLU A CD  1 
ATOM   360  O OE1 . GLU A 1 56  ? -12.832 -12.207 6.116   1.00 29.59  ? 67   GLU A OE1 1 
ATOM   361  O OE2 . GLU A 1 56  ? -12.735 -10.779 7.769   1.00 28.96  ? 67   GLU A OE2 1 
ATOM   362  N N   . ARG A 1 57  ? -7.958  -12.046 3.002   1.00 11.77  ? 68   ARG A N   1 
ATOM   363  C CA  . ARG A 1 57  ? -7.541  -13.091 2.095   1.00 9.95   ? 68   ARG A CA  1 
ATOM   364  C C   . ARG A 1 57  ? -7.879  -14.363 2.803   1.00 11.29  ? 68   ARG A C   1 
ATOM   365  O O   . ARG A 1 57  ? -7.535  -14.520 3.961   1.00 12.19  ? 68   ARG A O   1 
ATOM   366  C CB  . ARG A 1 57  ? -6.037  -13.052 1.899   1.00 8.86   ? 68   ARG A CB  1 
ATOM   367  C CG  . ARG A 1 57  ? -5.551  -14.103 0.944   1.00 14.23  ? 68   ARG A CG  1 
ATOM   368  C CD  . ARG A 1 57  ? -4.052  -14.067 0.821   1.00 13.78  ? 68   ARG A CD  1 
ATOM   369  N NE  . ARG A 1 57  ? -3.528  -15.108 -0.061  1.00 15.11  ? 68   ARG A NE  1 
ATOM   370  C CZ  . ARG A 1 57  ? -3.339  -16.366 0.320   1.00 12.85  ? 68   ARG A CZ  1 
ATOM   371  N NH1 . ARG A 1 57  ? -3.679  -16.708 1.549   1.00 7.37   ? 68   ARG A NH1 1 
ATOM   372  N NH2 . ARG A 1 57  ? -2.819  -17.271 -0.512  1.00 2.36   ? 68   ARG A NH2 1 
ATOM   373  N N   . ARG A 1 58  ? -8.567  -15.269 2.129   1.00 12.87  ? 69   ARG A N   1 
ATOM   374  C CA  . ARG A 1 58  ? -8.920  -16.543 2.735   1.00 14.15  ? 69   ARG A CA  1 
ATOM   375  C C   . ARG A 1 58  ? -7.691  -17.457 2.843   1.00 14.49  ? 69   ARG A C   1 
ATOM   376  O O   . ARG A 1 58  ? -6.601  -17.076 2.403   1.00 14.25  ? 69   ARG A O   1 
ATOM   377  C CB  . ARG A 1 58  ? -10.096 -17.184 1.976   1.00 16.31  ? 69   ARG A CB  1 
ATOM   378  C CG  . ARG A 1 58  ? -11.446 -16.612 2.455   1.00 16.61  ? 69   ARG A CG  1 
ATOM   379  C CD  . ARG A 1 58  ? -12.614 -17.051 1.640   1.00 11.93  ? 69   ARG A CD  1 
ATOM   380  N NE  . ARG A 1 58  ? -12.842 -16.117 0.544   1.00 21.07  ? 69   ARG A NE  1 
ATOM   381  C CZ  . ARG A 1 58  ? -12.400 -16.295 -0.697  1.00 24.41  ? 69   ARG A CZ  1 
ATOM   382  N NH1 . ARG A 1 58  ? -11.700 -17.380 -1.021  1.00 25.44  ? 69   ARG A NH1 1 
ATOM   383  N NH2 . ARG A 1 58  ? -12.656 -15.383 -1.625  1.00 22.85  ? 69   ARG A NH2 1 
ATOM   384  N N   . PRO A 1 59  ? -7.841  -18.635 3.483   1.00 13.58  ? 70   PRO A N   1 
ATOM   385  C CA  . PRO A 1 59  ? -6.699  -19.527 3.635   1.00 13.29  ? 70   PRO A CA  1 
ATOM   386  C C   . PRO A 1 59  ? -6.491  -20.441 2.430   1.00 13.50  ? 70   PRO A C   1 
ATOM   387  O O   . PRO A 1 59  ? -6.638  -21.652 2.541   1.00 13.27  ? 70   PRO A O   1 
ATOM   388  C CB  . PRO A 1 59  ? -7.067  -20.357 4.870   1.00 13.89  ? 70   PRO A CB  1 
ATOM   389  C CG  . PRO A 1 59  ? -8.362  -19.776 5.408   1.00 11.40  ? 70   PRO A CG  1 
ATOM   390  C CD  . PRO A 1 59  ? -8.997  -19.090 4.274   1.00 13.31  ? 70   PRO A CD  1 
ATOM   391  N N   . VAL A 1 60  ? -6.155  -19.851 1.290   1.00 14.61  ? 71   VAL A N   1 
ATOM   392  C CA  . VAL A 1 60  ? -5.878  -20.605 0.064   1.00 14.40  ? 71   VAL A CA  1 
ATOM   393  C C   . VAL A 1 60  ? -4.394  -20.878 -0.094  1.00 14.45  ? 71   VAL A C   1 
ATOM   394  O O   . VAL A 1 60  ? -3.592  -19.967 -0.052  1.00 14.02  ? 71   VAL A O   1 
ATOM   395  C CB  . VAL A 1 60  ? -6.341  -19.838 -1.188  1.00 14.22  ? 71   VAL A CB  1 
ATOM   396  C CG1 . VAL A 1 60  ? -5.770  -20.478 -2.459  1.00 11.05  ? 71   VAL A CG1 1 
ATOM   397  C CG2 . VAL A 1 60  ? -7.839  -19.814 -1.229  1.00 17.12  ? 71   VAL A CG2 1 
ATOM   398  N N   . ALA A 1 61  ? -4.019  -22.133 -0.302  1.00 14.96  ? 72   ALA A N   1 
ATOM   399  C CA  . ALA A 1 61  ? -2.604  -22.447 -0.414  1.00 14.85  ? 72   ALA A CA  1 
ATOM   400  C C   . ALA A 1 61  ? -2.047  -22.140 -1.812  1.00 14.95  ? 72   ALA A C   1 
ATOM   401  O O   . ALA A 1 61  ? -2.767  -22.117 -2.802  1.00 15.74  ? 72   ALA A O   1 
ATOM   402  C CB  . ALA A 1 61  ? -2.333  -23.891 -0.014  1.00 12.68  ? 72   ALA A CB  1 
ATOM   403  N N   . GLN A 1 62  ? -0.759  -21.862 -1.859  1.00 14.83  ? 73   GLN A N   1 
ATOM   404  C CA  . GLN A 1 62  ? -0.085  -21.614 -3.103  1.00 14.15  ? 73   GLN A CA  1 
ATOM   405  C C   . GLN A 1 62  ? -0.832  -20.636 -3.963  1.00 12.65  ? 73   GLN A C   1 
ATOM   406  O O   . GLN A 1 62  ? -1.387  -21.010 -4.987  1.00 13.25  ? 73   GLN A O   1 
ATOM   407  C CB  . GLN A 1 62  ? 0.073   -22.903 -3.869  1.00 14.63  ? 73   GLN A CB  1 
ATOM   408  C CG  . GLN A 1 62  ? 1.117   -22.803 -4.949  1.00 14.31  ? 73   GLN A CG  1 
ATOM   409  C CD  . GLN A 1 62  ? 1.108   -24.010 -5.820  1.00 18.14  ? 73   GLN A CD  1 
ATOM   410  O OE1 . GLN A 1 62  ? 1.527   -25.100 -5.408  1.00 23.37  ? 73   GLN A OE1 1 
ATOM   411  N NE2 . GLN A 1 62  ? 0.611   -23.847 -7.034  1.00 20.72  ? 73   GLN A NE2 1 
ATOM   412  N N   . SER A 1 63  ? -0.850  -19.381 -3.540  1.00 11.44  ? 74   SER A N   1 
ATOM   413  C CA  . SER A 1 63  ? -1.424  -18.334 -4.345  1.00 10.95  ? 74   SER A CA  1 
ATOM   414  C C   . SER A 1 63  ? -0.996  -17.058 -3.735  1.00 11.00  ? 74   SER A C   1 
ATOM   415  O O   . SER A 1 63  ? -0.914  -16.976 -2.527  1.00 12.10  ? 74   SER A O   1 
ATOM   416  C CB  . SER A 1 63  ? -2.934  -18.363 -4.291  1.00 11.03  ? 74   SER A CB  1 
ATOM   417  O OG  . SER A 1 63  ? -3.421  -17.105 -4.729  1.00 10.51  ? 74   SER A OG  1 
ATOM   418  N N   . THR A 1 64  ? -0.720  -16.060 -4.562  1.00 11.42  ? 75   THR A N   1 
ATOM   419  C CA  . THR A 1 64  ? -0.450  -14.720 -4.071  1.00 10.51  ? 75   THR A CA  1 
ATOM   420  C C   . THR A 1 64  ? -1.588  -13.835 -4.555  1.00 11.47  ? 75   THR A C   1 
ATOM   421  O O   . THR A 1 64  ? -2.032  -13.958 -5.711  1.00 13.08  ? 75   THR A O   1 
ATOM   422  C CB  . THR A 1 64  ? 0.902   -14.208 -4.573  1.00 11.04  ? 75   THR A CB  1 
ATOM   423  O OG1 . THR A 1 64  ? 1.937   -15.096 -4.125  1.00 13.53  ? 75   THR A OG1 1 
ATOM   424  C CG2 . THR A 1 64  ? 1.169   -12.796 -4.069  1.00 8.52   ? 75   THR A CG2 1 
ATOM   425  N N   . ASP A 1 65  ? -2.084  -12.965 -3.683  1.00 10.58  ? 76   ASP A N   1 
ATOM   426  C CA  . ASP A 1 65  ? -3.302  -12.259 -3.999  1.00 11.37  ? 76   ASP A CA  1 
ATOM   427  C C   . ASP A 1 65  ? -3.255  -10.791 -3.625  1.00 12.74  ? 76   ASP A C   1 
ATOM   428  O O   . ASP A 1 65  ? -2.748  -10.431 -2.551  1.00 14.14  ? 76   ASP A O   1 
ATOM   429  C CB  . ASP A 1 65  ? -4.455  -12.927 -3.283  1.00 10.47  ? 76   ASP A CB  1 
ATOM   430  C CG  . ASP A 1 65  ? -4.546  -14.395 -3.596  1.00 13.39  ? 76   ASP A CG  1 
ATOM   431  O OD1 . ASP A 1 65  ? -5.348  -14.724 -4.488  1.00 15.32  ? 76   ASP A OD1 1 
ATOM   432  O OD2 . ASP A 1 65  ? -3.834  -15.220 -2.964  1.00 13.68  ? 76   ASP A OD2 1 
ATOM   433  N N   . GLY A 1 66  ? -3.793  -9.951  -4.508  1.00 9.50   ? 77   GLY A N   1 
ATOM   434  C CA  . GLY A 1 66  ? -3.824  -8.520  -4.263  1.00 9.83   ? 77   GLY A CA  1 
ATOM   435  C C   . GLY A 1 66  ? -5.183  -7.884  -4.538  1.00 11.57  ? 77   GLY A C   1 
ATOM   436  O O   . GLY A 1 66  ? -6.156  -8.562  -4.928  1.00 9.71   ? 77   GLY A O   1 
ATOM   437  N N   . VAL A 1 67  ? -5.226  -6.566  -4.350  1.00 11.69  ? 78   VAL A N   1 
ATOM   438  C CA  . VAL A 1 67  ? -6.436  -5.774  -4.475  1.00 13.08  ? 78   VAL A CA  1 
ATOM   439  C C   . VAL A 1 67  ? -6.024  -4.324  -4.765  1.00 13.64  ? 78   VAL A C   1 
ATOM   440  O O   . VAL A 1 67  ? -4.978  -3.856  -4.284  1.00 14.33  ? 78   VAL A O   1 
ATOM   441  C CB  . VAL A 1 67  ? -7.278  -5.873  -3.153  1.00 13.70  ? 78   VAL A CB  1 
ATOM   442  C CG1 . VAL A 1 67  ? -6.373  -5.782  -1.939  1.00 13.00  ? 78   VAL A CG1 1 
ATOM   443  C CG2 . VAL A 1 67  ? -8.367  -4.825  -3.089  1.00 13.98  ? 78   VAL A CG2 1 
ATOM   444  N N   . ARG A 1 68  ? -6.824  -3.629  -5.575  1.00 12.60  ? 79   ARG A N   1 
ATOM   445  C CA  . ARG A 1 68  ? -6.654  -2.186  -5.814  1.00 10.36  ? 79   ARG A CA  1 
ATOM   446  C C   . ARG A 1 68  ? -7.734  -1.331  -5.118  1.00 10.28  ? 79   ARG A C   1 
ATOM   447  O O   . ARG A 1 68  ? -8.884  -1.751  -4.947  1.00 10.50  ? 79   ARG A O   1 
ATOM   448  C CB  . ARG A 1 68  ? -6.653  -1.895  -7.319  1.00 10.05  ? 79   ARG A CB  1 
ATOM   449  C CG  . ARG A 1 68  ? -5.260  -1.820  -7.958  1.00 8.58   ? 79   ARG A CG  1 
ATOM   450  C CD  . ARG A 1 68  ? -5.325  -1.527  -9.433  1.00 5.37   ? 79   ARG A CD  1 
ATOM   451  N NE  . ARG A 1 68  ? -6.144  -2.537  -10.098 1.00 7.76   ? 79   ARG A NE  1 
ATOM   452  C CZ  . ARG A 1 68  ? -5.674  -3.626  -10.711 1.00 8.39   ? 79   ARG A CZ  1 
ATOM   453  N NH1 . ARG A 1 68  ? -6.523  -4.478  -11.271 1.00 6.65   ? 79   ARG A NH1 1 
ATOM   454  N NH2 . ARG A 1 68  ? -4.372  -3.866  -10.801 1.00 3.34   ? 79   ARG A NH2 1 
ATOM   455  N N   . GLY A 1 69  ? -7.373  -0.117  -4.730  1.00 9.70   ? 80   GLY A N   1 
ATOM   456  C CA  . GLY A 1 69  ? -8.362  0.823   -4.206  1.00 9.85   ? 80   GLY A CA  1 
ATOM   457  C C   . GLY A 1 69  ? -9.380  1.242   -5.253  1.00 10.41  ? 80   GLY A C   1 
ATOM   458  O O   . GLY A 1 69  ? -9.156  1.090   -6.454  1.00 12.16  ? 80   GLY A O   1 
ATOM   459  N N   . LYS A 1 70  ? -10.499 1.801   -4.815  1.00 10.50  ? 81   LYS A N   1 
ATOM   460  C CA  . LYS A 1 70  ? -11.533 2.208   -5.759  1.00 11.64  ? 81   LYS A CA  1 
ATOM   461  C C   . LYS A 1 70  ? -11.107 3.386   -6.608  1.00 11.55  ? 81   LYS A C   1 
ATOM   462  O O   . LYS A 1 70  ? -11.549 3.498   -7.740  1.00 13.46  ? 81   LYS A O   1 
ATOM   463  C CB  . LYS A 1 70  ? -12.833 2.575   -5.042  1.00 11.80  ? 81   LYS A CB  1 
ATOM   464  C CG  . LYS A 1 70  ? -13.626 1.388   -4.534  1.00 15.41  ? 81   LYS A CG  1 
ATOM   465  C CD  . LYS A 1 70  ? -14.603 1.851   -3.473  1.00 12.09  ? 81   LYS A CD  1 
ATOM   466  C CE  . LYS A 1 70  ? -15.417 0.712   -2.955  1.00 11.71  ? 81   LYS A CE  1 
ATOM   467  N NZ  . LYS A 1 70  ? -16.125 1.162   -1.735  1.00 13.68  ? 81   LYS A NZ  1 
ATOM   468  N N   . ARG A 1 71  ? -10.275 4.265   -6.055  1.00 10.03  ? 82   ARG A N   1 
ATOM   469  C CA  . ARG A 1 71  ? -9.895  5.502   -6.726  1.00 10.82  ? 82   ARG A CA  1 
ATOM   470  C C   . ARG A 1 71  ? -8.418  5.514   -7.151  1.00 11.87  ? 82   ARG A C   1 
ATOM   471  O O   . ARG A 1 71  ? -7.517  5.213   -6.347  1.00 11.69  ? 82   ARG A O   1 
ATOM   472  C CB  . ARG A 1 71  ? -10.231 6.708   -5.830  1.00 11.84  ? 82   ARG A CB  1 
ATOM   473  C CG  . ARG A 1 71  ? -11.643 6.800   -5.595  1.00 15.85  ? 82   ARG A CG  1 
ATOM   474  N N   . GLY A 1 72  ? -8.181  5.845   -8.423  1.00 12.53  ? 83   GLY A N   1 
ATOM   475  C CA  . GLY A 1 72  ? -6.827  5.922   -8.998  1.00 12.81  ? 83   GLY A CA  1 
ATOM   476  C C   . GLY A 1 72  ? -6.365  7.370   -9.111  1.00 14.14  ? 83   GLY A C   1 
ATOM   477  O O   . GLY A 1 72  ? -7.100  8.206   -9.626  1.00 13.31  ? 83   GLY A O   1 
ATOM   478  N N   . TYR A 1 73  ? -5.144  7.660   -8.644  1.00 16.00  ? 84   TYR A N   1 
ATOM   479  C CA  . TYR A 1 73  ? -4.638  9.042   -8.493  1.00 15.34  ? 84   TYR A CA  1 
ATOM   480  C C   . TYR A 1 73  ? -3.614  9.475   -9.544  1.00 15.27  ? 84   TYR A C   1 
ATOM   481  O O   . TYR A 1 73  ? -2.618  8.791   -9.774  1.00 15.41  ? 84   TYR A O   1 
ATOM   482  C CB  . TYR A 1 73  ? -4.048  9.231   -7.091  1.00 15.83  ? 84   TYR A CB  1 
ATOM   483  C CG  . TYR A 1 73  ? -4.938  8.675   -6.003  1.00 14.04  ? 84   TYR A CG  1 
ATOM   484  C CD1 . TYR A 1 73  ? -4.476  7.700   -5.120  1.00 10.14  ? 84   TYR A CD1 1 
ATOM   485  C CD2 . TYR A 1 73  ? -6.242  9.115   -5.875  1.00 11.40  ? 84   TYR A CD2 1 
ATOM   486  C CE1 . TYR A 1 73  ? -5.301  7.175   -4.142  1.00 9.29   ? 84   TYR A CE1 1 
ATOM   487  C CE2 . TYR A 1 73  ? -7.067  8.613   -4.901  1.00 15.77  ? 84   TYR A CE2 1 
ATOM   488  C CZ  . TYR A 1 73  ? -6.604  7.638   -4.036  1.00 16.19  ? 84   TYR A CZ  1 
ATOM   489  O OH  . TYR A 1 73  ? -7.470  7.147   -3.065  1.00 17.10  ? 84   TYR A OH  1 
ATOM   490  N N   . SER A 1 74  ? -3.857  10.625  -10.169 1.00 15.12  ? 85   SER A N   1 
ATOM   491  C CA  . SER A 1 74  ? -2.932  11.144  -11.171 1.00 15.06  ? 85   SER A CA  1 
ATOM   492  C C   . SER A 1 74  ? -2.503  12.572  -10.898 1.00 15.28  ? 85   SER A C   1 
ATOM   493  O O   . SER A 1 74  ? -1.707  13.141  -11.646 1.00 16.56  ? 85   SER A O   1 
ATOM   494  C CB  . SER A 1 74  ? -3.522  11.052  -12.569 1.00 14.93  ? 85   SER A CB  1 
ATOM   495  O OG  . SER A 1 74  ? -4.908  11.301  -12.530 1.00 18.68  ? 85   SER A OG  1 
ATOM   496  N N   . ARG A 1 75  ? -3.024  13.160  -9.831  1.00 14.05  ? 86   ARG A N   1 
ATOM   497  C CA  . ARG A 1 75  ? -2.517  14.458  -9.388  1.00 13.82  ? 86   ARG A CA  1 
ATOM   498  C C   . ARG A 1 75  ? -2.807  14.624  -7.925  1.00 12.78  ? 86   ARG A C   1 
ATOM   499  O O   . ARG A 1 75  ? -3.579  13.855  -7.358  1.00 14.45  ? 86   ARG A O   1 
ATOM   500  C CB  . ARG A 1 75  ? -3.065  15.639  -10.211 1.00 13.38  ? 86   ARG A CB  1 
ATOM   501  C CG  . ARG A 1 75  ? -4.560  15.616  -10.507 1.00 16.70  ? 86   ARG A CG  1 
ATOM   502  C CD  . ARG A 1 75  ? -5.160  17.011  -10.442 0.01 15.60  ? 86   ARG A CD  1 
ATOM   503  N NE  . ARG A 1 75  ? -6.562  17.024  -10.856 0.01 15.55  ? 86   ARG A NE  1 
ATOM   504  C CZ  . ARG A 1 75  ? -7.588  16.895  -10.022 0.01 15.36  ? 86   ARG A CZ  1 
ATOM   505  N NH1 . ARG A 1 75  ? -7.376  16.744  -8.723  0.01 15.40  ? 86   ARG A NH1 1 
ATOM   506  N NH2 . ARG A 1 75  ? -8.829  16.919  -10.489 0.01 15.30  ? 86   ARG A NH2 1 
ATOM   507  N N   . GLY A 1 76  ? -2.161  15.612  -7.322  1.00 12.04  ? 87   GLY A N   1 
ATOM   508  C CA  . GLY A 1 76  ? -2.258  15.840  -5.882  1.00 12.54  ? 87   GLY A CA  1 
ATOM   509  C C   . GLY A 1 76  ? -1.403  14.983  -4.951  1.00 12.37  ? 87   GLY A C   1 
ATOM   510  O O   . GLY A 1 76  ? -0.624  14.125  -5.381  1.00 12.30  ? 87   GLY A O   1 
ATOM   511  N N   . LEU A 1 77  ? -1.549  15.248  -3.656  1.00 12.13  ? 88   LEU A N   1 
ATOM   512  C CA  . LEU A 1 77  ? -0.879  14.490  -2.615  1.00 12.60  ? 88   LEU A CA  1 
ATOM   513  C C   . LEU A 1 77  ? -1.936  13.581  -1.968  1.00 12.69  ? 88   LEU A C   1 
ATOM   514  O O   . LEU A 1 77  ? -3.058  13.997  -1.724  1.00 12.45  ? 88   LEU A O   1 
ATOM   515  C CB  . LEU A 1 77  ? -0.263  15.451  -1.589  1.00 11.54  ? 88   LEU A CB  1 
ATOM   516  C CG  . LEU A 1 77  ? 0.356   14.839  -0.328  1.00 11.17  ? 88   LEU A CG  1 
ATOM   517  C CD1 . LEU A 1 77  ? 1.700   14.203  -0.647  1.00 17.87  ? 88   LEU A CD1 1 
ATOM   518  C CD2 . LEU A 1 77  ? 0.513   15.866  0.750   1.00 7.66   ? 88   LEU A CD2 1 
ATOM   519  N N   . HIS A 1 78  ? -1.598  12.322  -1.734  1.00 13.48  ? 89   HIS A N   1 
ATOM   520  C CA  . HIS A 1 78  ? -2.576  11.392  -1.182  1.00 12.14  ? 89   HIS A CA  1 
ATOM   521  C C   . HIS A 1 78  ? -1.895  10.515  -0.135  1.00 12.36  ? 89   HIS A C   1 
ATOM   522  O O   . HIS A 1 78  ? -0.783  10.008  -0.341  1.00 12.34  ? 89   HIS A O   1 
ATOM   523  C CB  . HIS A 1 78  ? -3.226  10.533  -2.284  1.00 10.89  ? 89   HIS A CB  1 
ATOM   524  C CG  . HIS A 1 78  ? -3.898  11.326  -3.369  1.00 13.42  ? 89   HIS A CG  1 
ATOM   525  N ND1 . HIS A 1 78  ? -5.241  11.643  -3.341  1.00 21.82  ? 89   HIS A ND1 1 
ATOM   526  C CD2 . HIS A 1 78  ? -3.413  11.855  -4.519  1.00 12.25  ? 89   HIS A CD2 1 
ATOM   527  C CE1 . HIS A 1 78  ? -5.552  12.344  -4.419  1.00 17.15  ? 89   HIS A CE1 1 
ATOM   528  N NE2 . HIS A 1 78  ? -4.463  12.481  -5.154  1.00 15.88  ? 89   HIS A NE2 1 
ATOM   529  N N   . ALA A 1 79  ? -2.555  10.356  1.003   1.00 11.86  ? 90   ALA A N   1 
ATOM   530  C CA  . ALA A 1 79  ? -2.037  9.507   2.054   1.00 10.40  ? 90   ALA A CA  1 
ATOM   531  C C   . ALA A 1 79  ? -3.150  8.598   2.486   1.00 9.83   ? 90   ALA A C   1 
ATOM   532  O O   . ALA A 1 79  ? -4.289  9.040   2.609   1.00 10.49  ? 90   ALA A O   1 
ATOM   533  C CB  . ALA A 1 79  ? -1.583  10.351  3.230   1.00 10.59  ? 90   ALA A CB  1 
ATOM   534  N N   . TRP A 1 80  ? -2.832  7.330   2.710   1.00 9.25   ? 91   TRP A N   1 
ATOM   535  C CA  . TRP A 1 80  ? -3.760  6.449   3.371   1.00 9.67   ? 91   TRP A CA  1 
ATOM   536  C C   . TRP A 1 80  ? -3.015  5.670   4.412   1.00 12.13  ? 91   TRP A C   1 
ATOM   537  O O   . TRP A 1 80  ? -1.834  5.402   4.261   1.00 14.81  ? 91   TRP A O   1 
ATOM   538  C CB  . TRP A 1 80  ? -4.475  5.523   2.388   1.00 10.25  ? 91   TRP A CB  1 
ATOM   539  C CG  . TRP A 1 80  ? -3.594  4.707   1.486   1.00 10.48  ? 91   TRP A CG  1 
ATOM   540  C CD1 . TRP A 1 80  ? -3.198  3.407   1.675   1.00 11.91  ? 91   TRP A CD1 1 
ATOM   541  C CD2 . TRP A 1 80  ? -3.034  5.121   0.230   1.00 9.96   ? 91   TRP A CD2 1 
ATOM   542  N NE1 . TRP A 1 80  ? -2.409  2.994   0.618   1.00 13.30  ? 91   TRP A NE1 1 
ATOM   543  C CE2 . TRP A 1 80  ? -2.294  4.024   -0.282  1.00 9.92   ? 91   TRP A CE2 1 
ATOM   544  C CE3 . TRP A 1 80  ? -3.078  6.312   -0.505  1.00 11.41  ? 91   TRP A CE3 1 
ATOM   545  C CZ2 . TRP A 1 80  ? -1.605  4.085   -1.493  1.00 6.55   ? 91   TRP A CZ2 1 
ATOM   546  C CZ3 . TRP A 1 80  ? -2.399  6.369   -1.710  1.00 13.20  ? 91   TRP A CZ3 1 
ATOM   547  C CH2 . TRP A 1 80  ? -1.672  5.253   -2.194  1.00 12.26  ? 91   TRP A CH2 1 
ATOM   548  N N   . GLU A 1 81  ? -3.705  5.345   5.494   1.00 13.86  ? 92   GLU A N   1 
ATOM   549  C CA  . GLU A 1 81  ? -3.163  4.507   6.529   1.00 13.35  ? 92   GLU A CA  1 
ATOM   550  C C   . GLU A 1 81  ? -3.570  3.068   6.274   1.00 13.84  ? 92   GLU A C   1 
ATOM   551  O O   . GLU A 1 81  ? -4.737  2.774   6.011   1.00 15.70  ? 92   GLU A O   1 
ATOM   552  C CB  . GLU A 1 81  ? -3.701  4.960   7.862   1.00 13.67  ? 92   GLU A CB  1 
ATOM   553  C CG  . GLU A 1 81  ? -3.166  4.194   9.038   1.00 21.18  ? 92   GLU A CG  1 
ATOM   554  C CD  . GLU A 1 81  ? -3.688  4.775   10.320  1.00 28.31  ? 92   GLU A CD  1 
ATOM   555  O OE1 . GLU A 1 81  ? -3.330  5.946   10.610  1.00 29.68  ? 92   GLU A OE1 1 
ATOM   556  O OE2 . GLU A 1 81  ? -4.468  4.073   11.004  1.00 26.67  ? 92   GLU A OE2 1 
ATOM   557  N N   . ILE A 1 82  ? -2.584  2.184   6.329   1.00 13.44  ? 93   ILE A N   1 
ATOM   558  C CA  . ILE A 1 82  ? -2.772  0.758   6.172   1.00 11.44  ? 93   ILE A CA  1 
ATOM   559  C C   . ILE A 1 82  ? -2.529  0.146   7.538   1.00 11.81  ? 93   ILE A C   1 
ATOM   560  O O   . ILE A 1 82  ? -1.555  0.492   8.213   1.00 12.05  ? 93   ILE A O   1 
ATOM   561  C CB  . ILE A 1 82  ? -1.755  0.201   5.160   1.00 10.18  ? 93   ILE A CB  1 
ATOM   562  C CG1 . ILE A 1 82  ? -2.102  0.698   3.763   1.00 9.39   ? 93   ILE A CG1 1 
ATOM   563  C CG2 . ILE A 1 82  ? -1.710  -1.334  5.207   1.00 8.15   ? 93   ILE A CG2 1 
ATOM   564  C CD1 . ILE A 1 82  ? -3.345  0.015   3.154   1.00 2.00   ? 93   ILE A CD1 1 
ATOM   565  N N   . SER A 1 83  ? -3.419  -0.738  7.970   1.00 11.08  ? 94   SER A N   1 
ATOM   566  C CA  . SER A 1 83  ? -3.197  -1.393  9.233   1.00 11.78  ? 94   SER A CA  1 
ATOM   567  C C   . SER A 1 83  ? -3.272  -2.890  9.009   1.00 13.08  ? 94   SER A C   1 
ATOM   568  O O   . SER A 1 83  ? -4.259  -3.397  8.480   1.00 14.00  ? 94   SER A O   1 
ATOM   569  C CB  . SER A 1 83  ? -4.116  -0.849  10.333  1.00 11.02  ? 94   SER A CB  1 
ATOM   570  O OG  . SER A 1 83  ? -5.225  -1.661  10.578  1.00 12.70  ? 94   SER A OG  1 
ATOM   571  N N   . TRP A 1 84  ? -2.171  -3.567  9.339   1.00 13.57  ? 95   TRP A N   1 
ATOM   572  C CA  . TRP A 1 84  ? -1.919  -4.951  8.946   1.00 12.43  ? 95   TRP A CA  1 
ATOM   573  C C   . TRP A 1 84  ? -1.242  -5.705  10.092  1.00 12.90  ? 95   TRP A C   1 
ATOM   574  O O   . TRP A 1 84  ? -0.015  -5.618  10.283  1.00 12.04  ? 95   TRP A O   1 
ATOM   575  C CB  . TRP A 1 84  ? -1.013  -4.983  7.714   1.00 11.62  ? 95   TRP A CB  1 
ATOM   576  C CG  . TRP A 1 84  ? -0.912  -6.338  7.116   1.00 11.29  ? 95   TRP A CG  1 
ATOM   577  C CD1 . TRP A 1 84  ? -1.093  -7.531  7.759   1.00 10.59  ? 95   TRP A CD1 1 
ATOM   578  C CD2 . TRP A 1 84  ? -0.606  -6.656  5.754   1.00 10.86  ? 95   TRP A CD2 1 
ATOM   579  N NE1 . TRP A 1 84  ? -0.936  -8.576  6.872   1.00 12.01  ? 95   TRP A NE1 1 
ATOM   580  C CE2 . TRP A 1 84  ? -0.625  -8.065  5.638   1.00 14.28  ? 95   TRP A CE2 1 
ATOM   581  C CE3 . TRP A 1 84  ? -0.318  -5.893  4.624   1.00 9.45   ? 95   TRP A CE3 1 
ATOM   582  C CZ2 . TRP A 1 84  ? -0.365  -8.721  4.432   1.00 12.84  ? 95   TRP A CZ2 1 
ATOM   583  C CZ3 . TRP A 1 84  ? -0.073  -6.551  3.419   1.00 10.71  ? 95   TRP A CZ3 1 
ATOM   584  C CH2 . TRP A 1 84  ? -0.095  -7.948  3.337   1.00 10.45  ? 95   TRP A CH2 1 
ATOM   585  N N   . PRO A 1 85  ? -2.040  -6.435  10.872  1.00 12.86  ? 96   PRO A N   1 
ATOM   586  C CA  . PRO A 1 85  ? -1.558  -7.033  12.120  1.00 13.78  ? 96   PRO A CA  1 
ATOM   587  C C   . PRO A 1 85  ? -0.297  -7.842  11.895  1.00 14.74  ? 96   PRO A C   1 
ATOM   588  O O   . PRO A 1 85  ? -0.266  -8.682  10.998  1.00 16.46  ? 96   PRO A O   1 
ATOM   589  C CB  . PRO A 1 85  ? -2.715  -7.939  12.551  1.00 14.09  ? 96   PRO A CB  1 
ATOM   590  C CG  . PRO A 1 85  ? -3.951  -7.320  11.899  1.00 12.22  ? 96   PRO A CG  1 
ATOM   591  C CD  . PRO A 1 85  ? -3.451  -6.754  10.589  1.00 14.16  ? 96   PRO A CD  1 
ATOM   592  N N   . LEU A 1 86  ? 0.732   -7.587  12.701  1.00 16.41  ? 97   LEU A N   1 
ATOM   593  C CA  . LEU A 1 86  ? 2.032   -8.258  12.571  1.00 17.16  ? 97   LEU A CA  1 
ATOM   594  C C   . LEU A 1 86  ? 1.954   -9.761  12.289  1.00 19.18  ? 97   LEU A C   1 
ATOM   595  O O   . LEU A 1 86  ? 2.665   -10.267 11.436  1.00 21.39  ? 97   LEU A O   1 
ATOM   596  C CB  . LEU A 1 86  ? 2.857   -8.055  13.825  1.00 16.46  ? 97   LEU A CB  1 
ATOM   597  C CG  . LEU A 1 86  ? 4.352   -8.190  13.565  1.00 22.72  ? 97   LEU A CG  1 
ATOM   598  C CD1 . LEU A 1 86  ? 4.924   -6.776  13.463  1.00 29.35  ? 97   LEU A CD1 1 
ATOM   599  C CD2 . LEU A 1 86  ? 5.062   -8.984  14.657  1.00 20.17  ? 97   LEU A CD2 1 
ATOM   600  N N   . GLU A 1 87  ? 1.104   -10.478 13.018  1.00 20.65  ? 98   GLU A N   1 
ATOM   601  C CA  . GLU A 1 87  ? 1.057   -11.940 12.937  1.00 20.89  ? 98   GLU A CA  1 
ATOM   602  C C   . GLU A 1 87  ? 0.260   -12.458 11.748  1.00 19.90  ? 98   GLU A C   1 
ATOM   603  O O   . GLU A 1 87  ? 0.154   -13.668 11.559  1.00 18.75  ? 98   GLU A O   1 
ATOM   604  C CB  . GLU A 1 87  ? 0.535   -12.532 14.254  1.00 21.97  ? 98   GLU A CB  1 
ATOM   605  C CG  . GLU A 1 87  ? 1.658   -12.748 15.278  1.00 31.82  ? 98   GLU A CG  1 
ATOM   606  C CD  . GLU A 1 87  ? 1.290   -12.369 16.720  1.00 40.40  ? 98   GLU A CD  1 
ATOM   607  O OE1 . GLU A 1 87  ? 0.934   -13.293 17.493  1.00 41.37  ? 98   GLU A OE1 1 
ATOM   608  O OE2 . GLU A 1 87  ? 1.384   -11.162 17.085  1.00 37.87  ? 98   GLU A OE2 1 
ATOM   609  N N   . GLN A 1 88  ? -0.290  -11.541 10.950  1.00 19.00  ? 99   GLN A N   1 
ATOM   610  C CA  . GLN A 1 88  ? -1.001  -11.906 9.725   1.00 18.01  ? 99   GLN A CA  1 
ATOM   611  C C   . GLN A 1 88  ? -0.225  -11.499 8.495   1.00 18.96  ? 99   GLN A C   1 
ATOM   612  O O   . GLN A 1 88  ? -0.802  -11.431 7.414   1.00 19.71  ? 99   GLN A O   1 
ATOM   613  C CB  . GLN A 1 88  ? -2.357  -11.221 9.661   1.00 17.26  ? 99   GLN A CB  1 
ATOM   614  C CG  . GLN A 1 88  ? -3.304  -11.631 10.761  1.00 17.16  ? 99   GLN A CG  1 
ATOM   615  C CD  . GLN A 1 88  ? -4.543  -10.753 10.830  1.00 16.41  ? 99   GLN A CD  1 
ATOM   616  O OE1 . GLN A 1 88  ? -4.759  -9.879  9.985   1.00 16.15  ? 99   GLN A OE1 1 
ATOM   617  N NE2 . GLN A 1 88  ? -5.362  -10.979 11.841  1.00 12.33  ? 99   GLN A NE2 1 
ATOM   618  N N   . ARG A 1 89  ? 1.072   -11.224 8.654   1.00 19.18  ? 100  ARG A N   1 
ATOM   619  C CA  . ARG A 1 89  ? 1.908   -10.789 7.532   1.00 18.76  ? 100  ARG A CA  1 
ATOM   620  C C   . ARG A 1 89  ? 2.459   -11.904 6.648   1.00 19.62  ? 100  ARG A C   1 
ATOM   621  O O   . ARG A 1 89  ? 2.393   -11.815 5.435   1.00 21.29  ? 100  ARG A O   1 
ATOM   622  C CB  . ARG A 1 89  ? 3.002   -9.854  8.019   1.00 18.55  ? 100  ARG A CB  1 
ATOM   623  C CG  . ARG A 1 89  ? 2.384   -8.693  8.792   1.00 21.71  ? 100  ARG A CG  1 
ATOM   624  C CD  . ARG A 1 89  ? 3.269   -7.471  8.877   1.00 15.41  ? 100  ARG A CD  1 
ATOM   625  N NE  . ARG A 1 89  ? 2.523   -6.319  9.385   1.00 11.72  ? 100  ARG A NE  1 
ATOM   626  C CZ  . ARG A 1 89  ? 3.094   -5.277  9.976   1.00 10.36  ? 100  ARG A CZ  1 
ATOM   627  N NH1 . ARG A 1 89  ? 2.360   -4.262  10.395  1.00 8.11   ? 100  ARG A NH1 1 
ATOM   628  N NH2 . ARG A 1 89  ? 4.406   -5.265  10.153  1.00 9.50   ? 100  ARG A NH2 1 
ATOM   629  N N   . GLY A 1 90  ? 2.991   -12.963 7.238   1.00 21.64  ? 101  GLY A N   1 
ATOM   630  C CA  . GLY A 1 90  ? 3.503   -14.079 6.444   1.00 20.35  ? 101  GLY A CA  1 
ATOM   631  C C   . GLY A 1 90  ? 4.913   -13.825 5.975   1.00 20.42  ? 101  GLY A C   1 
ATOM   632  O O   . GLY A 1 90  ? 5.735   -13.325 6.741   1.00 20.04  ? 101  GLY A O   1 
ATOM   633  N N   . THR A 1 91  ? 5.198   -14.170 4.717   1.00 20.91  ? 102  THR A N   1 
ATOM   634  C CA  . THR A 1 91  ? 6.554   -14.008 4.165   1.00 20.80  ? 102  THR A CA  1 
ATOM   635  C C   . THR A 1 91  ? 6.594   -12.937 3.083   1.00 20.28  ? 102  THR A C   1 
ATOM   636  O O   . THR A 1 91  ? 7.669   -12.431 2.731   1.00 22.22  ? 102  THR A O   1 
ATOM   637  C CB  . THR A 1 91  ? 7.150   -15.327 3.569   1.00 21.74  ? 102  THR A CB  1 
ATOM   638  O OG1 . THR A 1 91  ? 6.257   -15.863 2.583   1.00 21.58  ? 102  THR A OG1 1 
ATOM   639  C CG2 . THR A 1 91  ? 7.451   -16.393 4.657   1.00 23.04  ? 102  THR A CG2 1 
ATOM   640  N N   . HIS A 1 92  ? 5.432   -12.584 2.549   1.00 17.54  ? 103  HIS A N   1 
ATOM   641  C CA  . HIS A 1 92  ? 5.405   -11.599 1.482   1.00 15.28  ? 103  HIS A CA  1 
ATOM   642  C C   . HIS A 1 92  ? 4.280   -10.581 1.671   1.00 14.50  ? 103  HIS A C   1 
ATOM   643  O O   . HIS A 1 92  ? 3.295   -10.563 0.934   1.00 14.51  ? 103  HIS A O   1 
ATOM   644  C CB  . HIS A 1 92  ? 5.302   -12.289 0.126   1.00 14.72  ? 103  HIS A CB  1 
ATOM   645  C CG  . HIS A 1 92  ? 6.402   -13.275 -0.142  1.00 16.39  ? 103  HIS A CG  1 
ATOM   646  N ND1 . HIS A 1 92  ? 6.350   -14.586 0.288   1.00 12.42  ? 103  HIS A ND1 1 
ATOM   647  C CD2 . HIS A 1 92  ? 7.562   -13.153 -0.831  1.00 12.64  ? 103  HIS A CD2 1 
ATOM   648  C CE1 . HIS A 1 92  ? 7.440   -15.221 -0.102  1.00 11.06  ? 103  HIS A CE1 1 
ATOM   649  N NE2 . HIS A 1 92  ? 8.192   -14.374 -0.783  1.00 14.22  ? 103  HIS A NE2 1 
ATOM   650  N N   . ALA A 1 93  ? 4.430   -9.738  2.680   1.00 12.85  ? 104  ALA A N   1 
ATOM   651  C CA  . ALA A 1 93  ? 3.491   -8.668  2.892   1.00 11.13  ? 104  ALA A CA  1 
ATOM   652  C C   . ALA A 1 93  ? 4.056   -7.453  2.191   1.00 10.44  ? 104  ALA A C   1 
ATOM   653  O O   . ALA A 1 93  ? 5.002   -6.827  2.678   1.00 12.29  ? 104  ALA A O   1 
ATOM   654  C CB  . ALA A 1 93  ? 3.330   -8.408  4.364   1.00 12.23  ? 104  ALA A CB  1 
ATOM   655  N N   . VAL A 1 94  ? 3.482   -7.119  1.043   1.00 8.56   ? 105  VAL A N   1 
ATOM   656  C CA  . VAL A 1 94  ? 3.956   -5.995  0.258   1.00 6.98   ? 105  VAL A CA  1 
ATOM   657  C C   . VAL A 1 94  ? 2.845   -4.935  0.175   1.00 7.97   ? 105  VAL A C   1 
ATOM   658  O O   . VAL A 1 94  ? 1.700   -5.249  -0.164  1.00 6.78   ? 105  VAL A O   1 
ATOM   659  C CB  . VAL A 1 94  ? 4.368   -6.445  -1.171  1.00 6.67   ? 105  VAL A CB  1 
ATOM   660  C CG1 . VAL A 1 94  ? 5.072   -5.325  -1.926  1.00 8.88   ? 105  VAL A CG1 1 
ATOM   661  C CG2 . VAL A 1 94  ? 5.272   -7.651  -1.127  1.00 3.74   ? 105  VAL A CG2 1 
ATOM   662  N N   . VAL A 1 95  ? 3.205   -3.688  0.484   1.00 8.95   ? 106  VAL A N   1 
ATOM   663  C CA  . VAL A 1 95  ? 2.280   -2.558  0.519   1.00 9.09   ? 106  VAL A CA  1 
ATOM   664  C C   . VAL A 1 95  ? 2.755   -1.440  -0.410  1.00 9.48   ? 106  VAL A C   1 
ATOM   665  O O   . VAL A 1 95  ? 3.912   -1.006  -0.324  1.00 9.78   ? 106  VAL A O   1 
ATOM   666  C CB  . VAL A 1 95  ? 2.211   -1.951  1.936   1.00 10.44  ? 106  VAL A CB  1 
ATOM   667  C CG1 . VAL A 1 95  ? 1.262   -0.774  1.967   1.00 10.01  ? 106  VAL A CG1 1 
ATOM   668  C CG2 . VAL A 1 95  ? 1.789   -2.989  2.963   1.00 11.49  ? 106  VAL A CG2 1 
ATOM   669  N N   . GLY A 1 96  ? 1.864   -0.963  -1.279  1.00 8.55   ? 107  GLY A N   1 
ATOM   670  C CA  . GLY A 1 96  ? 2.212   0.077   -2.241  1.00 7.59   ? 107  GLY A CA  1 
ATOM   671  C C   . GLY A 1 96  ? 1.063   0.584   -3.118  1.00 7.09   ? 107  GLY A C   1 
ATOM   672  O O   . GLY A 1 96  ? -0.052  0.841   -2.623  1.00 5.57   ? 107  GLY A O   1 
ATOM   673  N N   . VAL A 1 97  ? 1.353   0.740   -4.417  1.00 5.00   ? 108  VAL A N   1 
ATOM   674  C CA  . VAL A 1 97  ? 0.403   1.249   -5.394  1.00 6.06   ? 108  VAL A CA  1 
ATOM   675  C C   . VAL A 1 97  ? 0.548   0.500   -6.714  1.00 7.43   ? 108  VAL A C   1 
ATOM   676  O O   . VAL A 1 97  ? 1.534   -0.219  -6.921  1.00 7.76   ? 108  VAL A O   1 
ATOM   677  C CB  . VAL A 1 97  ? 0.587   2.740   -5.673  1.00 5.87   ? 108  VAL A CB  1 
ATOM   678  C CG1 . VAL A 1 97  ? 0.520   3.570   -4.370  1.00 6.11   ? 108  VAL A CG1 1 
ATOM   679  C CG2 . VAL A 1 97  ? 1.906   2.976   -6.409  1.00 7.57   ? 108  VAL A CG2 1 
ATOM   680  N N   . ALA A 1 98  ? -0.433  0.674   -7.600  1.00 7.53   ? 109  ALA A N   1 
ATOM   681  C CA  . ALA A 1 98  ? -0.488  -0.081  -8.863  1.00 8.25   ? 109  ALA A CA  1 
ATOM   682  C C   . ALA A 1 98  ? -1.350  0.582   -9.937  1.00 7.95   ? 109  ALA A C   1 
ATOM   683  O O   . ALA A 1 98  ? -2.422  1.111   -9.653  1.00 7.96   ? 109  ALA A O   1 
ATOM   684  C CB  . ALA A 1 98  ? -0.978  -1.515  -8.610  1.00 6.40   ? 109  ALA A CB  1 
ATOM   685  N N   . THR A 1 99  ? -0.892  0.514   -11.179 1.00 8.35   ? 110  THR A N   1 
ATOM   686  C CA  . THR A 1 99  ? -1.711  0.944   -12.305 1.00 9.48   ? 110  THR A CA  1 
ATOM   687  C C   . THR A 1 99  ? -2.944  0.037   -12.379 1.00 11.58  ? 110  THR A C   1 
ATOM   688  O O   . THR A 1 99  ? -3.042  -0.962  -11.671 1.00 13.65  ? 110  THR A O   1 
ATOM   689  C CB  . THR A 1 99  ? -0.951  0.847   -13.656 1.00 9.34   ? 110  THR A CB  1 
ATOM   690  O OG1 . THR A 1 99  ? -0.767  -0.533  -14.008 1.00 7.03   ? 110  THR A OG1 1 
ATOM   691  C CG2 . THR A 1 99  ? 0.406   1.566   -13.598 1.00 2.16   ? 110  THR A CG2 1 
ATOM   692  N N   . ALA A 1 100 ? -3.891  0.392   -13.227 1.00 11.06  ? 111  ALA A N   1 
ATOM   693  C CA  . ALA A 1 100 ? -5.030  -0.464  -13.456 1.00 12.01  ? 111  ALA A CA  1 
ATOM   694  C C   . ALA A 1 100 ? -4.601  -1.811  -14.080 1.00 13.40  ? 111  ALA A C   1 
ATOM   695  O O   . ALA A 1 100 ? -5.392  -2.763  -14.131 1.00 13.62  ? 111  ALA A O   1 
ATOM   696  C CB  . ALA A 1 100 ? -6.030  0.254   -14.360 1.00 12.20  ? 111  ALA A CB  1 
ATOM   697  N N   . LEU A 1 101 ? -3.359  -1.902  -14.547 1.00 11.41  ? 112  LEU A N   1 
ATOM   698  C CA  . LEU A 1 101 ? -2.936  -3.071  -15.319 1.00 11.02  ? 112  LEU A CA  1 
ATOM   699  C C   . LEU A 1 101 ? -2.160  -4.173  -14.551 1.00 11.22  ? 112  LEU A C   1 
ATOM   700  O O   . LEU A 1 101 ? -1.838  -5.223  -15.101 1.00 10.88  ? 112  LEU A O   1 
ATOM   701  C CB  . LEU A 1 101 ? -2.149  -2.619  -16.568 1.00 9.58   ? 112  LEU A CB  1 
ATOM   702  C CG  . LEU A 1 101 ? -2.716  -1.470  -17.407 1.00 4.99   ? 112  LEU A CG  1 
ATOM   703  C CD1 . LEU A 1 101 ? -1.777  -1.192  -18.559 1.00 2.42   ? 112  LEU A CD1 1 
ATOM   704  C CD2 . LEU A 1 101 ? -4.117  -1.774  -17.915 1.00 4.74   ? 112  LEU A CD2 1 
ATOM   705  N N   . ALA A 1 102 ? -1.852  -3.960  -13.285 1.00 12.02  ? 113  ALA A N   1 
ATOM   706  C CA  . ALA A 1 102 ? -1.099  -4.985  -12.578 1.00 12.60  ? 113  ALA A CA  1 
ATOM   707  C C   . ALA A 1 102 ? -2.012  -6.174  -12.339 1.00 14.00  ? 113  ALA A C   1 
ATOM   708  O O   . ALA A 1 102 ? -3.221  -5.984  -12.097 1.00 15.43  ? 113  ALA A O   1 
ATOM   709  C CB  . ALA A 1 102 ? -0.526  -4.440  -11.255 1.00 12.09  ? 113  ALA A CB  1 
ATOM   710  N N   . PRO A 1 103 ? -1.457  -7.398  -12.458 1.00 13.28  ? 114  PRO A N   1 
ATOM   711  C CA  . PRO A 1 103 ? -2.152  -8.633  -12.131 1.00 12.31  ? 114  PRO A CA  1 
ATOM   712  C C   . PRO A 1 103 ? -2.278  -8.705  -10.639 1.00 10.92  ? 114  PRO A C   1 
ATOM   713  O O   . PRO A 1 103 ? -1.394  -8.243  -9.946  1.00 11.02  ? 114  PRO A O   1 
ATOM   714  C CB  . PRO A 1 103 ? -1.197  -9.721  -12.618 1.00 12.55  ? 114  PRO A CB  1 
ATOM   715  C CG  . PRO A 1 103 ? 0.139   -9.094  -12.576 1.00 17.11  ? 114  PRO A CG  1 
ATOM   716  C CD  . PRO A 1 103 ? -0.105  -7.655  -12.981 1.00 14.69  ? 114  PRO A CD  1 
ATOM   717  N N   . LEU A 1 104 ? -3.370  -9.292  -10.156 1.00 13.23  ? 115  LEU A N   1 
ATOM   718  C CA  . LEU A 1 104 ? -3.750  -9.262  -8.738  1.00 12.91  ? 115  LEU A CA  1 
ATOM   719  C C   . LEU A 1 104 ? -3.765  -10.650 -8.105  1.00 13.09  ? 115  LEU A C   1 
ATOM   720  O O   . LEU A 1 104 ? -4.145  -10.824 -6.940  1.00 13.67  ? 115  LEU A O   1 
ATOM   721  C CB  . LEU A 1 104 ? -5.121  -8.618  -8.586  1.00 13.28  ? 115  LEU A CB  1 
ATOM   722  C CG  . LEU A 1 104 ? -5.132  -7.141  -8.922  1.00 13.20  ? 115  LEU A CG  1 
ATOM   723  C CD1 . LEU A 1 104 ? -6.493  -6.551  -8.621  1.00 9.42   ? 115  LEU A CD1 1 
ATOM   724  C CD2 . LEU A 1 104 ? -4.028  -6.470  -8.105  1.00 13.97  ? 115  LEU A CD2 1 
ATOM   725  N N   . GLN A 1 105 ? -3.365  -11.648 -8.871  1.00 13.36  ? 116  GLN A N   1 
ATOM   726  C CA  . GLN A 1 105 ? -3.125  -12.945 -8.266  1.00 14.34  ? 116  GLN A CA  1 
ATOM   727  C C   . GLN A 1 105 ? -2.113  -13.783 -9.070  1.00 13.80  ? 116  GLN A C   1 
ATOM   728  O O   . GLN A 1 105 ? -1.916  -13.547 -10.279 1.00 11.45  ? 116  GLN A O   1 
ATOM   729  C CB  . GLN A 1 105 ? -4.448  -13.670 -7.917  1.00 14.60  ? 116  GLN A CB  1 
ATOM   730  C CG  . GLN A 1 105 ? -5.265  -14.278 -9.055  1.00 20.52  ? 116  GLN A CG  1 
ATOM   731  C CD  . GLN A 1 105 ? -6.747  -14.450 -8.667  1.00 29.49  ? 116  GLN A CD  1 
ATOM   732  O OE1 . GLN A 1 105 ? -7.452  -13.474 -8.371  1.00 28.27  ? 116  GLN A OE1 1 
ATOM   733  N NE2 . GLN A 1 105 ? -7.218  -15.693 -8.670  1.00 32.08  ? 116  GLN A NE2 1 
ATOM   734  N N   . ALA A 1 106 ? -1.411  -14.682 -8.374  1.00 10.78  ? 117  ALA A N   1 
ATOM   735  C CA  . ALA A 1 106 ? -0.485  -15.596 -9.017  1.00 9.41   ? 117  ALA A CA  1 
ATOM   736  C C   . ALA A 1 106 ? -0.691  -16.960 -8.394  1.00 9.58   ? 117  ALA A C   1 
ATOM   737  O O   . ALA A 1 106 ? -1.158  -17.074 -7.254  1.00 9.59   ? 117  ALA A O   1 
ATOM   738  C CB  . ALA A 1 106 ? 0.948   -15.127 -8.839  1.00 8.16   ? 117  ALA A CB  1 
ATOM   739  N N   . ASP A 1 107 ? -0.350  -18.004 -9.130  1.00 10.20  ? 118  ASP A N   1 
ATOM   740  C CA  . ASP A 1 107 ? -0.563  -19.351 -8.615  1.00 13.25  ? 118  ASP A CA  1 
ATOM   741  C C   . ASP A 1 107 ? 0.644   -20.034 -7.939  1.00 13.34  ? 118  ASP A C   1 
ATOM   742  O O   . ASP A 1 107 ? 0.768   -21.256 -8.017  1.00 13.60  ? 118  ASP A O   1 
ATOM   743  C CB  . ASP A 1 107 ? -1.194  -20.240 -9.686  1.00 13.04  ? 118  ASP A CB  1 
ATOM   744  C CG  . ASP A 1 107 ? -2.651  -19.877 -9.946  1.00 17.47  ? 118  ASP A CG  1 
ATOM   745  O OD1 . ASP A 1 107 ? -3.286  -19.243 -9.067  1.00 21.88  ? 118  ASP A OD1 1 
ATOM   746  O OD2 . ASP A 1 107 ? -3.169  -20.221 -11.024 1.00 16.50  ? 118  ASP A OD2 1 
ATOM   747  N N   . HIS A 1 108 ? 1.505   -19.224 -7.292  1.00 12.59  ? 119  HIS A N   1 
ATOM   748  C CA  . HIS A 1 108 ? 2.684   -19.631 -6.508  1.00 11.97  ? 119  HIS A CA  1 
ATOM   749  C C   . HIS A 1 108 ? 2.939   -18.527 -5.491  1.00 12.92  ? 119  HIS A C   1 
ATOM   750  O O   . HIS A 1 108 ? 2.276   -17.479 -5.514  1.00 12.30  ? 119  HIS A O   1 
ATOM   751  C CB  . HIS A 1 108 ? 3.916   -19.740 -7.396  1.00 11.71  ? 119  HIS A CB  1 
ATOM   752  C CG  . HIS A 1 108 ? 4.190   -18.491 -8.158  1.00 16.18  ? 119  HIS A CG  1 
ATOM   753  N ND1 . HIS A 1 108 ? 3.621   -18.236 -9.387  1.00 21.54  ? 119  HIS A ND1 1 
ATOM   754  C CD2 . HIS A 1 108 ? 4.909   -17.390 -7.837  1.00 20.70  ? 119  HIS A CD2 1 
ATOM   755  C CE1 . HIS A 1 108 ? 4.008   -17.044 -9.808  1.00 23.96  ? 119  HIS A CE1 1 
ATOM   756  N NE2 . HIS A 1 108 ? 4.788   -16.509 -8.883  1.00 23.73  ? 119  HIS A NE2 1 
ATOM   757  N N   . TYR A 1 109 ? 3.907   -18.735 -4.604  1.00 13.91  ? 120  TYR A N   1 
ATOM   758  C CA  . TYR A 1 109 ? 4.197   -17.734 -3.586  1.00 13.85  ? 120  TYR A CA  1 
ATOM   759  C C   . TYR A 1 109 ? 5.270   -16.765 -4.055  1.00 14.69  ? 120  TYR A C   1 
ATOM   760  O O   . TYR A 1 109 ? 6.379   -17.157 -4.439  1.00 15.67  ? 120  TYR A O   1 
ATOM   761  C CB  . TYR A 1 109 ? 4.572   -18.368 -2.246  1.00 13.50  ? 120  TYR A CB  1 
ATOM   762  C CG  . TYR A 1 109 ? 3.439   -19.108 -1.558  1.00 12.99  ? 120  TYR A CG  1 
ATOM   763  C CD1 . TYR A 1 109 ? 3.535   -20.475 -1.284  1.00 18.39  ? 120  TYR A CD1 1 
ATOM   764  C CD2 . TYR A 1 109 ? 2.283   -18.448 -1.180  1.00 11.23  ? 120  TYR A CD2 1 
ATOM   765  C CE1 . TYR A 1 109 ? 2.505   -21.150 -0.646  1.00 18.02  ? 120  TYR A CE1 1 
ATOM   766  C CE2 . TYR A 1 109 ? 1.243   -19.116 -0.557  1.00 8.97   ? 120  TYR A CE2 1 
ATOM   767  C CZ  . TYR A 1 109 ? 1.358   -20.459 -0.292  1.00 16.91  ? 120  TYR A CZ  1 
ATOM   768  O OH  . TYR A 1 109 ? 0.336   -21.132 0.345   1.00 20.88  ? 120  TYR A OH  1 
ATOM   769  N N   . ALA A 1 110 ? 4.921   -15.487 -4.015  1.00 15.56  ? 121  ALA A N   1 
ATOM   770  C CA  . ALA A 1 110 ? 5.820   -14.429 -4.451  1.00 16.21  ? 121  ALA A CA  1 
ATOM   771  C C   . ALA A 1 110 ? 5.453   -13.049 -3.896  1.00 16.71  ? 121  ALA A C   1 
ATOM   772  O O   . ALA A 1 110 ? 4.358   -12.833 -3.348  1.00 15.79  ? 121  ALA A O   1 
ATOM   773  C CB  . ALA A 1 110 ? 5.877   -14.372 -5.976  1.00 15.22  ? 121  ALA A CB  1 
ATOM   774  N N   . ALA A 1 111 ? 6.407   -12.129 -4.030  1.00 16.15  ? 122  ALA A N   1 
ATOM   775  C CA  . ALA A 1 111 ? 6.177   -10.727 -3.779  1.00 16.34  ? 122  ALA A CA  1 
ATOM   776  C C   . ALA A 1 111 ? 5.545   -10.217 -5.052  1.00 16.91  ? 122  ALA A C   1 
ATOM   777  O O   . ALA A 1 111 ? 6.228   -9.693  -5.928  1.00 18.35  ? 122  ALA A O   1 
ATOM   778  C CB  . ALA A 1 111 ? 7.479   -10.018 -3.521  1.00 15.04  ? 122  ALA A CB  1 
ATOM   779  N N   . LEU A 1 112 ? 4.237   -10.397 -5.151  1.00 15.26  ? 123  LEU A N   1 
ATOM   780  C CA  . LEU A 1 112 ? 3.510   -10.096 -6.369  1.00 15.31  ? 123  LEU A CA  1 
ATOM   781  C C   . LEU A 1 112 ? 3.462   -8.616  -6.671  1.00 16.00  ? 123  LEU A C   1 
ATOM   782  O O   . LEU A 1 112 ? 3.673   -8.213  -7.819  1.00 16.54  ? 123  LEU A O   1 
ATOM   783  C CB  . LEU A 1 112 ? 2.079   -10.622 -6.283  1.00 15.71  ? 123  LEU A CB  1 
ATOM   784  C CG  . LEU A 1 112 ? 1.249   -10.362 -7.535  1.00 11.72  ? 123  LEU A CG  1 
ATOM   785  C CD1 . LEU A 1 112 ? 1.816   -11.187 -8.666  1.00 8.79   ? 123  LEU A CD1 1 
ATOM   786  C CD2 . LEU A 1 112 ? -0.230  -10.653 -7.291  1.00 7.38   ? 123  LEU A CD2 1 
ATOM   787  N N   . LEU A 1 113 ? 3.142   -7.810  -5.662  1.00 16.05  ? 124  LEU A N   1 
ATOM   788  C CA  . LEU A 1 113 ? 3.135   -6.363  -5.856  1.00 14.51  ? 124  LEU A CA  1 
ATOM   789  C C   . LEU A 1 113 ? 4.567   -5.834  -6.022  1.00 14.74  ? 124  LEU A C   1 
ATOM   790  O O   . LEU A 1 113 ? 5.346   -5.819  -5.081  1.00 14.61  ? 124  LEU A O   1 
ATOM   791  C CB  . LEU A 1 113 ? 2.412   -5.647  -4.712  1.00 12.68  ? 124  LEU A CB  1 
ATOM   792  C CG  . LEU A 1 113 ? 2.239   -4.135  -4.931  1.00 12.68  ? 124  LEU A CG  1 
ATOM   793  C CD1 . LEU A 1 113 ? 1.294   -3.798  -6.128  1.00 12.49  ? 124  LEU A CD1 1 
ATOM   794  C CD2 . LEU A 1 113 ? 1.817   -3.406  -3.645  1.00 9.68   ? 124  LEU A CD2 1 
ATOM   795  N N   . GLY A 1 114 ? 4.905   -5.396  -7.230  1.00 15.34  ? 125  GLY A N   1 
ATOM   796  C CA  . GLY A 1 114 ? 6.227   -4.851  -7.517  1.00 14.98  ? 125  GLY A CA  1 
ATOM   797  C C   . GLY A 1 114 ? 7.060   -5.750  -8.421  1.00 16.04  ? 125  GLY A C   1 
ATOM   798  O O   . GLY A 1 114 ? 8.203   -5.414  -8.745  1.00 19.04  ? 125  GLY A O   1 
ATOM   799  N N   . SER A 1 115 ? 6.502   -6.889  -8.829  1.00 13.00  ? 126  SER A N   1 
ATOM   800  C CA  . SER A 1 115 ? 7.259   -7.884  -9.582  1.00 13.18  ? 126  SER A CA  1 
ATOM   801  C C   . SER A 1 115 ? 7.147   -7.632  -11.076 1.00 14.19  ? 126  SER A C   1 
ATOM   802  O O   . SER A 1 115 ? 7.526   -8.470  -11.896 1.00 14.16  ? 126  SER A O   1 
ATOM   803  C CB  . SER A 1 115 ? 6.721   -9.279  -9.299  1.00 12.39  ? 126  SER A CB  1 
ATOM   804  O OG  . SER A 1 115 ? 5.442   -9.420  -9.887  1.00 15.28  ? 126  SER A OG  1 
ATOM   805  N N   . ASN A 1 116 ? 6.585   -6.487  -11.427 1.00 14.42  ? 127  ASN A N   1 
ATOM   806  C CA  . ASN A 1 116 ? 6.389   -6.124  -12.823 1.00 14.38  ? 127  ASN A CA  1 
ATOM   807  C C   . ASN A 1 116 ? 6.554   -4.608  -12.925 1.00 14.74  ? 127  ASN A C   1 
ATOM   808  O O   . ASN A 1 116 ? 6.984   -3.967  -11.961 1.00 16.46  ? 127  ASN A O   1 
ATOM   809  C CB  . ASN A 1 116 ? 5.020   -6.604  -13.306 1.00 13.39  ? 127  ASN A CB  1 
ATOM   810  C CG  . ASN A 1 116 ? 3.900   -6.163  -12.394 1.00 16.04  ? 127  ASN A CG  1 
ATOM   811  O OD1 . ASN A 1 116 ? 3.807   -4.990  -12.056 1.00 19.84  ? 127  ASN A OD1 1 
ATOM   812  N ND2 . ASN A 1 116 ? 3.046   -7.097  -11.984 1.00 17.90  ? 127  ASN A ND2 1 
ATOM   813  N N   . SER A 1 117 ? 6.241   -4.016  -14.067 1.00 13.73  ? 128  SER A N   1 
ATOM   814  C CA  . SER A 1 117 ? 6.446   -2.581  -14.206 1.00 13.18  ? 128  SER A CA  1 
ATOM   815  C C   . SER A 1 117 ? 5.149   -1.803  -14.004 1.00 11.86  ? 128  SER A C   1 
ATOM   816  O O   . SER A 1 117 ? 5.091   -0.612  -14.274 1.00 9.91   ? 128  SER A O   1 
ATOM   817  C CB  . SER A 1 117 ? 7.010   -2.284  -15.581 1.00 12.78  ? 128  SER A CB  1 
ATOM   818  O OG  . SER A 1 117 ? 6.145   -2.864  -16.531 1.00 16.33  ? 128  SER A OG  1 
ATOM   819  N N   . GLU A 1 118 ? 4.121   -2.485  -13.508 1.00 12.94  ? 129  GLU A N   1 
ATOM   820  C CA  . GLU A 1 118 ? 2.809   -1.867  -13.289 1.00 15.15  ? 129  GLU A CA  1 
ATOM   821  C C   . GLU A 1 118 ? 2.490   -1.671  -11.791 1.00 15.02  ? 129  GLU A C   1 
ATOM   822  O O   . GLU A 1 118 ? 1.348   -1.365  -11.417 1.00 16.55  ? 129  GLU A O   1 
ATOM   823  C CB  . GLU A 1 118 ? 1.712   -2.675  -14.011 1.00 14.92  ? 129  GLU A CB  1 
ATOM   824  C CG  . GLU A 1 118 ? 1.930   -2.767  -15.523 1.00 16.45  ? 129  GLU A CG  1 
ATOM   825  C CD  . GLU A 1 118 ? 1.756   -1.426  -16.215 1.00 24.86  ? 129  GLU A CD  1 
ATOM   826  O OE1 . GLU A 1 118 ? 0.930   -0.627  -15.734 1.00 27.86  ? 129  GLU A OE1 1 
ATOM   827  O OE2 . GLU A 1 118 ? 2.427   -1.159  -17.243 1.00 30.86  ? 129  GLU A OE2 1 
ATOM   828  N N   . SER A 1 119 ? 3.506   -1.818  -10.943 1.00 13.62  ? 130  SER A N   1 
ATOM   829  C CA  . SER A 1 119 ? 3.303   -1.738  -9.495  1.00 13.82  ? 130  SER A CA  1 
ATOM   830  C C   . SER A 1 119 ? 4.567   -1.394  -8.702  1.00 13.43  ? 130  SER A C   1 
ATOM   831  O O   . SER A 1 119 ? 5.691   -1.652  -9.146  1.00 14.06  ? 130  SER A O   1 
ATOM   832  C CB  . SER A 1 119 ? 2.722   -3.048  -8.982  1.00 12.76  ? 130  SER A CB  1 
ATOM   833  O OG  . SER A 1 119 ? 3.456   -4.122  -9.543  1.00 16.90  ? 130  SER A OG  1 
ATOM   834  N N   . TRP A 1 120 ? 4.365   -0.833  -7.512  1.00 12.04  ? 131  TRP A N   1 
ATOM   835  C CA  . TRP A 1 120 ? 5.465   -0.458  -6.644  1.00 11.57  ? 131  TRP A CA  1 
ATOM   836  C C   . TRP A 1 120 ? 5.145   -0.939  -5.242  1.00 11.66  ? 131  TRP A C   1 
ATOM   837  O O   . TRP A 1 120 ? 4.095   -0.625  -4.699  1.00 13.53  ? 131  TRP A O   1 
ATOM   838  C CB  . TRP A 1 120 ? 5.650   1.065   -6.660  1.00 12.04  ? 131  TRP A CB  1 
ATOM   839  C CG  . TRP A 1 120 ? 6.041   1.618   -8.027  1.00 11.93  ? 131  TRP A CG  1 
ATOM   840  C CD1 . TRP A 1 120 ? 7.259   2.099   -8.389  1.00 11.99  ? 131  TRP A CD1 1 
ATOM   841  C CD2 . TRP A 1 120 ? 5.207   1.718   -9.200  1.00 11.53  ? 131  TRP A CD2 1 
ATOM   842  N NE1 . TRP A 1 120 ? 7.246   2.499   -9.705  1.00 16.30  ? 131  TRP A NE1 1 
ATOM   843  C CE2 . TRP A 1 120 ? 5.996   2.288   -10.223 1.00 12.53  ? 131  TRP A CE2 1 
ATOM   844  C CE3 . TRP A 1 120 ? 3.876   1.392   -9.479  1.00 8.79   ? 131  TRP A CE3 1 
ATOM   845  C CZ2 . TRP A 1 120 ? 5.501   2.536   -11.501 1.00 9.95   ? 131  TRP A CZ2 1 
ATOM   846  C CZ3 . TRP A 1 120 ? 3.382   1.641   -10.746 1.00 10.04  ? 131  TRP A CZ3 1 
ATOM   847  C CH2 . TRP A 1 120 ? 4.197   2.210   -11.745 1.00 10.75  ? 131  TRP A CH2 1 
ATOM   848  N N   . GLY A 1 121 ? 6.031   -1.716  -4.640  1.00 10.97  ? 132  GLY A N   1 
ATOM   849  C CA  . GLY A 1 121 ? 5.690   -2.298  -3.353  1.00 11.79  ? 132  GLY A CA  1 
ATOM   850  C C   . GLY A 1 121 ? 6.777   -2.115  -2.312  1.00 12.25  ? 132  GLY A C   1 
ATOM   851  O O   . GLY A 1 121 ? 7.954   -2.126  -2.639  1.00 12.67  ? 132  GLY A O   1 
ATOM   852  N N   . TRP A 1 122 ? 6.389   -1.922  -1.058  1.00 11.44  ? 133  TRP A N   1 
ATOM   853  C CA  . TRP A 1 122 ? 7.351   -1.999  0.006   1.00 11.74  ? 133  TRP A CA  1 
ATOM   854  C C   . TRP A 1 122 ? 7.065   -3.291  0.699   1.00 11.88  ? 133  TRP A C   1 
ATOM   855  O O   . TRP A 1 122 ? 5.913   -3.562  1.027   1.00 11.38  ? 133  TRP A O   1 
ATOM   856  C CB  . TRP A 1 122 ? 7.165   -0.874  1.008   1.00 12.72  ? 133  TRP A CB  1 
ATOM   857  C CG  . TRP A 1 122 ? 8.234   -0.832  2.081   1.00 15.19  ? 133  TRP A CG  1 
ATOM   858  C CD1 . TRP A 1 122 ? 9.518   -1.317  2.001   1.00 18.35  ? 133  TRP A CD1 1 
ATOM   859  C CD2 . TRP A 1 122 ? 8.125   -0.221  3.367   1.00 15.18  ? 133  TRP A CD2 1 
ATOM   860  N NE1 . TRP A 1 122 ? 10.191  -1.070  3.168   1.00 16.23  ? 133  TRP A NE1 1 
ATOM   861  C CE2 . TRP A 1 122 ? 9.364   -0.387  4.018   1.00 13.83  ? 133  TRP A CE2 1 
ATOM   862  C CE3 . TRP A 1 122 ? 7.100   0.452   4.032   1.00 12.83  ? 133  TRP A CE3 1 
ATOM   863  C CZ2 . TRP A 1 122 ? 9.599   0.089   5.297   1.00 15.90  ? 133  TRP A CZ2 1 
ATOM   864  C CZ3 . TRP A 1 122 ? 7.337   0.917   5.312   1.00 12.20  ? 133  TRP A CZ3 1 
ATOM   865  C CH2 . TRP A 1 122 ? 8.570   0.735   5.929   1.00 13.79  ? 133  TRP A CH2 1 
ATOM   866  N N   . ASP A 1 123 ? 8.117   -4.080  0.907   1.00 11.79  ? 134  ASP A N   1 
ATOM   867  C CA  . ASP A 1 123 ? 8.037   -5.318  1.650   1.00 10.67  ? 134  ASP A CA  1 
ATOM   868  C C   . ASP A 1 123 ? 8.173   -4.954  3.116   1.00 10.76  ? 134  ASP A C   1 
ATOM   869  O O   . ASP A 1 123 ? 9.290   -4.753  3.626   1.00 10.30  ? 134  ASP A O   1 
ATOM   870  C CB  . ASP A 1 123 ? 9.157   -6.257  1.213   1.00 11.09  ? 134  ASP A CB  1 
ATOM   871  C CG  . ASP A 1 123 ? 9.015   -7.663  1.789   1.00 13.85  ? 134  ASP A CG  1 
ATOM   872  O OD1 . ASP A 1 123 ? 8.512   -7.841  2.929   1.00 11.81  ? 134  ASP A OD1 1 
ATOM   873  O OD2 . ASP A 1 123 ? 9.442   -8.601  1.088   1.00 14.59  ? 134  ASP A OD2 1 
ATOM   874  N N   . ILE A 1 124 ? 7.027   -4.854  3.788   1.00 9.56   ? 135  ILE A N   1 
ATOM   875  C CA  . ILE A 1 124 ? 6.986   -4.372  5.161   1.00 8.75   ? 135  ILE A CA  1 
ATOM   876  C C   . ILE A 1 124 ? 7.506   -5.416  6.180   1.00 9.92   ? 135  ILE A C   1 
ATOM   877  O O   . ILE A 1 124 ? 7.434   -5.209  7.404   1.00 9.43   ? 135  ILE A O   1 
ATOM   878  C CB  . ILE A 1 124 ? 5.564   -3.917  5.542   1.00 8.44   ? 135  ILE A CB  1 
ATOM   879  C CG1 . ILE A 1 124 ? 4.580   -5.085  5.478   1.00 6.19   ? 135  ILE A CG1 1 
ATOM   880  C CG2 . ILE A 1 124 ? 5.097   -2.768  4.653   1.00 7.01   ? 135  ILE A CG2 1 
ATOM   881  C CD1 . ILE A 1 124 ? 3.250   -4.764  6.178   1.00 5.91   ? 135  ILE A CD1 1 
ATOM   882  N N   . GLY A 1 125 ? 8.034   -6.525  5.667   1.00 8.37   ? 136  GLY A N   1 
ATOM   883  C CA  . GLY A 1 125 ? 8.641   -7.542  6.510   1.00 10.16  ? 136  GLY A CA  1 
ATOM   884  C C   . GLY A 1 125 ? 10.162  -7.475  6.464   1.00 12.06  ? 136  GLY A C   1 
ATOM   885  O O   . GLY A 1 125 ? 10.808  -7.422  7.495   1.00 12.46  ? 136  GLY A O   1 
ATOM   886  N N   . ARG A 1 126 ? 10.746  -7.491  5.269   1.00 14.86  ? 137  ARG A N   1 
ATOM   887  C CA  . ARG A 1 126 ? 12.201  -7.366  5.148   1.00 16.56  ? 137  ARG A CA  1 
ATOM   888  C C   . ARG A 1 126 ? 12.702  -6.023  4.624   1.00 15.73  ? 137  ARG A C   1 
ATOM   889  O O   . ARG A 1 126 ? 13.903  -5.808  4.583   1.00 16.19  ? 137  ARG A O   1 
ATOM   890  C CB  . ARG A 1 126 ? 12.789  -8.506  4.322   1.00 17.91  ? 137  ARG A CB  1 
ATOM   891  C CG  . ARG A 1 126 ? 11.897  -8.994  3.220   1.00 21.75  ? 137  ARG A CG  1 
ATOM   892  C CD  . ARG A 1 126 ? 12.262  -10.419 2.792   1.00 23.47  ? 137  ARG A CD  1 
ATOM   893  N NE  . ARG A 1 126 ? 11.209  -10.950 1.926   1.00 29.99  ? 137  ARG A NE  1 
ATOM   894  C CZ  . ARG A 1 126 ? 10.773  -12.203 1.932   1.00 30.41  ? 137  ARG A CZ  1 
ATOM   895  N NH1 . ARG A 1 126 ? 11.292  -13.102 2.754   1.00 35.78  ? 137  ARG A NH1 1 
ATOM   896  N NH2 . ARG A 1 126 ? 9.807   -12.554 1.109   1.00 35.85  ? 137  ARG A NH2 1 
ATOM   897  N N   . GLY A 1 127 ? 11.785  -5.134  4.234   1.00 15.06  ? 138  GLY A N   1 
ATOM   898  C CA  . GLY A 1 127 ? 12.106  -3.753  3.889   1.00 12.72  ? 138  GLY A CA  1 
ATOM   899  C C   . GLY A 1 127 ? 12.765  -3.602  2.537   1.00 13.41  ? 138  GLY A C   1 
ATOM   900  O O   . GLY A 1 127 ? 13.633  -2.757  2.353   1.00 14.62  ? 138  GLY A O   1 
ATOM   901  N N   . LYS A 1 128 ? 12.372  -4.440  1.593   1.00 13.13  ? 139  LYS A N   1 
ATOM   902  C CA  . LYS A 1 128 ? 12.857  -4.319  0.231   1.00 14.25  ? 139  LYS A CA  1 
ATOM   903  C C   . LYS A 1 128 ? 11.881  -3.514  -0.612  1.00 14.13  ? 139  LYS A C   1 
ATOM   904  O O   . LYS A 1 128 ? 10.678  -3.502  -0.350  1.00 14.23  ? 139  LYS A O   1 
ATOM   905  C CB  . LYS A 1 128 ? 13.036  -5.703  -0.389  1.00 14.54  ? 139  LYS A CB  1 
ATOM   906  C CG  . LYS A 1 128 ? 14.264  -6.411  0.052   1.00 13.66  ? 139  LYS A CG  1 
ATOM   907  C CD  . LYS A 1 128 ? 13.977  -7.892  0.212   1.00 20.77  ? 139  LYS A CD  1 
ATOM   908  C CE  . LYS A 1 128 ? 15.250  -8.651  0.600   1.00 25.84  ? 139  LYS A CE  1 
ATOM   909  N NZ  . LYS A 1 128 ? 16.208  -8.732  -0.542  1.00 23.24  ? 139  LYS A NZ  1 
ATOM   910  N N   . LEU A 1 129 ? 12.409  -2.842  -1.624  1.00 14.50  ? 140  LEU A N   1 
ATOM   911  C CA  . LEU A 1 129 ? 11.583  -2.099  -2.562  1.00 14.42  ? 140  LEU A CA  1 
ATOM   912  C C   . LEU A 1 129 ? 11.419  -2.927  -3.825  1.00 14.58  ? 140  LEU A C   1 
ATOM   913  O O   . LEU A 1 129 ? 12.409  -3.345  -4.428  1.00 14.39  ? 140  LEU A O   1 
ATOM   914  C CB  . LEU A 1 129 ? 12.235  -0.761  -2.892  1.00 14.26  ? 140  LEU A CB  1 
ATOM   915  C CG  . LEU A 1 129 ? 12.492  0.157   -1.699  1.00 14.87  ? 140  LEU A CG  1 
ATOM   916  C CD1 . LEU A 1 129 ? 13.013  1.504   -2.176  1.00 8.54   ? 140  LEU A CD1 1 
ATOM   917  C CD2 . LEU A 1 129 ? 11.187  0.308   -0.940  1.00 15.68  ? 140  LEU A CD2 1 
ATOM   918  N N   . TYR A 1 130 ? 10.172  -3.177  -4.217  1.00 14.40  ? 141  TYR A N   1 
ATOM   919  C CA  . TYR A 1 130 ? 9.908   -3.948  -5.431  1.00 14.82  ? 141  TYR A CA  1 
ATOM   920  C C   . TYR A 1 130 ? 9.311   -3.102  -6.539  1.00 16.23  ? 141  TYR A C   1 
ATOM   921  O O   . TYR A 1 130 ? 8.230   -2.524  -6.396  1.00 17.61  ? 141  TYR A O   1 
ATOM   922  C CB  . TYR A 1 130 ? 8.966   -5.126  -5.152  1.00 15.23  ? 141  TYR A CB  1 
ATOM   923  C CG  . TYR A 1 130 ? 9.450   -6.073  -4.091  1.00 12.52  ? 141  TYR A CG  1 
ATOM   924  C CD1 . TYR A 1 130 ? 8.701   -6.297  -2.946  1.00 11.65  ? 141  TYR A CD1 1 
ATOM   925  C CD2 . TYR A 1 130 ? 10.667  -6.733  -4.227  1.00 12.58  ? 141  TYR A CD2 1 
ATOM   926  C CE1 . TYR A 1 130 ? 9.151   -7.165  -1.964  1.00 16.15  ? 141  TYR A CE1 1 
ATOM   927  C CE2 . TYR A 1 130 ? 11.125  -7.591  -3.259  1.00 13.16  ? 141  TYR A CE2 1 
ATOM   928  C CZ  . TYR A 1 130 ? 10.362  -7.805  -2.129  1.00 15.35  ? 141  TYR A CZ  1 
ATOM   929  O OH  . TYR A 1 130 ? 10.818  -8.661  -1.163  1.00 20.17  ? 141  TYR A OH  1 
ATOM   930  N N   . HIS A 1 131 ? 10.027  -3.032  -7.649  1.00 17.42  ? 142  HIS A N   1 
ATOM   931  C CA  . HIS A 1 131 ? 9.476   -2.524  -8.894  1.00 19.19  ? 142  HIS A CA  1 
ATOM   932  C C   . HIS A 1 131 ? 10.249  -3.232  -9.981  1.00 22.39  ? 142  HIS A C   1 
ATOM   933  O O   . HIS A 1 131 ? 11.479  -3.234  -9.962  1.00 22.51  ? 142  HIS A O   1 
ATOM   934  C CB  . HIS A 1 131 ? 9.637   -1.007  -9.014  1.00 17.33  ? 142  HIS A CB  1 
ATOM   935  C CG  . HIS A 1 131 ? 9.132   -0.455  -10.306 1.00 14.80  ? 142  HIS A CG  1 
ATOM   936  N ND1 . HIS A 1 131 ? 7.849   -0.683  -10.761 1.00 13.15  ? 142  HIS A ND1 1 
ATOM   937  C CD2 . HIS A 1 131 ? 9.736   0.312   -11.243 1.00 13.51  ? 142  HIS A CD2 1 
ATOM   938  C CE1 . HIS A 1 131 ? 7.689   -0.083  -11.928 1.00 16.06  ? 142  HIS A CE1 1 
ATOM   939  N NE2 . HIS A 1 131 ? 8.820   0.527   -12.244 1.00 14.40  ? 142  HIS A NE2 1 
ATOM   940  N N   . GLN A 1 132 ? 9.538   -3.868  -10.908 1.00 26.12  ? 143  GLN A N   1 
ATOM   941  C CA  . GLN A 1 132 ? 10.174  -4.733  -11.913 1.00 30.57  ? 143  GLN A CA  1 
ATOM   942  C C   . GLN A 1 132 ? 11.161  -5.711  -11.271 1.00 33.04  ? 143  GLN A C   1 
ATOM   943  O O   . GLN A 1 132 ? 12.279  -5.848  -11.751 1.00 32.75  ? 143  GLN A O   1 
ATOM   944  C CB  . GLN A 1 132 ? 10.905  -3.899  -12.974 1.00 31.11  ? 143  GLN A CB  1 
ATOM   945  C CG  . GLN A 1 132 ? 10.019  -2.918  -13.724 1.00 34.91  ? 143  GLN A CG  1 
ATOM   946  C CD  . GLN A 1 132 ? 10.778  -2.044  -14.709 1.00 42.04  ? 143  GLN A CD  1 
ATOM   947  O OE1 . GLN A 1 132 ? 11.856  -1.528  -14.406 1.00 46.77  ? 143  GLN A OE1 1 
ATOM   948  N NE2 . GLN A 1 132 ? 10.198  -1.850  -15.894 1.00 45.90  ? 143  GLN A NE2 1 
ATOM   949  N N   . SER A 1 133 ? 10.749  -6.390  -10.203 1.00 36.20  ? 144  SER A N   1 
ATOM   950  C CA  . SER A 1 133 ? 11.660  -7.238  -9.437  1.00 40.96  ? 144  SER A CA  1 
ATOM   951  C C   . SER A 1 133 ? 11.956  -8.640  -9.992  1.00 44.20  ? 144  SER A C   1 
ATOM   952  O O   . SER A 1 133 ? 13.022  -9.185  -9.726  1.00 46.03  ? 144  SER A O   1 
ATOM   953  C CB  . SER A 1 133 ? 11.206  -7.341  -7.985  1.00 41.85  ? 144  SER A CB  1 
ATOM   954  O OG  . SER A 1 133 ? 11.971  -6.466  -7.172  1.00 44.96  ? 144  SER A OG  1 
ATOM   955  N N   . LYS A 1 134 ? 11.025  -9.240  -10.730 1.00 46.73  ? 145  LYS A N   1 
ATOM   956  C CA  . LYS A 1 134 ? 11.298  -10.539 -11.348 1.00 48.19  ? 145  LYS A CA  1 
ATOM   957  C C   . LYS A 1 134 ? 12.478  -10.413 -12.318 1.00 49.05  ? 145  LYS A C   1 
ATOM   958  O O   . LYS A 1 134 ? 12.297  -10.253 -13.531 1.00 49.86  ? 145  LYS A O   1 
ATOM   959  C CB  . LYS A 1 134 ? 10.049  -11.088 -12.060 1.00 47.89  ? 145  LYS A CB  1 
ATOM   960  N N   . ALA A 1 138 ? 16.611  -5.990  -4.996  1.00 26.99  ? 149  ALA A N   1 
ATOM   961  C CA  . ALA A 1 138 ? 15.774  -5.057  -4.240  1.00 25.80  ? 149  ALA A CA  1 
ATOM   962  C C   . ALA A 1 138 ? 16.620  -4.283  -3.261  1.00 24.83  ? 149  ALA A C   1 
ATOM   963  O O   . ALA A 1 138 ? 17.305  -4.872  -2.428  1.00 24.95  ? 149  ALA A O   1 
ATOM   964  C CB  . ALA A 1 138 ? 14.652  -5.790  -3.501  1.00 25.39  ? 149  ALA A CB  1 
ATOM   965  N N   . PRO A 1 139 ? 16.581  -2.952  -3.371  1.00 24.53  ? 150  PRO A N   1 
ATOM   966  C CA  . PRO A 1 139 ? 17.215  -2.041  -2.431  1.00 24.67  ? 150  PRO A CA  1 
ATOM   967  C C   . PRO A 1 139 ? 16.500  -2.112  -1.087  1.00 24.84  ? 150  PRO A C   1 
ATOM   968  O O   . PRO A 1 139 ? 15.309  -2.424  -1.033  1.00 25.05  ? 150  PRO A O   1 
ATOM   969  C CB  . PRO A 1 139 ? 16.983  -0.668  -3.065  1.00 25.06  ? 150  PRO A CB  1 
ATOM   970  C CG  . PRO A 1 139 ? 16.526  -0.938  -4.464  1.00 24.04  ? 150  PRO A CG  1 
ATOM   971  C CD  . PRO A 1 139 ? 15.844  -2.243  -4.421  1.00 23.51  ? 150  PRO A CD  1 
ATOM   972  N N   . GLN A 1 140 ? 17.217  -1.846  -0.005  1.00 24.67  ? 151  GLN A N   1 
ATOM   973  C CA  . GLN A 1 140 ? 16.561  -1.719  1.286   1.00 24.85  ? 151  GLN A CA  1 
ATOM   974  C C   . GLN A 1 140 ? 15.956  -0.339  1.390   1.00 22.96  ? 151  GLN A C   1 
ATOM   975  O O   . GLN A 1 140 ? 16.388  0.606   0.721   1.00 22.49  ? 151  GLN A O   1 
ATOM   976  C CB  . GLN A 1 140 ? 17.538  -1.914  2.444   1.00 25.79  ? 151  GLN A CB  1 
ATOM   977  C CG  . GLN A 1 140 ? 18.090  -3.320  2.567   1.00 33.16  ? 151  GLN A CG  1 
ATOM   978  C CD  . GLN A 1 140 ? 17.036  -4.394  2.384   1.00 37.73  ? 151  GLN A CD  1 
ATOM   979  O OE1 . GLN A 1 140 ? 17.030  -5.113  1.370   1.00 40.07  ? 151  GLN A OE1 1 
ATOM   980  N NE2 . GLN A 1 140 ? 16.133  -4.513  3.363   1.00 32.45  ? 151  GLN A NE2 1 
ATOM   981  N N   . TYR A 1 141 ? 14.953  -0.248  2.253   1.00 22.72  ? 152  TYR A N   1 
ATOM   982  C CA  . TYR A 1 141 ? 14.278  0.991   2.591   1.00 23.86  ? 152  TYR A CA  1 
ATOM   983  C C   . TYR A 1 141 ? 13.670  0.762   3.971   1.00 24.13  ? 152  TYR A C   1 
ATOM   984  O O   . TYR A 1 141 ? 12.929  -0.193  4.174   1.00 22.02  ? 152  TYR A O   1 
ATOM   985  C CB  . TYR A 1 141 ? 13.203  1.320   1.545   1.00 22.36  ? 152  TYR A CB  1 
ATOM   986  C CG  . TYR A 1 141 ? 12.316  2.495   1.891   1.00 22.31  ? 152  TYR A CG  1 
ATOM   987  C CD1 . TYR A 1 141 ? 12.648  3.789   1.493   1.00 21.29  ? 152  TYR A CD1 1 
ATOM   988  C CD2 . TYR A 1 141 ? 11.123  2.308   2.592   1.00 22.10  ? 152  TYR A CD2 1 
ATOM   989  C CE1 . TYR A 1 141 ? 11.828  4.866   1.801   1.00 21.81  ? 152  TYR A CE1 1 
ATOM   990  C CE2 . TYR A 1 141 ? 10.291  3.386   2.895   1.00 18.58  ? 152  TYR A CE2 1 
ATOM   991  C CZ  . TYR A 1 141 ? 10.651  4.655   2.497   1.00 19.50  ? 152  TYR A CZ  1 
ATOM   992  O OH  . TYR A 1 141 ? 9.844   5.722   2.804   1.00 19.86  ? 152  TYR A OH  1 
ATOM   993  N N   . PRO A 1 142 ? 14.011  1.617   4.939   1.00 25.90  ? 153  PRO A N   1 
ATOM   994  C CA  . PRO A 1 142 ? 14.839  2.808   4.815   1.00 28.05  ? 153  PRO A CA  1 
ATOM   995  C C   . PRO A 1 142 ? 16.306  2.528   4.549   1.00 31.00  ? 153  PRO A C   1 
ATOM   996  O O   . PRO A 1 142 ? 16.800  1.445   4.863   1.00 31.26  ? 153  PRO A O   1 
ATOM   997  C CB  . PRO A 1 142 ? 14.675  3.498   6.169   1.00 28.17  ? 153  PRO A CB  1 
ATOM   998  C CG  . PRO A 1 142 ? 14.250  2.440   7.099   1.00 27.03  ? 153  PRO A CG  1 
ATOM   999  C CD  . PRO A 1 142 ? 13.542  1.397   6.313   1.00 26.13  ? 153  PRO A CD  1 
ATOM   1000 N N   . ALA A 1 143 ? 16.979  3.538   3.991   1.00 34.89  ? 154  ALA A N   1 
ATOM   1001 C CA  . ALA A 1 143 ? 18.384  3.488   3.549   1.00 37.79  ? 154  ALA A CA  1 
ATOM   1002 C C   . ALA A 1 143 ? 19.361  2.893   4.561   1.00 39.76  ? 154  ALA A C   1 
ATOM   1003 O O   . ALA A 1 143 ? 19.075  2.816   5.757   1.00 40.38  ? 154  ALA A O   1 
ATOM   1004 C CB  . ALA A 1 143 ? 18.854  4.888   3.141   1.00 38.19  ? 154  ALA A CB  1 
ATOM   1005 N N   . GLY A 1 147 ? 22.893  -0.636  11.032  1.00 25.49  ? 158  GLY A N   1 
ATOM   1006 C CA  . GLY A 1 147 ? 22.585  -1.896  11.782  1.00 25.39  ? 158  GLY A CA  1 
ATOM   1007 C C   . GLY A 1 147 ? 21.355  -1.828  12.687  1.00 25.81  ? 158  GLY A C   1 
ATOM   1008 O O   . GLY A 1 147 ? 21.350  -2.376  13.789  1.00 25.50  ? 158  GLY A O   1 
ATOM   1009 N N   . GLU A 1 148 ? 20.309  -1.152  12.232  1.00 25.45  ? 159  GLU A N   1 
ATOM   1010 C CA  . GLU A 1 148 ? 19.029  -1.220  12.925  1.00 26.48  ? 159  GLU A CA  1 
ATOM   1011 C C   . GLU A 1 148 ? 18.027  -2.150  12.202  1.00 26.29  ? 159  GLU A C   1 
ATOM   1012 O O   . GLU A 1 148 ? 17.867  -2.106  10.976  1.00 26.99  ? 159  GLU A O   1 
ATOM   1013 C CB  . GLU A 1 148 ? 18.430  0.180   13.117  1.00 27.75  ? 159  GLU A CB  1 
ATOM   1014 C CG  . GLU A 1 148 ? 19.152  0.928   14.095  1.00 32.76  ? 159  GLU A CG  1 
ATOM   1015 N N   . GLN A 1 149 ? 17.348  -2.993  12.967  1.00 23.98  ? 160  GLN A N   1 
ATOM   1016 C CA  . GLN A 1 149 ? 16.337  -3.865  12.394  1.00 21.43  ? 160  GLN A CA  1 
ATOM   1017 C C   . GLN A 1 149 ? 15.096  -3.084  11.950  1.00 20.42  ? 160  GLN A C   1 
ATOM   1018 O O   . GLN A 1 149 ? 14.491  -2.369  12.748  1.00 19.34  ? 160  GLN A O   1 
ATOM   1019 C CB  . GLN A 1 149 ? 15.942  -4.946  13.401  1.00 19.96  ? 160  GLN A CB  1 
ATOM   1020 C CG  . GLN A 1 149 ? 15.097  -6.037  12.784  1.00 18.71  ? 160  GLN A CG  1 
ATOM   1021 C CD  . GLN A 1 149 ? 14.721  -7.117  13.772  1.00 20.04  ? 160  GLN A CD  1 
ATOM   1022 O OE1 . GLN A 1 149 ? 15.490  -7.441  14.689  1.00 15.25  ? 160  GLN A OE1 1 
ATOM   1023 N NE2 . GLN A 1 149 ? 13.531  -7.694  13.589  1.00 12.14  ? 160  GLN A NE2 1 
ATOM   1024 N N   . LEU A 1 150 ? 14.685  -3.223  10.692  1.00 20.08  ? 161  LEU A N   1 
ATOM   1025 C CA  . LEU A 1 150 ? 13.399  -2.628  10.320  1.00 18.77  ? 161  LEU A CA  1 
ATOM   1026 C C   . LEU A 1 150 ? 12.291  -3.237  11.182  1.00 18.31  ? 161  LEU A C   1 
ATOM   1027 O O   . LEU A 1 150 ? 12.150  -4.451  11.268  1.00 18.97  ? 161  LEU A O   1 
ATOM   1028 C CB  . LEU A 1 150 ? 13.073  -2.792  8.824   1.00 18.35  ? 161  LEU A CB  1 
ATOM   1029 C CG  . LEU A 1 150 ? 11.648  -2.342  8.449   1.00 17.45  ? 161  LEU A CG  1 
ATOM   1030 C CD1 . LEU A 1 150 ? 11.481  -0.834  8.577   1.00 16.36  ? 161  LEU A CD1 1 
ATOM   1031 C CD2 . LEU A 1 150 ? 11.194  -2.818  7.078   1.00 11.16  ? 161  LEU A CD2 1 
ATOM   1032 N N   . VAL A 1 151 ? 11.514  -2.384  11.830  1.00 19.36  ? 162  VAL A N   1 
ATOM   1033 C CA  . VAL A 1 151 ? 10.319  -2.831  12.543  1.00 20.35  ? 162  VAL A CA  1 
ATOM   1034 C C   . VAL A 1 151 ? 9.130   -1.991  12.076  1.00 19.76  ? 162  VAL A C   1 
ATOM   1035 O O   . VAL A 1 151 ? 9.085   -0.781  12.331  1.00 19.28  ? 162  VAL A O   1 
ATOM   1036 C CB  . VAL A 1 151 ? 10.497  -2.686  14.066  1.00 21.16  ? 162  VAL A CB  1 
ATOM   1037 C CG1 . VAL A 1 151 ? 9.186   -2.944  14.796  1.00 22.04  ? 162  VAL A CG1 1 
ATOM   1038 C CG2 . VAL A 1 151 ? 11.583  -3.631  14.556  1.00 21.87  ? 162  VAL A CG2 1 
ATOM   1039 N N   . VAL A 1 152 ? 8.184   -2.628  11.384  1.00 18.14  ? 163  VAL A N   1 
ATOM   1040 C CA  . VAL A 1 152 ? 7.013   -1.922  10.876  1.00 15.80  ? 163  VAL A CA  1 
ATOM   1041 C C   . VAL A 1 152 ? 5.844   -2.187  11.800  1.00 13.71  ? 163  VAL A C   1 
ATOM   1042 O O   . VAL A 1 152 ? 5.415   -3.318  11.896  1.00 12.55  ? 163  VAL A O   1 
ATOM   1043 C CB  . VAL A 1 152 ? 6.624   -2.360  9.443   1.00 15.51  ? 163  VAL A CB  1 
ATOM   1044 C CG1 . VAL A 1 152 ? 5.343   -1.637  9.006   1.00 15.88  ? 163  VAL A CG1 1 
ATOM   1045 C CG2 . VAL A 1 152 ? 7.766   -2.110  8.453   1.00 13.07  ? 163  VAL A CG2 1 
ATOM   1046 N N   . PRO A 1 153 ? 5.331   -1.137  12.475  1.00 13.77  ? 164  PRO A N   1 
ATOM   1047 C CA  . PRO A 1 153 ? 4.215   -1.226  13.415  1.00 14.07  ? 164  PRO A CA  1 
ATOM   1048 C C   . PRO A 1 153 ? 2.967   -1.696  12.721  1.00 13.22  ? 164  PRO A C   1 
ATOM   1049 O O   . PRO A 1 153 ? 2.924   -1.774  11.502  1.00 14.67  ? 164  PRO A O   1 
ATOM   1050 C CB  . PRO A 1 153 ? 4.009   0.228   13.873  1.00 13.82  ? 164  PRO A CB  1 
ATOM   1051 C CG  . PRO A 1 153 ? 5.282   0.903   13.571  1.00 17.58  ? 164  PRO A CG  1 
ATOM   1052 C CD  . PRO A 1 153 ? 5.763   0.257   12.300  1.00 15.11  ? 164  PRO A CD  1 
ATOM   1053 N N   . GLU A 1 154 ? 1.942   -1.997  13.491  1.00 14.05  ? 165  GLU A N   1 
ATOM   1054 C CA  . GLU A 1 154 ? 0.714   -2.479  12.897  1.00 14.57  ? 165  GLU A CA  1 
ATOM   1055 C C   . GLU A 1 154 ? 0.187   -1.536  11.828  1.00 14.26  ? 165  GLU A C   1 
ATOM   1056 O O   . GLU A 1 154 ? -0.357  -1.983  10.828  1.00 13.07  ? 165  GLU A O   1 
ATOM   1057 C CB  . GLU A 1 154 ? -0.344  -2.665  13.962  1.00 14.71  ? 165  GLU A CB  1 
ATOM   1058 C CG  . GLU A 1 154 ? -1.673  -3.024  13.374  1.00 16.75  ? 165  GLU A CG  1 
ATOM   1059 C CD  . GLU A 1 154 ? -2.597  -3.551  14.425  1.00 23.57  ? 165  GLU A CD  1 
ATOM   1060 O OE1 . GLU A 1 154 ? -3.478  -2.785  14.874  1.00 29.92  ? 165  GLU A OE1 1 
ATOM   1061 O OE2 . GLU A 1 154 ? -2.412  -4.715  14.832  1.00 21.09  ? 165  GLU A OE2 1 
ATOM   1062 N N   . ARG A 1 155 ? 0.376   -0.237  12.051  1.00 14.63  ? 166  ARG A N   1 
ATOM   1063 C CA  . ARG A 1 155 ? -0.188  0.822   11.225  1.00 14.32  ? 166  ARG A CA  1 
ATOM   1064 C C   . ARG A 1 155 ? 0.908   1.585   10.472  1.00 13.36  ? 166  ARG A C   1 
ATOM   1065 O O   . ARG A 1 155 ? 1.817   2.150   11.075  1.00 13.45  ? 166  ARG A O   1 
ATOM   1066 C CB  . ARG A 1 155 ? -0.945  1.823   12.121  1.00 15.56  ? 166  ARG A CB  1 
ATOM   1067 C CG  . ARG A 1 155 ? -2.346  1.407   12.586  1.00 18.44  ? 166  ARG A CG  1 
ATOM   1068 C CD  . ARG A 1 155 ? -2.965  2.478   13.496  1.00 24.29  ? 166  ARG A CD  1 
ATOM   1069 N NE  . ARG A 1 155 ? -4.427  2.380   13.573  1.00 29.04  ? 166  ARG A NE  1 
ATOM   1070 C CZ  . ARG A 1 155 ? -5.200  3.221   14.253  0.01 27.85  ? 166  ARG A CZ  1 
ATOM   1071 N NH1 . ARG A 1 155 ? -4.659  4.232   14.920  0.01 28.17  ? 166  ARG A NH1 1 
ATOM   1072 N NH2 . ARG A 1 155 ? -6.516  3.052   14.265  0.01 28.14  ? 166  ARG A NH2 1 
ATOM   1073 N N   . LEU A 1 156 ? 0.825   1.643   9.156   1.00 13.43  ? 167  LEU A N   1 
ATOM   1074 C CA  . LEU A 1 156 ? 1.778   2.491   8.435   1.00 13.80  ? 167  LEU A CA  1 
ATOM   1075 C C   . LEU A 1 156 ? 1.089   3.577   7.600   1.00 12.93  ? 167  LEU A C   1 
ATOM   1076 O O   . LEU A 1 156 ? -0.071  3.424   7.222   1.00 12.61  ? 167  LEU A O   1 
ATOM   1077 C CB  . LEU A 1 156 ? 2.735   1.652   7.584   1.00 13.90  ? 167  LEU A CB  1 
ATOM   1078 C CG  . LEU A 1 156 ? 2.240   0.732   6.461   1.00 13.50  ? 167  LEU A CG  1 
ATOM   1079 C CD1 . LEU A 1 156 ? 3.261   0.734   5.353   1.00 15.02  ? 167  LEU A CD1 1 
ATOM   1080 C CD2 . LEU A 1 156 ? 2.000   -0.690  6.940   1.00 10.89  ? 167  LEU A CD2 1 
ATOM   1081 N N   . LEU A 1 157 ? 1.785   4.683   7.340   1.00 11.65  ? 168  LEU A N   1 
ATOM   1082 C CA  . LEU A 1 157 ? 1.245   5.690   6.414   1.00 11.08  ? 168  LEU A CA  1 
ATOM   1083 C C   . LEU A 1 157 ? 1.839   5.566   4.990   1.00 9.79   ? 168  LEU A C   1 
ATOM   1084 O O   . LEU A 1 157 ? 3.058   5.583   4.806   1.00 10.03  ? 168  LEU A O   1 
ATOM   1085 C CB  . LEU A 1 157 ? 1.352   7.123   6.973   1.00 8.61   ? 168  LEU A CB  1 
ATOM   1086 C CG  . LEU A 1 157 ? 0.579   8.133   6.114   1.00 8.52   ? 168  LEU A CG  1 
ATOM   1087 C CD1 . LEU A 1 157 ? -0.910  8.039   6.380   1.00 10.90  ? 168  LEU A CD1 1 
ATOM   1088 C CD2 . LEU A 1 157 ? 1.056   9.574   6.267   1.00 7.73   ? 168  LEU A CD2 1 
ATOM   1089 N N   . VAL A 1 158 ? 0.969   5.414   3.997   1.00 8.88   ? 169  VAL A N   1 
ATOM   1090 C CA  . VAL A 1 158 ? 1.394   5.400   2.596   1.00 8.94   ? 169  VAL A CA  1 
ATOM   1091 C C   . VAL A 1 158 ? 1.190   6.790   1.980   1.00 9.18   ? 169  VAL A C   1 
ATOM   1092 O O   . VAL A 1 158 ? 0.099   7.360   2.005   1.00 7.66   ? 169  VAL A O   1 
ATOM   1093 C CB  . VAL A 1 158 ? 0.689   4.282   1.772   1.00 8.87   ? 169  VAL A CB  1 
ATOM   1094 C CG1 . VAL A 1 158 ? 1.183   4.276   0.321   1.00 5.97   ? 169  VAL A CG1 1 
ATOM   1095 C CG2 . VAL A 1 158 ? 0.910   2.925   2.417   1.00 7.34   ? 169  VAL A CG2 1 
ATOM   1096 N N   . VAL A 1 159 ? 2.266   7.365   1.465   1.00 10.40  ? 170  VAL A N   1 
ATOM   1097 C CA  . VAL A 1 159 ? 2.190   8.754   1.012   1.00 10.74  ? 170  VAL A CA  1 
ATOM   1098 C C   . VAL A 1 159 ? 2.508   8.802   -0.471  1.00 10.10  ? 170  VAL A C   1 
ATOM   1099 O O   . VAL A 1 159 ? 3.651   8.546   -0.880  1.00 9.91   ? 170  VAL A O   1 
ATOM   1100 C CB  . VAL A 1 159 ? 3.172   9.702   1.783   1.00 11.13  ? 170  VAL A CB  1 
ATOM   1101 C CG1 . VAL A 1 159 ? 2.993   11.149  1.335   1.00 11.02  ? 170  VAL A CG1 1 
ATOM   1102 C CG2 . VAL A 1 159 ? 2.997   9.593   3.296   1.00 12.13  ? 170  VAL A CG2 1 
ATOM   1103 N N   . LEU A 1 160 ? 1.491   9.119   -1.269  1.00 9.75   ? 171  LEU A N   1 
ATOM   1104 C CA  . LEU A 1 160 ? 1.645   9.233   -2.708  1.00 9.84   ? 171  LEU A CA  1 
ATOM   1105 C C   . LEU A 1 160 ? 1.641   10.695  -3.074  1.00 11.14  ? 171  LEU A C   1 
ATOM   1106 O O   . LEU A 1 160 ? 0.635   11.382  -2.876  1.00 12.37  ? 171  LEU A O   1 
ATOM   1107 C CB  . LEU A 1 160 ? 0.497   8.527   -3.404  1.00 7.79   ? 171  LEU A CB  1 
ATOM   1108 C CG  . LEU A 1 160 ? 0.488   8.348   -4.916  1.00 7.81   ? 171  LEU A CG  1 
ATOM   1109 C CD1 . LEU A 1 160 ? 1.617   7.415   -5.370  1.00 9.95   ? 171  LEU A CD1 1 
ATOM   1110 C CD2 . LEU A 1 160 ? -0.875  7.803   -5.357  1.00 2.67   ? 171  LEU A CD2 1 
ATOM   1111 N N   . ASP A 1 161 ? 2.767   11.185  -3.582  1.00 12.31  ? 172  ASP A N   1 
ATOM   1112 C CA  . ASP A 1 161 ? 2.837   12.564  -4.075  1.00 13.58  ? 172  ASP A CA  1 
ATOM   1113 C C   . ASP A 1 161 ? 2.870   12.591  -5.606  1.00 15.37  ? 172  ASP A C   1 
ATOM   1114 O O   . ASP A 1 161 ? 3.913   12.355  -6.216  1.00 17.02  ? 172  ASP A O   1 
ATOM   1115 C CB  . ASP A 1 161 ? 4.039   13.289  -3.471  1.00 13.05  ? 172  ASP A CB  1 
ATOM   1116 C CG  . ASP A 1 161 ? 4.168   14.721  -3.953  1.00 18.03  ? 172  ASP A CG  1 
ATOM   1117 O OD1 . ASP A 1 161 ? 3.295   15.183  -4.726  1.00 19.33  ? 172  ASP A OD1 1 
ATOM   1118 O OD2 . ASP A 1 161 ? 5.154   15.385  -3.556  1.00 22.87  ? 172  ASP A OD2 1 
ATOM   1119 N N   . MET A 1 162 ? 1.725   12.853  -6.233  1.00 15.10  ? 173  MET A N   1 
ATOM   1120 C CA  . MET A 1 162 ? 1.637   12.788  -7.691  1.00 14.27  ? 173  MET A CA  1 
ATOM   1121 C C   . MET A 1 162 ? 2.089   14.080  -8.376  1.00 15.82  ? 173  MET A C   1 
ATOM   1122 O O   . MET A 1 162 ? 2.276   14.117  -9.593  1.00 15.43  ? 173  MET A O   1 
ATOM   1123 C CB  . MET A 1 162 ? 0.220   12.428  -8.122  1.00 13.94  ? 173  MET A CB  1 
ATOM   1124 C CG  . MET A 1 162 ? -0.199  11.034  -7.715  1.00 15.09  ? 173  MET A CG  1 
ATOM   1125 S SD  . MET A 1 162 ? 0.988   9.845   -8.343  1.00 20.73  ? 173  MET A SD  1 
ATOM   1126 C CE  . MET A 1 162 ? 0.640   9.903   -10.099 1.00 12.96  ? 173  MET A CE  1 
ATOM   1127 N N   . GLU A 1 163 ? 2.261   15.150  -7.610  1.00 18.36  ? 174  GLU A N   1 
ATOM   1128 C CA  . GLU A 1 163 ? 2.823   16.359  -8.202  1.00 19.44  ? 174  GLU A CA  1 
ATOM   1129 C C   . GLU A 1 163 ? 4.324   16.141  -8.354  1.00 21.47  ? 174  GLU A C   1 
ATOM   1130 O O   . GLU A 1 163 ? 4.919   16.547  -9.348  1.00 23.22  ? 174  GLU A O   1 
ATOM   1131 C CB  . GLU A 1 163 ? 2.495   17.621  -7.378  1.00 17.76  ? 174  GLU A CB  1 
ATOM   1132 C CG  . GLU A 1 163 ? 1.005   17.843  -7.152  1.00 16.05  ? 174  GLU A CG  1 
ATOM   1133 C CD  . GLU A 1 163 ? 0.223   17.941  -8.457  1.00 20.38  ? 174  GLU A CD  1 
ATOM   1134 O OE1 . GLU A 1 163 ? 0.612   18.750  -9.327  1.00 23.49  ? 174  GLU A OE1 1 
ATOM   1135 O OE2 . GLU A 1 163 ? -0.783  17.208  -8.627  1.00 17.31  ? 174  GLU A OE2 1 
ATOM   1136 N N   . GLU A 1 164 ? 4.923   15.449  -7.387  1.00 22.09  ? 175  GLU A N   1 
ATOM   1137 C CA  . GLU A 1 164 ? 6.363   15.219  -7.401  1.00 22.03  ? 175  GLU A CA  1 
ATOM   1138 C C   . GLU A 1 164 ? 6.701   13.858  -8.001  1.00 20.48  ? 175  GLU A C   1 
ATOM   1139 O O   . GLU A 1 164 ? 7.791   13.650  -8.519  1.00 21.67  ? 175  GLU A O   1 
ATOM   1140 C CB  . GLU A 1 164 ? 6.917   15.326  -5.983  1.00 23.52  ? 175  GLU A CB  1 
ATOM   1141 C CG  . GLU A 1 164 ? 7.174   16.754  -5.562  1.00 28.64  ? 175  GLU A CG  1 
ATOM   1142 C CD  . GLU A 1 164 ? 8.198   17.433  -6.450  1.00 32.65  ? 175  GLU A CD  1 
ATOM   1143 O OE1 . GLU A 1 164 ? 7.962   18.596  -6.841  1.00 36.55  ? 175  GLU A OE1 1 
ATOM   1144 O OE2 . GLU A 1 164 ? 9.241   16.808  -6.760  1.00 34.13  ? 175  GLU A OE2 1 
ATOM   1145 N N   . GLY A 1 165 ? 5.761   12.929  -7.941  1.00 18.77  ? 176  GLY A N   1 
ATOM   1146 C CA  . GLY A 1 165 ? 5.982   11.627  -8.527  1.00 17.46  ? 176  GLY A CA  1 
ATOM   1147 C C   . GLY A 1 165 ? 6.745   10.726  -7.586  1.00 18.93  ? 176  GLY A C   1 
ATOM   1148 O O   . GLY A 1 165 ? 7.668   10.005  -8.003  1.00 21.97  ? 176  GLY A O   1 
ATOM   1149 N N   . THR A 1 166 ? 6.364   10.733  -6.310  1.00 16.76  ? 177  THR A N   1 
ATOM   1150 C CA  . THR A 1 166 ? 7.028   9.870   -5.362  1.00 15.88  ? 177  THR A CA  1 
ATOM   1151 C C   . THR A 1 166 ? 6.061   9.119   -4.455  1.00 16.72  ? 177  THR A C   1 
ATOM   1152 O O   . THR A 1 166 ? 4.915   9.560   -4.245  1.00 18.11  ? 177  THR A O   1 
ATOM   1153 C CB  . THR A 1 166 ? 8.001   10.655  -4.521  1.00 16.16  ? 177  THR A CB  1 
ATOM   1154 O OG1 . THR A 1 166 ? 7.270   11.436  -3.566  1.00 19.93  ? 177  THR A OG1 1 
ATOM   1155 C CG2 . THR A 1 166 ? 8.801   11.581  -5.407  1.00 17.05  ? 177  THR A CG2 1 
ATOM   1156 N N   . LEU A 1 167 ? 6.534   7.974   -3.950  1.00 14.91  ? 178  LEU A N   1 
ATOM   1157 C CA  . LEU A 1 167 ? 5.787   7.104   -3.052  1.00 13.48  ? 178  LEU A CA  1 
ATOM   1158 C C   . LEU A 1 167 ? 6.701   6.890   -1.890  1.00 13.30  ? 178  LEU A C   1 
ATOM   1159 O O   . LEU A 1 167 ? 7.833   6.462   -2.072  1.00 12.14  ? 178  LEU A O   1 
ATOM   1160 C CB  . LEU A 1 167 ? 5.480   5.752   -3.706  1.00 12.36  ? 178  LEU A CB  1 
ATOM   1161 C CG  . LEU A 1 167 ? 4.833   4.647   -2.849  1.00 13.11  ? 178  LEU A CG  1 
ATOM   1162 C CD1 . LEU A 1 167 ? 3.437   5.021   -2.394  1.00 12.35  ? 178  LEU A CD1 1 
ATOM   1163 C CD2 . LEU A 1 167 ? 4.819   3.270   -3.567  1.00 9.78   ? 178  LEU A CD2 1 
ATOM   1164 N N   . GLY A 1 168 ? 6.202   7.209   -0.700  1.00 12.66  ? 179  GLY A N   1 
ATOM   1165 C CA  . GLY A 1 168 ? 6.967   7.109   0.518   1.00 11.79  ? 179  GLY A CA  1 
ATOM   1166 C C   . GLY A 1 168 ? 6.078   6.565   1.608   1.00 12.61  ? 179  GLY A C   1 
ATOM   1167 O O   . GLY A 1 168 ? 4.876   6.340   1.396   1.00 13.68  ? 179  GLY A O   1 
ATOM   1168 N N   . TYR A 1 169 ? 6.662   6.362   2.782   1.00 11.58  ? 180  TYR A N   1 
ATOM   1169 C CA  . TYR A 1 169 ? 5.962   5.678   3.854   1.00 11.76  ? 180  TYR A CA  1 
ATOM   1170 C C   . TYR A 1 169 ? 6.386   6.294   5.164   1.00 11.46  ? 180  TYR A C   1 
ATOM   1171 O O   . TYR A 1 169 ? 7.418   6.947   5.249   1.00 12.14  ? 180  TYR A O   1 
ATOM   1172 C CB  . TYR A 1 169 ? 6.268   4.168   3.841   1.00 12.95  ? 180  TYR A CB  1 
ATOM   1173 C CG  . TYR A 1 169 ? 5.918   3.432   2.551   1.00 10.74  ? 180  TYR A CG  1 
ATOM   1174 C CD1 . TYR A 1 169 ? 6.813   3.389   1.476   1.00 11.37  ? 180  TYR A CD1 1 
ATOM   1175 C CD2 . TYR A 1 169 ? 4.708   2.773   2.413   1.00 11.74  ? 180  TYR A CD2 1 
ATOM   1176 C CE1 . TYR A 1 169 ? 6.505   2.710   0.295   1.00 11.41  ? 180  TYR A CE1 1 
ATOM   1177 C CE2 . TYR A 1 169 ? 4.383   2.092   1.241   1.00 13.55  ? 180  TYR A CE2 1 
ATOM   1178 C CZ  . TYR A 1 169 ? 5.289   2.055   0.185   1.00 15.80  ? 180  TYR A CZ  1 
ATOM   1179 O OH  . TYR A 1 169 ? 4.954   1.369   -0.969  1.00 17.81  ? 180  TYR A OH  1 
ATOM   1180 N N   . SER A 1 170 ? 5.576   6.078   6.187   1.00 11.44  ? 181  SER A N   1 
ATOM   1181 C CA  . SER A 1 170 ? 5.704   6.786   7.435   1.00 10.19  ? 181  SER A CA  1 
ATOM   1182 C C   . SER A 1 170 ? 5.284   5.808   8.509   1.00 8.56   ? 181  SER A C   1 
ATOM   1183 O O   . SER A 1 170 ? 4.200   5.255   8.436   1.00 6.21   ? 181  SER A O   1 
ATOM   1184 C CB  . SER A 1 170 ? 4.764   7.991   7.424   1.00 10.70  ? 181  SER A CB  1 
ATOM   1185 O OG  . SER A 1 170 ? 5.121   8.936   8.420   1.00 15.24  ? 181  SER A OG  1 
ATOM   1186 N N   . ILE A 1 171 ? 6.158   5.584   9.482   1.00 9.60   ? 182  ILE A N   1 
ATOM   1187 C CA  . ILE A 1 171 ? 5.888   4.660   10.579  1.00 11.10  ? 182  ILE A CA  1 
ATOM   1188 C C   . ILE A 1 171 ? 6.369   5.304   11.865  1.00 13.65  ? 182  ILE A C   1 
ATOM   1189 O O   . ILE A 1 171 ? 7.406   5.989   11.873  1.00 15.19  ? 182  ILE A O   1 
ATOM   1190 C CB  . ILE A 1 171 ? 6.595   3.317   10.382  1.00 10.31  ? 182  ILE A CB  1 
ATOM   1191 C CG1 . ILE A 1 171 ? 8.114   3.524   10.308  1.00 12.64  ? 182  ILE A CG1 1 
ATOM   1192 C CG2 . ILE A 1 171 ? 6.118   2.667   9.092   1.00 12.00  ? 182  ILE A CG2 1 
ATOM   1193 C CD1 . ILE A 1 171 ? 8.953   2.224   10.421  1.00 12.70  ? 182  ILE A CD1 1 
ATOM   1194 N N   . GLY A 1 172 ? 5.600   5.109   12.936  1.00 13.43  ? 183  GLY A N   1 
ATOM   1195 C CA  . GLY A 1 172 ? 5.890   5.699   14.251  1.00 12.11  ? 183  GLY A CA  1 
ATOM   1196 C C   . GLY A 1 172 ? 6.117   7.197   14.277  1.00 11.60  ? 183  GLY A C   1 
ATOM   1197 O O   . GLY A 1 172 ? 6.876   7.703   15.096  1.00 13.41  ? 183  GLY A O   1 
ATOM   1198 N N   . GLY A 1 173 ? 5.487   7.915   13.363  1.00 10.83  ? 184  GLY A N   1 
ATOM   1199 C CA  . GLY A 1 173 ? 5.623   9.359   13.344  1.00 11.15  ? 184  GLY A CA  1 
ATOM   1200 C C   . GLY A 1 173 ? 6.834   9.832   12.577  1.00 12.04  ? 184  GLY A C   1 
ATOM   1201 O O   . GLY A 1 173 ? 7.261   10.971  12.730  1.00 14.01  ? 184  GLY A O   1 
ATOM   1202 N N   . THR A 1 174 ? 7.367   8.952   11.733  1.00 12.88  ? 185  THR A N   1 
ATOM   1203 C CA  . THR A 1 174 ? 8.615   9.166   11.013  1.00 11.99  ? 185  THR A CA  1 
ATOM   1204 C C   . THR A 1 174 ? 8.432   8.917   9.519   1.00 12.64  ? 185  THR A C   1 
ATOM   1205 O O   . THR A 1 174 ? 8.179   7.794   9.099   1.00 13.73  ? 185  THR A O   1 
ATOM   1206 C CB  . THR A 1 174 ? 9.689   8.210   11.552  1.00 11.68  ? 185  THR A CB  1 
ATOM   1207 O OG1 . THR A 1 174 ? 10.113  8.666   12.841  1.00 10.37  ? 185  THR A OG1 1 
ATOM   1208 C CG2 . THR A 1 174 ? 10.897  8.172   10.636  1.00 17.23  ? 185  THR A CG2 1 
ATOM   1209 N N   . TYR A 1 175 ? 8.520   9.971   8.718   1.00 12.87  ? 186  TYR A N   1 
ATOM   1210 C CA  . TYR A 1 175 ? 8.499   9.812   7.275   1.00 12.93  ? 186  TYR A CA  1 
ATOM   1211 C C   . TYR A 1 175 ? 9.846   9.250   6.858   1.00 13.78  ? 186  TYR A C   1 
ATOM   1212 O O   . TYR A 1 175 ? 10.884  9.796   7.223   1.00 13.58  ? 186  TYR A O   1 
ATOM   1213 C CB  . TYR A 1 175 ? 8.240   11.132  6.561   1.00 11.23  ? 186  TYR A CB  1 
ATOM   1214 C CG  . TYR A 1 175 ? 8.087   10.985  5.063   1.00 12.06  ? 186  TYR A CG  1 
ATOM   1215 C CD1 . TYR A 1 175 ? 7.085   10.179  4.517   1.00 15.45  ? 186  TYR A CD1 1 
ATOM   1216 C CD2 . TYR A 1 175 ? 8.930   11.658  4.190   1.00 15.32  ? 186  TYR A CD2 1 
ATOM   1217 C CE1 . TYR A 1 175 ? 6.925   10.044  3.120   1.00 16.03  ? 186  TYR A CE1 1 
ATOM   1218 C CE2 . TYR A 1 175 ? 8.781   11.536  2.792   1.00 19.77  ? 186  TYR A CE2 1 
ATOM   1219 C CZ  . TYR A 1 175 ? 7.781   10.725  2.262   1.00 18.10  ? 186  TYR A CZ  1 
ATOM   1220 O OH  . TYR A 1 175 ? 7.651   10.598  0.882   1.00 13.78  ? 186  TYR A OH  1 
ATOM   1221 N N   . LEU A 1 176 ? 9.824   8.155   6.101   1.00 13.56  ? 187  LEU A N   1 
ATOM   1222 C CA  . LEU A 1 176 ? 11.047  7.439   5.765   1.00 14.70  ? 187  LEU A CA  1 
ATOM   1223 C C   . LEU A 1 176 ? 11.588  7.952   4.435   1.00 15.73  ? 187  LEU A C   1 
ATOM   1224 O O   . LEU A 1 176 ? 12.655  7.545   3.976   1.00 17.95  ? 187  LEU A O   1 
ATOM   1225 C CB  . LEU A 1 176 ? 10.811  5.920   5.720   1.00 14.76  ? 187  LEU A CB  1 
ATOM   1226 C CG  . LEU A 1 176 ? 10.467  5.136   6.995   1.00 13.50  ? 187  LEU A CG  1 
ATOM   1227 C CD1 . LEU A 1 176 ? 10.917  3.693   6.792   1.00 17.21  ? 187  LEU A CD1 1 
ATOM   1228 C CD2 . LEU A 1 176 ? 11.162  5.735   8.217   1.00 11.76  ? 187  LEU A CD2 1 
ATOM   1229 N N   . GLY A 1 177 ? 10.846  8.868   3.831   1.00 15.15  ? 188  GLY A N   1 
ATOM   1230 C CA  . GLY A 1 177 ? 11.273  9.511   2.604   1.00 13.82  ? 188  GLY A CA  1 
ATOM   1231 C C   . GLY A 1 177 ? 10.727  8.785   1.393   1.00 14.50  ? 188  GLY A C   1 
ATOM   1232 O O   . GLY A 1 177 ? 10.037  7.771   1.518   1.00 12.28  ? 188  GLY A O   1 
ATOM   1233 N N   . PRO A 1 178 ? 11.066  9.282   0.199   1.00 13.60  ? 189  PRO A N   1 
ATOM   1234 C CA  . PRO A 1 178 ? 10.499  8.666   -0.968  1.00 12.01  ? 189  PRO A CA  1 
ATOM   1235 C C   . PRO A 1 178 ? 11.112  7.292   -1.192  1.00 11.24  ? 189  PRO A C   1 
ATOM   1236 O O   . PRO A 1 178 ? 12.329  7.141   -1.237  1.00 11.46  ? 189  PRO A O   1 
ATOM   1237 C CB  . PRO A 1 178 ? 10.871  9.645   -2.096  1.00 11.01  ? 189  PRO A CB  1 
ATOM   1238 C CG  . PRO A 1 178 ? 12.085  10.321  -1.638  1.00 11.57  ? 189  PRO A CG  1 
ATOM   1239 C CD  . PRO A 1 178 ? 12.189  10.169  -0.133  1.00 14.05  ? 189  PRO A CD  1 
ATOM   1240 N N   . ALA A 1 179 ? 10.257  6.288   -1.318  1.00 11.01  ? 190  ALA A N   1 
ATOM   1241 C CA  . ALA A 1 179 ? 10.698  4.950   -1.690  1.00 9.49   ? 190  ALA A CA  1 
ATOM   1242 C C   . ALA A 1 179 ? 10.934  4.889   -3.199  1.00 9.03   ? 190  ALA A C   1 
ATOM   1243 O O   . ALA A 1 179 ? 11.921  4.349   -3.653  1.00 8.92   ? 190  ALA A O   1 
ATOM   1244 C CB  . ALA A 1 179 ? 9.663   3.921   -1.264  1.00 8.70   ? 190  ALA A CB  1 
ATOM   1245 N N   . PHE A 1 180 ? 10.025  5.479   -3.964  1.00 9.40   ? 191  PHE A N   1 
ATOM   1246 C CA  . PHE A 1 180 ? 10.090  5.456   -5.412  1.00 10.95  ? 191  PHE A CA  1 
ATOM   1247 C C   . PHE A 1 180 ? 9.917   6.871   -5.971  1.00 12.19  ? 191  PHE A C   1 
ATOM   1248 O O   . PHE A 1 180 ? 9.181   7.689   -5.405  1.00 11.23  ? 191  PHE A O   1 
ATOM   1249 C CB  . PHE A 1 180 ? 8.980   4.552   -5.974  1.00 10.73  ? 191  PHE A CB  1 
ATOM   1250 C CG  . PHE A 1 180 ? 9.111   3.099   -5.590  1.00 8.11   ? 191  PHE A CG  1 
ATOM   1251 C CD1 . PHE A 1 180 ? 8.377   2.572   -4.524  1.00 10.66  ? 191  PHE A CD1 1 
ATOM   1252 C CD2 . PHE A 1 180 ? 9.942   2.251   -6.315  1.00 5.64   ? 191  PHE A CD2 1 
ATOM   1253 C CE1 . PHE A 1 180 ? 8.497   1.226   -4.163  1.00 5.17   ? 191  PHE A CE1 1 
ATOM   1254 C CE2 . PHE A 1 180 ? 10.054  0.909   -5.980  1.00 6.05   ? 191  PHE A CE2 1 
ATOM   1255 C CZ  . PHE A 1 180 ? 9.332   0.398   -4.893  1.00 7.25   ? 191  PHE A CZ  1 
ATOM   1256 N N   . ARG A 1 181 ? 10.610  7.160   -7.069  1.00 13.58  ? 192  ARG A N   1 
ATOM   1257 C CA  . ARG A 1 181 ? 10.321  8.360   -7.861  1.00 15.48  ? 192  ARG A CA  1 
ATOM   1258 C C   . ARG A 1 181 ? 9.788   7.879   -9.194  1.00 14.51  ? 192  ARG A C   1 
ATOM   1259 O O   . ARG A 1 181 ? 9.474   6.690   -9.333  1.00 14.37  ? 192  ARG A O   1 
ATOM   1260 C CB  . ARG A 1 181 ? 11.578  9.206   -8.069  1.00 15.34  ? 192  ARG A CB  1 
ATOM   1261 C CG  . ARG A 1 181 ? 12.306  9.543   -6.757  1.00 23.25  ? 192  ARG A CG  1 
ATOM   1262 C CD  . ARG A 1 181 ? 13.327  10.704  -6.899  1.00 32.43  ? 192  ARG A CD  1 
ATOM   1263 N NE  . ARG A 1 181 ? 12.725  11.954  -7.392  1.00 36.01  ? 192  ARG A NE  1 
ATOM   1264 C CZ  . ARG A 1 181 ? 12.169  12.891  -6.620  1.00 33.38  ? 192  ARG A CZ  1 
ATOM   1265 N NH1 . ARG A 1 181 ? 11.657  13.980  -7.174  1.00 32.55  ? 192  ARG A NH1 1 
ATOM   1266 N NH2 . ARG A 1 181 ? 12.126  12.746  -5.299  1.00 29.03  ? 192  ARG A NH2 1 
ATOM   1267 N N   . GLY A 1 182 ? 9.688   8.788   -10.165 1.00 13.18  ? 193  GLY A N   1 
ATOM   1268 C CA  . GLY A 1 182 ? 9.253   8.449   -11.531 1.00 9.71   ? 193  GLY A CA  1 
ATOM   1269 C C   . GLY A 1 182 ? 7.793   8.079   -11.679 1.00 9.42   ? 193  GLY A C   1 
ATOM   1270 O O   . GLY A 1 182 ? 7.441   7.262   -12.546 1.00 10.82  ? 193  GLY A O   1 
ATOM   1271 N N   . LEU A 1 183 ? 6.938   8.674   -10.844 1.00 7.86   ? 194  LEU A N   1 
ATOM   1272 C CA  . LEU A 1 183 ? 5.500   8.366   -10.840 1.00 5.79   ? 194  LEU A CA  1 
ATOM   1273 C C   . LEU A 1 183 ? 4.635   9.363   -11.610 1.00 5.20   ? 194  LEU A C   1 
ATOM   1274 O O   . LEU A 1 183 ? 3.471   9.082   -11.895 1.00 5.32   ? 194  LEU A O   1 
ATOM   1275 C CB  . LEU A 1 183 ? 4.985   8.192   -9.407  1.00 4.50   ? 194  LEU A CB  1 
ATOM   1276 C CG  . LEU A 1 183 ? 5.653   7.071   -8.611  1.00 5.48   ? 194  LEU A CG  1 
ATOM   1277 C CD1 . LEU A 1 183 ? 4.904   6.809   -7.340  1.00 6.80   ? 194  LEU A CD1 1 
ATOM   1278 C CD2 . LEU A 1 183 ? 5.806   5.762   -9.406  1.00 6.09   ? 194  LEU A CD2 1 
ATOM   1279 N N   . LYS A 1 184 ? 5.207   10.517  -11.956 1.00 6.23   ? 195  LYS A N   1 
ATOM   1280 C CA  . LYS A 1 184 ? 4.474   11.561  -12.681 1.00 6.88   ? 195  LYS A CA  1 
ATOM   1281 C C   . LYS A 1 184 ? 3.899   11.058  -13.989 1.00 6.93   ? 195  LYS A C   1 
ATOM   1282 O O   . LYS A 1 184 ? 4.564   10.383  -14.740 1.00 8.35   ? 195  LYS A O   1 
ATOM   1283 C CB  . LYS A 1 184 ? 5.383   12.739  -12.996 1.00 6.35   ? 195  LYS A CB  1 
ATOM   1284 C CG  . LYS A 1 184 ? 5.646   13.686  -11.843 1.00 10.54  ? 195  LYS A CG  1 
ATOM   1285 C CD  . LYS A 1 184 ? 6.456   14.893  -12.335 1.00 13.31  ? 195  LYS A CD  1 
ATOM   1286 C CE  . LYS A 1 184 ? 7.263   15.516  -11.213 1.00 18.89  ? 195  LYS A CE  1 
ATOM   1287 N NZ  . LYS A 1 184 ? 8.539   16.159  -11.647 1.00 22.25  ? 195  LYS A NZ  1 
ATOM   1288 N N   . GLY A 1 185 ? 2.669   11.420  -14.292 1.00 7.99   ? 196  GLY A N   1 
ATOM   1289 C CA  . GLY A 1 185 ? 2.121   11.025  -15.555 1.00 8.59   ? 196  GLY A CA  1 
ATOM   1290 C C   . GLY A 1 185 ? 1.395   9.703   -15.521 1.00 11.93  ? 196  GLY A C   1 
ATOM   1291 O O   . GLY A 1 185 ? 0.896   9.265   -16.544 1.00 15.02  ? 196  GLY A O   1 
ATOM   1292 N N   . ARG A 1 186 ? 1.310   9.074   -14.347 1.00 12.74  ? 197  ARG A N   1 
ATOM   1293 C CA  . ARG A 1 186 ? 0.638   7.772   -14.194 1.00 10.45  ? 197  ARG A CA  1 
ATOM   1294 C C   . ARG A 1 186 ? -0.672  7.925   -13.449 1.00 9.34   ? 197  ARG A C   1 
ATOM   1295 O O   . ARG A 1 186 ? -0.922  8.953   -12.836 1.00 9.42   ? 197  ARG A O   1 
ATOM   1296 C CB  . ARG A 1 186 ? 1.513   6.783   -13.406 1.00 8.77   ? 197  ARG A CB  1 
ATOM   1297 C CG  . ARG A 1 186 ? 2.950   6.703   -13.847 1.00 9.18   ? 197  ARG A CG  1 
ATOM   1298 C CD  . ARG A 1 186 ? 3.631   5.544   -13.169 1.00 9.44   ? 197  ARG A CD  1 
ATOM   1299 N NE  . ARG A 1 186 ? 5.072   5.572   -13.371 1.00 10.07  ? 197  ARG A NE  1 
ATOM   1300 C CZ  . ARG A 1 186 ? 5.716   4.871   -14.299 1.00 14.01  ? 197  ARG A CZ  1 
ATOM   1301 N NH1 . ARG A 1 186 ? 5.052   4.085   -15.141 1.00 8.49   ? 197  ARG A NH1 1 
ATOM   1302 N NH2 . ARG A 1 186 ? 7.042   4.963   -14.389 1.00 16.76  ? 197  ARG A NH2 1 
ATOM   1303 N N   . THR A 1 187 ? -1.488  6.878   -13.470 1.00 8.28   ? 198  THR A N   1 
ATOM   1304 C CA  . THR A 1 187 ? -2.660  6.821   -12.627 1.00 8.64   ? 198  THR A CA  1 
ATOM   1305 C C   . THR A 1 187 ? -2.575  5.619   -11.680 1.00 9.41   ? 198  THR A C   1 
ATOM   1306 O O   . THR A 1 187 ? -2.692  4.455   -12.102 1.00 9.34   ? 198  THR A O   1 
ATOM   1307 C CB  . THR A 1 187 ? -3.918  6.764   -13.478 1.00 9.45   ? 198  THR A CB  1 
ATOM   1308 O OG1 . THR A 1 187 ? -4.112  8.051   -14.083 1.00 12.60  ? 198  THR A OG1 1 
ATOM   1309 C CG2 . THR A 1 187 ? -5.143  6.413   -12.621 1.00 9.23   ? 198  THR A CG2 1 
ATOM   1310 N N   . LEU A 1 188 ? -2.374  5.907   -10.394 1.00 8.76   ? 199  LEU A N   1 
ATOM   1311 C CA  . LEU A 1 188 ? -2.003  4.878   -9.434  1.00 7.93   ? 199  LEU A CA  1 
ATOM   1312 C C   . LEU A 1 188 ? -3.057  4.646   -8.382  1.00 9.11   ? 199  LEU A C   1 
ATOM   1313 O O   . LEU A 1 188 ? -3.611  5.613   -7.847  1.00 11.14  ? 199  LEU A O   1 
ATOM   1314 C CB  . LEU A 1 188 ? -0.690  5.257   -8.765  1.00 5.61   ? 199  LEU A CB  1 
ATOM   1315 C CG  . LEU A 1 188 ? 0.421   5.424   -9.806  1.00 3.05   ? 199  LEU A CG  1 
ATOM   1316 C CD1 . LEU A 1 188 ? 1.582   6.203   -9.223  1.00 2.00   ? 199  LEU A CD1 1 
ATOM   1317 C CD2 . LEU A 1 188 ? 0.898   4.079   -10.414 1.00 2.00   ? 199  LEU A CD2 1 
ATOM   1318 N N   . TYR A 1 189 ? -3.314  3.362   -8.099  1.00 8.18   ? 200  TYR A N   1 
ATOM   1319 C CA  . TYR A 1 189 ? -4.291  2.914   -7.108  1.00 9.68   ? 200  TYR A CA  1 
ATOM   1320 C C   . TYR A 1 189 ? -3.594  2.372   -5.865  1.00 9.70   ? 200  TYR A C   1 
ATOM   1321 O O   . TYR A 1 189 ? -2.563  1.722   -5.967  1.00 11.68  ? 200  TYR A O   1 
ATOM   1322 C CB  . TYR A 1 189 ? -5.162  1.806   -7.714  1.00 10.80  ? 200  TYR A CB  1 
ATOM   1323 C CG  . TYR A 1 189 ? -5.881  2.242   -8.965  1.00 12.22  ? 200  TYR A CG  1 
ATOM   1324 C CD1 . TYR A 1 189 ? -5.192  2.370   -10.163 1.00 5.62   ? 200  TYR A CD1 1 
ATOM   1325 C CD2 . TYR A 1 189 ? -7.255  2.531   -8.948  1.00 12.60  ? 200  TYR A CD2 1 
ATOM   1326 C CE1 . TYR A 1 189 ? -5.835  2.775   -11.304 1.00 4.87   ? 200  TYR A CE1 1 
ATOM   1327 C CE2 . TYR A 1 189 ? -7.916  2.921   -10.103 1.00 7.13   ? 200  TYR A CE2 1 
ATOM   1328 C CZ  . TYR A 1 189 ? -7.196  3.045   -11.276 1.00 9.23   ? 200  TYR A CZ  1 
ATOM   1329 O OH  . TYR A 1 189 ? -7.822  3.457   -12.436 1.00 12.94  ? 200  TYR A OH  1 
ATOM   1330 N N   . PRO A 1 190 ? -4.152  2.624   -4.686  1.00 8.88   ? 201  PRO A N   1 
ATOM   1331 C CA  . PRO A 1 190 ? -3.596  1.917   -3.538  1.00 10.10  ? 201  PRO A CA  1 
ATOM   1332 C C   . PRO A 1 190 ? -3.651  0.418   -3.800  1.00 11.23  ? 201  PRO A C   1 
ATOM   1333 O O   . PRO A 1 190 ? -4.617  -0.076  -4.390  1.00 13.48  ? 201  PRO A O   1 
ATOM   1334 C CB  . PRO A 1 190 ? -4.561  2.275   -2.391  1.00 9.25   ? 201  PRO A CB  1 
ATOM   1335 C CG  . PRO A 1 190 ? -5.232  3.504   -2.811  1.00 10.79  ? 201  PRO A CG  1 
ATOM   1336 C CD  . PRO A 1 190 ? -5.302  3.467   -4.330  1.00 10.02  ? 201  PRO A CD  1 
ATOM   1337 N N   . SER A 1 191 ? -2.636  -0.323  -3.385  1.00 10.57  ? 202  SER A N   1 
ATOM   1338 C CA  . SER A 1 191 ? -2.672  -1.750  -3.634  1.00 8.68   ? 202  SER A CA  1 
ATOM   1339 C C   . SER A 1 191 ? -1.806  -2.450  -2.633  1.00 9.15   ? 202  SER A C   1 
ATOM   1340 O O   . SER A 1 191 ? -0.922  -1.830  -2.026  1.00 8.98   ? 202  SER A O   1 
ATOM   1341 C CB  . SER A 1 191 ? -2.154  -2.051  -5.019  1.00 8.26   ? 202  SER A CB  1 
ATOM   1342 O OG  . SER A 1 191 ? -2.585  -3.333  -5.410  1.00 10.66  ? 202  SER A OG  1 
ATOM   1343 N N   . VAL A 1 192 ? -2.077  -3.737  -2.461  1.00 9.23   ? 203  VAL A N   1 
ATOM   1344 C CA  . VAL A 1 192 ? -1.359  -4.590  -1.527  1.00 9.97   ? 203  VAL A CA  1 
ATOM   1345 C C   . VAL A 1 192 ? -1.326  -6.008  -2.093  1.00 11.38  ? 203  VAL A C   1 
ATOM   1346 O O   . VAL A 1 192 ? -2.259  -6.443  -2.786  1.00 13.99  ? 203  VAL A O   1 
ATOM   1347 C CB  . VAL A 1 192 ? -2.087  -4.649  -0.171  1.00 10.60  ? 203  VAL A CB  1 
ATOM   1348 C CG1 . VAL A 1 192 ? -1.609  -5.822  0.646   1.00 13.01  ? 203  VAL A CG1 1 
ATOM   1349 C CG2 . VAL A 1 192 ? -1.914  -3.357  0.602   1.00 8.95   ? 203  VAL A CG2 1 
ATOM   1350 N N   . SER A 1 193 ? -0.259  -6.734  -1.808  1.00 9.70   ? 204  SER A N   1 
ATOM   1351 C CA  . SER A 1 193 ? -0.173  -8.125  -2.234  1.00 9.87   ? 204  SER A CA  1 
ATOM   1352 C C   . SER A 1 193 ? 0.160   -8.973  -1.002  1.00 11.17  ? 204  SER A C   1 
ATOM   1353 O O   . SER A 1 193 ? 1.010   -8.608  -0.176  1.00 11.82  ? 204  SER A O   1 
ATOM   1354 C CB  . SER A 1 193 ? 0.863   -8.310  -3.364  1.00 10.31  ? 204  SER A CB  1 
ATOM   1355 O OG  . SER A 1 193 ? 2.038   -8.968  -2.913  1.00 9.62   ? 204  SER A OG  1 
ATOM   1356 N N   . ALA A 1 194 ? -0.535  -10.092 -0.846  1.00 10.67  ? 205  ALA A N   1 
ATOM   1357 C CA  . ALA A 1 194 ? -0.380  -10.884 0.370   1.00 9.78   ? 205  ALA A CA  1 
ATOM   1358 C C   . ALA A 1 194 ? -0.302  -12.368 0.040   1.00 8.51   ? 205  ALA A C   1 
ATOM   1359 O O   . ALA A 1 194 ? -0.818  -12.782 -0.997  1.00 7.38   ? 205  ALA A O   1 
ATOM   1360 C CB  . ALA A 1 194 ? -1.542  -10.593 1.350   1.00 9.56   ? 205  ALA A CB  1 
ATOM   1361 N N   . VAL A 1 195 ? 0.351   -13.162 0.898   1.00 8.27   ? 206  VAL A N   1 
ATOM   1362 C CA  . VAL A 1 195 ? 0.376   -14.620 0.709   1.00 8.37   ? 206  VAL A CA  1 
ATOM   1363 C C   . VAL A 1 195 ? -0.229  -15.423 1.843   1.00 10.76  ? 206  VAL A C   1 
ATOM   1364 O O   . VAL A 1 195 ? -0.520  -16.598 1.641   1.00 13.25  ? 206  VAL A O   1 
ATOM   1365 C CB  . VAL A 1 195 ? 1.793   -15.215 0.396   1.00 6.62   ? 206  VAL A CB  1 
ATOM   1366 C CG1 . VAL A 1 195 ? 2.370   -14.624 -0.874  1.00 5.59   ? 206  VAL A CG1 1 
ATOM   1367 C CG2 . VAL A 1 195 ? 2.742   -15.013 1.544   1.00 3.47   ? 206  VAL A CG2 1 
ATOM   1368 N N   . TRP A 1 196 ? -0.415  -14.831 3.025   1.00 12.76  ? 207  TRP A N   1 
ATOM   1369 C CA  . TRP A 1 196 ? -0.999  -15.580 4.141   1.00 14.11  ? 207  TRP A CA  1 
ATOM   1370 C C   . TRP A 1 196 ? -2.474  -15.251 4.323   1.00 15.15  ? 207  TRP A C   1 
ATOM   1371 O O   . TRP A 1 196 ? -2.928  -14.142 4.061   1.00 15.42  ? 207  TRP A O   1 
ATOM   1372 C CB  . TRP A 1 196 ? -0.224  -15.437 5.465   1.00 14.38  ? 207  TRP A CB  1 
ATOM   1373 C CG  . TRP A 1 196 ? -0.662  -16.470 6.510   1.00 19.43  ? 207  TRP A CG  1 
ATOM   1374 C CD1 . TRP A 1 196 ? -0.407  -17.828 6.491   1.00 23.07  ? 207  TRP A CD1 1 
ATOM   1375 C CD2 . TRP A 1 196 ? -1.447  -16.237 7.699   1.00 23.52  ? 207  TRP A CD2 1 
ATOM   1376 N NE1 . TRP A 1 196 ? -0.976  -18.437 7.591   1.00 20.67  ? 207  TRP A NE1 1 
ATOM   1377 C CE2 . TRP A 1 196 ? -1.619  -17.489 8.342   1.00 21.74  ? 207  TRP A CE2 1 
ATOM   1378 C CE3 . TRP A 1 196 ? -2.019  -15.098 8.282   1.00 25.48  ? 207  TRP A CE3 1 
ATOM   1379 C CZ2 . TRP A 1 196 ? -2.328  -17.623 9.537   1.00 26.27  ? 207  TRP A CZ2 1 
ATOM   1380 C CZ3 . TRP A 1 196 ? -2.733  -15.242 9.470   1.00 25.98  ? 207  TRP A CZ3 1 
ATOM   1381 C CH2 . TRP A 1 196 ? -2.875  -16.492 10.083  1.00 27.95  ? 207  TRP A CH2 1 
ATOM   1382 N N   . GLY A 1 197 ? -3.211  -16.249 4.777   1.00 15.92  ? 208  GLY A N   1 
ATOM   1383 C CA  . GLY A 1 197 ? -4.638  -16.185 4.738   1.00 17.49  ? 208  GLY A CA  1 
ATOM   1384 C C   . GLY A 1 197 ? -5.284  -16.364 6.077   1.00 20.69  ? 208  GLY A C   1 
ATOM   1385 O O   . GLY A 1 197 ? -4.890  -17.237 6.872   1.00 20.03  ? 208  GLY A O   1 
ATOM   1386 N N   . GLN A 1 198 ? -6.361  -15.594 6.215   1.00 22.68  ? 209  GLN A N   1 
ATOM   1387 C CA  . GLN A 1 198 ? -6.982  -15.203 7.442   1.00 22.35  ? 209  GLN A CA  1 
ATOM   1388 C C   . GLN A 1 198 ? -6.294  -13.917 7.860   1.00 21.93  ? 209  GLN A C   1 
ATOM   1389 O O   . GLN A 1 198 ? -5.805  -13.803 8.967   1.00 24.61  ? 209  GLN A O   1 
ATOM   1390 C CB  . GLN A 1 198 ? -6.826  -16.282 8.484   1.00 23.42  ? 209  GLN A CB  1 
ATOM   1391 C CG  . GLN A 1 198 ? -7.982  -17.098 8.514   1.00 32.99  ? 209  GLN A CG  1 
ATOM   1392 N N   . CYS A 1 199 ? -6.232  -12.936 6.970   1.00 20.75  ? 210  CYS A N   1 
ATOM   1393 C CA  . CYS A 1 199 ? -5.731  -11.642 7.392   1.00 21.10  ? 210  CYS A CA  1 
ATOM   1394 C C   . CYS A 1 199 ? -6.810  -10.574 7.317   1.00 20.34  ? 210  CYS A C   1 
ATOM   1395 O O   . CYS A 1 199 ? -7.804  -10.692 6.590   1.00 20.75  ? 210  CYS A O   1 
ATOM   1396 C CB  . CYS A 1 199 ? -4.508  -11.214 6.585   1.00 19.74  ? 210  CYS A CB  1 
ATOM   1397 S SG  . CYS A 1 199 ? -4.856  -10.973 4.838   1.00 24.90  ? 210  CYS A SG  1 
ATOM   1398 N N   . GLN A 1 200 ? -6.604  -9.526  8.090   1.00 18.88  ? 211  GLN A N   1 
ATOM   1399 C CA  . GLN A 1 200 ? -7.481  -8.399  8.048   1.00 19.69  ? 211  GLN A CA  1 
ATOM   1400 C C   . GLN A 1 200 ? -6.586  -7.179  7.881   1.00 19.25  ? 211  GLN A C   1 
ATOM   1401 O O   . GLN A 1 200 ? -5.800  -6.849  8.763   1.00 19.72  ? 211  GLN A O   1 
ATOM   1402 C CB  . GLN A 1 200 ? -8.330  -8.353  9.315   1.00 19.87  ? 211  GLN A CB  1 
ATOM   1403 C CG  . GLN A 1 200 ? -9.546  -9.242  9.200   1.00 23.49  ? 211  GLN A CG  1 
ATOM   1404 C CD  . GLN A 1 200 ? -9.948  -9.866  10.512  1.00 30.53  ? 211  GLN A CD  1 
ATOM   1405 O OE1 . GLN A 1 200 ? -9.396  -9.529  11.564  1.00 33.19  ? 211  GLN A OE1 1 
ATOM   1406 N NE2 . GLN A 1 200 ? -10.903 -10.802 10.460  1.00 28.66  ? 211  GLN A NE2 1 
ATOM   1407 N N   . VAL A 1 201 ? -6.685  -6.555  6.711   1.00 17.34  ? 212  VAL A N   1 
ATOM   1408 C CA  . VAL A 1 201 ? -5.817  -5.473  6.313   1.00 14.12  ? 212  VAL A CA  1 
ATOM   1409 C C   . VAL A 1 201 ? -6.687  -4.293  5.950   1.00 14.05  ? 212  VAL A C   1 
ATOM   1410 O O   . VAL A 1 201 ? -7.471  -4.383  5.000   1.00 15.09  ? 212  VAL A O   1 
ATOM   1411 C CB  . VAL A 1 201 ? -5.027  -5.890  5.091   1.00 13.32  ? 212  VAL A CB  1 
ATOM   1412 C CG1 . VAL A 1 201 ? -4.233  -4.723  4.550   1.00 12.92  ? 212  VAL A CG1 1 
ATOM   1413 C CG2 . VAL A 1 201 ? -4.132  -7.044  5.444   1.00 13.52  ? 212  VAL A CG2 1 
ATOM   1414 N N   . ARG A 1 202 ? -6.551  -3.202  6.706   1.00 13.34  ? 213  ARG A N   1 
ATOM   1415 C CA  . ARG A 1 202 ? -7.448  -2.047  6.607   1.00 14.99  ? 213  ARG A CA  1 
ATOM   1416 C C   . ARG A 1 202 ? -6.810  -0.841  5.928   1.00 15.86  ? 213  ARG A C   1 
ATOM   1417 O O   . ARG A 1 202 ? -5.599  -0.621  6.032   1.00 16.58  ? 213  ARG A O   1 
ATOM   1418 C CB  . ARG A 1 202 ? -7.961  -1.645  7.997   1.00 15.04  ? 213  ARG A CB  1 
ATOM   1419 C CG  . ARG A 1 202 ? -8.816  -2.717  8.667   1.00 19.90  ? 213  ARG A CG  1 
ATOM   1420 C CD  . ARG A 1 202 ? -9.598  -2.214  9.891   1.00 22.11  ? 213  ARG A CD  1 
ATOM   1421 N NE  . ARG A 1 202 ? -10.652 -3.175  10.252  1.00 27.99  ? 213  ARG A NE  1 
ATOM   1422 C CZ  . ARG A 1 202 ? -10.445 -4.393  10.775  1.00 29.83  ? 213  ARG A CZ  1 
ATOM   1423 N NH1 . ARG A 1 202 ? -9.218  -4.842  11.027  1.00 27.78  ? 213  ARG A NH1 1 
ATOM   1424 N NH2 . ARG A 1 202 ? -11.475 -5.182  11.053  1.00 25.74  ? 213  ARG A NH2 1 
ATOM   1425 N N   . ILE A 1 203 ? -7.635  -0.057  5.233   1.00 16.51  ? 214  ILE A N   1 
ATOM   1426 C CA  . ILE A 1 203 ? -7.172  1.152   4.566   1.00 15.19  ? 214  ILE A CA  1 
ATOM   1427 C C   . ILE A 1 203 ? -8.023  2.288   5.076   1.00 16.38  ? 214  ILE A C   1 
ATOM   1428 O O   . ILE A 1 203 ? -9.243  2.221   5.047   1.00 15.54  ? 214  ILE A O   1 
ATOM   1429 C CB  . ILE A 1 203 ? -7.298  1.054   3.021   1.00 13.98  ? 214  ILE A CB  1 
ATOM   1430 C CG1 . ILE A 1 203 ? -6.984  2.402   2.342   1.00 11.92  ? 214  ILE A CG1 1 
ATOM   1431 C CG2 . ILE A 1 203 ? -8.689  0.613   2.661   1.00 14.07  ? 214  ILE A CG2 1 
ATOM   1432 C CD1 . ILE A 1 203 ? -6.415  2.307   0.908   1.00 9.75   ? 214  ILE A CD1 1 
ATOM   1433 N N   . ARG A 1 204 ? -7.363  3.335   5.548   1.00 18.35  ? 215  ARG A N   1 
ATOM   1434 C CA  . ARG A 1 204 ? -8.036  4.528   6.007   1.00 19.28  ? 215  ARG A CA  1 
ATOM   1435 C C   . ARG A 1 204 ? -7.491  5.698   5.205   1.00 19.43  ? 215  ARG A C   1 
ATOM   1436 O O   . ARG A 1 204 ? -6.410  6.200   5.516   1.00 20.58  ? 215  ARG A O   1 
ATOM   1437 C CB  . ARG A 1 204 ? -7.696  4.764   7.470   1.00 19.86  ? 215  ARG A CB  1 
ATOM   1438 C CG  . ARG A 1 204 ? -8.824  5.361   8.263   1.00 29.51  ? 215  ARG A CG  1 
ATOM   1439 C CD  . ARG A 1 204 ? -8.363  6.570   9.064   1.00 36.74  ? 215  ARG A CD  1 
ATOM   1440 N NE  . ARG A 1 204 ? -9.514  7.314   9.577   1.00 42.26  ? 215  ARG A NE  1 
ATOM   1441 C CZ  . ARG A 1 204 ? -9.455  8.378   10.376  1.00 43.95  ? 215  ARG A CZ  1 
ATOM   1442 N NH1 . ARG A 1 204 ? -8.283  8.869   10.779  1.00 44.25  ? 215  ARG A NH1 1 
ATOM   1443 N NH2 . ARG A 1 204 ? -10.587 8.949   10.777  1.00 41.25  ? 215  ARG A NH2 1 
ATOM   1444 N N   . TYR A 1 205 ? -8.217  6.134   4.180   1.00 17.76  ? 216  TYR A N   1 
ATOM   1445 C CA  . TYR A 1 205 ? -7.750  7.245   3.356   1.00 18.92  ? 216  TYR A CA  1 
ATOM   1446 C C   . TYR A 1 205 ? -7.755  8.522   4.186   1.00 19.69  ? 216  TYR A C   1 
ATOM   1447 O O   . TYR A 1 205 ? -8.721  8.797   4.874   1.00 19.11  ? 216  TYR A O   1 
ATOM   1448 C CB  . TYR A 1 205 ? -8.631  7.376   2.110   1.00 18.84  ? 216  TYR A CB  1 
ATOM   1449 C CG  . TYR A 1 205 ? -8.285  8.507   1.155   1.00 16.68  ? 216  TYR A CG  1 
ATOM   1450 C CD1 . TYR A 1 205 ? -7.196  8.414   0.291   1.00 12.35  ? 216  TYR A CD1 1 
ATOM   1451 C CD2 . TYR A 1 205 ? -9.080  9.644   1.092   1.00 11.96  ? 216  TYR A CD2 1 
ATOM   1452 C CE1 . TYR A 1 205 ? -6.902  9.434   -0.597  1.00 11.98  ? 216  TYR A CE1 1 
ATOM   1453 C CE2 . TYR A 1 205 ? -8.800  10.668  0.213   1.00 12.30  ? 216  TYR A CE2 1 
ATOM   1454 C CZ  . TYR A 1 205 ? -7.705  10.574  -0.623  1.00 15.84  ? 216  TYR A CZ  1 
ATOM   1455 O OH  . TYR A 1 205 ? -7.434  11.614  -1.503  1.00 10.90  ? 216  TYR A OH  1 
ATOM   1456 N N   . MET A 1 206 ? -6.665  9.287   4.138   1.00 23.27  ? 217  MET A N   1 
ATOM   1457 C CA  . MET A 1 206 ? -6.472  10.406  5.064   1.00 25.43  ? 217  MET A CA  1 
ATOM   1458 C C   . MET A 1 206 ? -6.719  11.723  4.369   1.00 27.33  ? 217  MET A C   1 
ATOM   1459 O O   . MET A 1 206 ? -6.909  12.763  5.010   1.00 28.16  ? 217  MET A O   1 
ATOM   1460 C CB  . MET A 1 206 ? -5.067  10.396  5.660   1.00 25.69  ? 217  MET A CB  1 
ATOM   1461 C CG  . MET A 1 206 ? -4.809  9.249   6.622   1.00 24.28  ? 217  MET A CG  1 
ATOM   1462 S SD  . MET A 1 206 ? -6.066  9.066   7.900   1.00 24.63  ? 217  MET A SD  1 
ATOM   1463 C CE  . MET A 1 206 ? -5.821  10.524  8.926   1.00 29.24  ? 217  MET A CE  1 
ATOM   1464 N N   . GLY A 1 207 ? -6.717  11.670  3.049   1.00 28.16  ? 218  GLY A N   1 
ATOM   1465 C CA  . GLY A 1 207 ? -7.158  12.807  2.287   1.00 31.27  ? 218  GLY A CA  1 
ATOM   1466 C C   . GLY A 1 207 ? -6.269  13.172  1.132   1.00 34.73  ? 218  GLY A C   1 
ATOM   1467 O O   . GLY A 1 207 ? -5.321  12.467  0.795   1.00 34.62  ? 218  GLY A O   1 
ATOM   1468 N N   . GLU A 1 208 ? -6.587  14.312  0.542   1.00 38.73  ? 219  GLU A N   1 
ATOM   1469 C CA  . GLU A 1 208 ? -5.936  14.780  -0.650  1.00 43.32  ? 219  GLU A CA  1 
ATOM   1470 C C   . GLU A 1 208 ? -5.369  16.162  -0.373  1.00 46.21  ? 219  GLU A C   1 
ATOM   1471 O O   . GLU A 1 208 ? -5.629  16.735  0.680   1.00 47.88  ? 219  GLU A O   1 
ATOM   1472 C CB  . GLU A 1 208 ? -6.987  14.875  -1.758  1.00 43.88  ? 219  GLU A CB  1 
ATOM   1473 C CG  . GLU A 1 208 ? -8.340  15.407  -1.260  1.00 46.24  ? 219  GLU A CG  1 
ATOM   1474 C CD  . GLU A 1 208 ? -9.456  14.366  -1.263  1.00 48.95  ? 219  GLU A CD  1 
ATOM   1475 O OE1 . GLU A 1 208 ? -9.545  13.584  -2.243  1.00 41.75  ? 219  GLU A OE1 1 
ATOM   1476 O OE2 . GLU A 1 208 ? -10.256 14.359  -0.291  1.00 49.51  ? 219  GLU A OE2 1 
HETATM 1477 C C1  . GOL B 2 .   ? 10.494  -6.240  17.396  1.00 44.64  ? 988  GOL A C1  1 
HETATM 1478 O O1  . GOL B 2 .   ? 10.536  -4.988  18.067  1.00 42.50  ? 988  GOL A O1  1 
HETATM 1479 C C2  . GOL B 2 .   ? 9.228   -6.384  16.541  1.00 46.03  ? 988  GOL A C2  1 
HETATM 1480 O O2  . GOL B 2 .   ? 8.459   -7.468  16.995  1.00 46.09  ? 988  GOL A O2  1 
HETATM 1481 C C3  . GOL B 2 .   ? 9.540   -6.628  15.069  1.00 45.14  ? 988  GOL A C3  1 
HETATM 1482 O O3  . GOL B 2 .   ? 8.341   -6.654  14.320  1.00 50.35  ? 988  GOL A O3  1 
HETATM 1483 O O   . HOH C 3 .   ? 8.098   11.206  -12.508 1.00 9.49   ? 989  HOH A O   1 
HETATM 1484 O O   . HOH C 3 .   ? 7.363   18.663  -1.620  1.00 21.37  ? 990  HOH A O   1 
HETATM 1485 O O   . HOH C 3 .   ? -15.082 5.264   -6.113  1.00 21.42  ? 991  HOH A O   1 
HETATM 1486 O O   . HOH C 3 .   ? 5.529   -21.101 -4.850  1.00 29.40  ? 992  HOH A O   1 
HETATM 1487 O O   . HOH C 3 .   ? 6.580   -6.964  10.027  1.00 30.80  ? 993  HOH A O   1 
HETATM 1488 O O   . HOH C 3 .   ? 17.714  -3.100  15.739  1.00 17.94  ? 994  HOH A O   1 
HETATM 1489 O O   . HOH C 3 .   ? -20.060 9.549   6.901   1.00 28.71  ? 995  HOH A O   1 
HETATM 1490 O O   . HOH C 3 .   ? -1.094  0.548   -0.155  1.00 19.18  ? 996  HOH A O   1 
HETATM 1491 O O   . HOH C 3 .   ? 0.855   -12.066 3.266   1.00 9.45   ? 997  HOH A O   1 
HETATM 1492 O O   . HOH C 3 .   ? -10.548 -15.508 6.434   1.00 11.31  ? 998  HOH A O   1 
HETATM 1493 O O   . HOH C 3 .   ? 2.882   -8.545  18.189  1.00 51.84  ? 999  HOH A O   1 
HETATM 1494 O O   . HOH C 3 .   ? -4.860  -24.759 2.318   1.00 21.60  ? 1000 HOH A O   1 
HETATM 1495 O O   . HOH C 3 .   ? -5.928  -6.763  -13.921 1.00 24.58  ? 1001 HOH A O   1 
HETATM 1496 O O   . HOH C 3 .   ? -14.115 -12.133 -4.410  1.00 18.70  ? 1002 HOH A O   1 
HETATM 1497 O O   . HOH C 3 .   ? 14.163  11.683  -3.859  1.00 32.69  ? 1003 HOH A O   1 
HETATM 1498 O O   . HOH C 3 .   ? -8.574  4.246   -3.602  1.00 15.32  ? 1004 HOH A O   1 
HETATM 1499 O O   . HOH C 3 .   ? 6.957   -9.791  3.894   1.00 2.00   ? 1005 HOH A O   1 
HETATM 1500 O O   . HOH C 3 .   ? 12.697  5.217   -8.060  1.00 5.65   ? 1006 HOH A O   1 
HETATM 1501 O O   . HOH C 3 .   ? 5.890   10.489  -1.490  1.00 13.04  ? 1007 HOH A O   1 
HETATM 1502 O O   . HOH C 3 .   ? 0.629   -17.218 -11.873 1.00 3.32   ? 1008 HOH A O   1 
HETATM 1503 O O   . HOH C 3 .   ? -3.976  -12.257 -12.309 1.00 15.24  ? 1009 HOH A O   1 
HETATM 1504 O O   . HOH C 3 .   ? -6.902  13.780  7.721   1.00 25.37  ? 1010 HOH A O   1 
HETATM 1505 O O   . HOH C 3 .   ? -4.133  3.164   -14.405 1.00 21.97  ? 1011 HOH A O   1 
HETATM 1506 O O   . HOH C 3 .   ? 3.011   18.598  -1.699  1.00 27.87  ? 1012 HOH A O   1 
HETATM 1507 O O   . HOH C 3 .   ? 2.929   3.902   12.347  1.00 8.44   ? 1013 HOH A O   1 
HETATM 1508 O O   . HOH C 3 .   ? -4.006  -17.428 -7.173  1.00 19.78  ? 1014 HOH A O   1 
HETATM 1509 O O   . HOH C 3 .   ? -15.639 -8.942  -1.714  1.00 10.62  ? 1015 HOH A O   1 
HETATM 1510 O O   . HOH C 3 .   ? 1.199   -7.050  -9.876  1.00 7.43   ? 1016 HOH A O   1 
HETATM 1511 O O   . HOH C 3 .   ? 14.979  6.774   0.263   1.00 21.61  ? 1017 HOH A O   1 
HETATM 1512 O O   . HOH C 3 .   ? 0.875   0.786   15.058  1.00 22.08  ? 1018 HOH A O   1 
HETATM 1513 O O   . HOH C 3 .   ? 8.978   12.527  -0.338  1.00 18.64  ? 1019 HOH A O   1 
HETATM 1514 O O   . HOH C 3 .   ? 2.550   -2.563  16.243  1.00 25.26  ? 1020 HOH A O   1 
HETATM 1515 O O   . HOH C 3 .   ? -5.414  -5.628  -17.137 1.00 25.95  ? 1021 HOH A O   1 
HETATM 1516 O O   . HOH C 3 .   ? 6.539   -9.486  8.638   1.00 29.34  ? 1022 HOH A O   1 
HETATM 1517 O O   . HOH C 3 .   ? -10.578 6.029   -10.644 1.00 31.60  ? 1023 HOH A O   1 
HETATM 1518 O O   . HOH C 3 .   ? 1.089   -18.107 2.132   1.00 177.87 ? 1024 HOH A O   1 
HETATM 1519 O O   . HOH C 3 .   ? 7.812   1.431   -16.295 1.00 12.41  ? 1025 HOH A O   1 
HETATM 1520 O O   . HOH C 3 .   ? 9.705   11.422  -10.036 1.00 16.44  ? 1026 HOH A O   1 
HETATM 1521 O O   . HOH C 3 .   ? 18.077  6.440   5.513   1.00 33.52  ? 1027 HOH A O   1 
HETATM 1522 O O   . HOH C 3 .   ? -0.113  -6.319  14.996  1.00 18.25  ? 1028 HOH A O   1 
HETATM 1523 O O   . HOH C 3 .   ? 1.405   6.071   11.395  1.00 24.17  ? 1029 HOH A O   1 
HETATM 1524 O O   . HOH C 3 .   ? -10.336 4.150   3.445   1.00 17.41  ? 1030 HOH A O   1 
HETATM 1525 O O   . HOH C 3 .   ? -17.567 -1.729  -1.137  1.00 19.11  ? 1031 HOH A O   1 
HETATM 1526 O O   . HOH C 3 .   ? -3.708  -22.519 -6.490  1.00 16.09  ? 1032 HOH A O   1 
HETATM 1527 O O   . HOH C 3 .   ? 17.633  -7.539  -6.640  1.00 30.02  ? 1033 HOH A O   1 
HETATM 1528 O O   . HOH C 3 .   ? 9.569   18.677  -9.004  1.00 20.47  ? 1034 HOH A O   1 
HETATM 1529 O O   . HOH C 3 .   ? -5.719  -10.364 -11.975 1.00 11.90  ? 1035 HOH A O   1 
HETATM 1530 O O   . HOH C 3 .   ? -6.604  -24.283 -0.159  1.00 25.42  ? 1036 HOH A O   1 
HETATM 1531 O O   . HOH C 3 .   ? -1.830  10.987  -16.750 1.00 31.23  ? 1037 HOH A O   1 
HETATM 1532 O O   . HOH C 3 .   ? -8.971  -1.092  -12.479 1.00 22.47  ? 1038 HOH A O   1 
HETATM 1533 O O   . HOH C 3 .   ? -6.533  4.165   -15.289 1.00 21.29  ? 1039 HOH A O   1 
HETATM 1534 O O   . HOH C 3 .   ? 7.519   14.012  -2.446  1.00 11.70  ? 1040 HOH A O   1 
HETATM 1535 O O   . HOH C 3 .   ? 8.230   -5.307  11.086  1.00 15.76  ? 1041 HOH A O   1 
HETATM 1536 O O   . HOH C 3 .   ? -6.467  12.339  -8.617  1.00 5.10   ? 1042 HOH A O   1 
HETATM 1537 O O   . HOH C 3 .   ? 3.042   -10.600 -1.760  1.00 9.04   ? 1043 HOH A O   1 
HETATM 1538 O O   . HOH C 3 .   ? 9.294   1.633   -14.668 1.00 14.41  ? 1044 HOH A O   1 
HETATM 1539 O O   . HOH C 3 .   ? -8.620  -2.854  -14.530 1.00 25.11  ? 1045 HOH A O   1 
HETATM 1540 O O   . HOH C 3 .   ? -18.655 5.824   -2.552  1.00 40.63  ? 1046 HOH A O   1 
HETATM 1541 O O   . HOH C 3 .   ? -17.917 3.201   -3.187  1.00 22.85  ? 1047 HOH A O   1 
# 
loop_
_pdbx_poly_seq_scheme.asym_id 
_pdbx_poly_seq_scheme.entity_id 
_pdbx_poly_seq_scheme.seq_id 
_pdbx_poly_seq_scheme.mon_id 
_pdbx_poly_seq_scheme.ndb_seq_num 
_pdbx_poly_seq_scheme.pdb_seq_num 
_pdbx_poly_seq_scheme.auth_seq_num 
_pdbx_poly_seq_scheme.pdb_mon_id 
_pdbx_poly_seq_scheme.auth_mon_id 
_pdbx_poly_seq_scheme.pdb_strand_id 
_pdbx_poly_seq_scheme.pdb_ins_code 
_pdbx_poly_seq_scheme.hetero 
A 1 1   SER 1   12  ?   ?   ?   A . n 
A 1 2   THR 2   13  ?   ?   ?   A . n 
A 1 3   PRO 3   14  ?   ?   ?   A . n 
A 1 4   THR 4   15  ?   ?   ?   A . n 
A 1 5   SER 5   16  ?   ?   ?   A . n 
A 1 6   GLN 6   17  ?   ?   ?   A . n 
A 1 7   ALA 7   18  ?   ?   ?   A . n 
A 1 8   LEU 8   19  ?   ?   ?   A . n 
A 1 9   TYR 9   20  ?   ?   ?   A . n 
A 1 10  SER 10  21  21  SER ALA A . n 
A 1 11  ASP 11  22  22  ASP ASP A . n 
A 1 12  PHE 12  23  23  PHE PHE A . n 
A 1 13  SER 13  24  24  SER SER A . n 
A 1 14  PRO 14  25  25  PRO PRO A . n 
A 1 15  PRO 15  26  26  PRO PRO A . n 
A 1 16  GLU 16  27  27  GLU GLU A . n 
A 1 17  GLY 17  28  28  GLY GLY A . n 
A 1 18  LEU 18  29  29  LEU LEU A . n 
A 1 19  GLU 19  30  30  GLU GLU A . n 
A 1 20  GLU 20  31  31  GLU GLU A . n 
A 1 21  LEU 21  32  32  LEU LEU A . n 
A 1 22  LEU 22  33  33  LEU LEU A . n 
A 1 23  SER 23  34  34  SER SER A . n 
A 1 24  ALA 24  35  35  ALA ALA A . n 
A 1 25  PRO 25  36  36  PRO PRO A . n 
A 1 26  PRO 26  37  37  PRO PRO A . n 
A 1 27  PRO 27  38  38  PRO PRO A . n 
A 1 28  ASP 28  39  39  ASP ASP A . n 
A 1 29  LEU 29  40  40  LEU LEU A . n 
A 1 30  VAL 30  41  41  VAL VAL A . n 
A 1 31  ALA 31  42  42  ALA ALA A . n 
A 1 32  GLN 32  43  43  GLN GLN A . n 
A 1 33  ARG 33  44  44  ARG ARG A . n 
A 1 34  HIS 34  45  45  HIS HIS A . n 
A 1 35  HIS 35  46  46  HIS HIS A . n 
A 1 36  GLY 36  47  47  GLY GLY A . n 
A 1 37  TRP 37  48  48  TRP TRP A . n 
A 1 38  ASN 38  49  49  ASN ASN A . n 
A 1 39  PRO 39  50  50  PRO PRO A . n 
A 1 40  LYS 40  51  51  LYS LYS A . n 
A 1 41  ASP 41  52  52  ASP ASP A . n 
A 1 42  CYS 42  53  53  CYS CYS A . n 
A 1 43  SER 43  54  54  SER SER A . n 
A 1 44  GLU 44  55  55  GLU GLU A . n 
A 1 45  ASN 45  56  56  ASN ASN A . n 
A 1 46  ILE 46  57  57  ILE ILE A . n 
A 1 47  ASP 47  58  58  ASP ASP A . n 
A 1 48  VAL 48  59  59  VAL VAL A . n 
A 1 49  LYS 49  60  60  LYS LYS A . n 
A 1 50  GLU 50  61  61  GLU GLU A . n 
A 1 51  GLY 51  62  62  GLY GLY A . n 
A 1 52  GLY 52  63  63  GLY GLY A . n 
A 1 53  LEU 53  64  64  LEU LEU A . n 
A 1 54  CYS 54  65  65  CYS CYS A . n 
A 1 55  PHE 55  66  66  PHE PHE A . n 
A 1 56  GLU 56  67  67  GLU GLU A . n 
A 1 57  ARG 57  68  68  ARG ARG A . n 
A 1 58  ARG 58  69  69  ARG ARG A . n 
A 1 59  PRO 59  70  70  PRO PRO A . n 
A 1 60  VAL 60  71  71  VAL VAL A . n 
A 1 61  ALA 61  72  72  ALA ALA A . n 
A 1 62  GLN 62  73  73  GLN GLN A . n 
A 1 63  SER 63  74  74  SER SER A . n 
A 1 64  THR 64  75  75  THR THR A . n 
A 1 65  ASP 65  76  76  ASP ASP A . n 
A 1 66  GLY 66  77  77  GLY GLY A . n 
A 1 67  VAL 67  78  78  VAL VAL A . n 
A 1 68  ARG 68  79  79  ARG ARG A . n 
A 1 69  GLY 69  80  80  GLY GLY A . n 
A 1 70  LYS 70  81  81  LYS LYS A . n 
A 1 71  ARG 71  82  82  ARG SER A . n 
A 1 72  GLY 72  83  83  GLY GLY A . n 
A 1 73  TYR 73  84  84  TYR TYR A . n 
A 1 74  SER 74  85  85  SER SER A . n 
A 1 75  ARG 75  86  86  ARG ARG A . n 
A 1 76  GLY 76  87  87  GLY GLY A . n 
A 1 77  LEU 77  88  88  LEU LEU A . n 
A 1 78  HIS 78  89  89  HIS HIS A . n 
A 1 79  ALA 79  90  90  ALA ALA A . n 
A 1 80  TRP 80  91  91  TRP TRP A . n 
A 1 81  GLU 81  92  92  GLU GLU A . n 
A 1 82  ILE 82  93  93  ILE ILE A . n 
A 1 83  SER 83  94  94  SER SER A . n 
A 1 84  TRP 84  95  95  TRP TRP A . n 
A 1 85  PRO 85  96  96  PRO PRO A . n 
A 1 86  LEU 86  97  97  LEU LEU A . n 
A 1 87  GLU 87  98  98  GLU GLU A . n 
A 1 88  GLN 88  99  99  GLN GLN A . n 
A 1 89  ARG 89  100 100 ARG ARG A . n 
A 1 90  GLY 90  101 101 GLY GLY A . n 
A 1 91  THR 91  102 102 THR THR A . n 
A 1 92  HIS 92  103 103 HIS HIS A . n 
A 1 93  ALA 93  104 104 ALA ALA A . n 
A 1 94  VAL 94  105 105 VAL VAL A . n 
A 1 95  VAL 95  106 106 VAL VAL A . n 
A 1 96  GLY 96  107 107 GLY GLY A . n 
A 1 97  VAL 97  108 108 VAL VAL A . n 
A 1 98  ALA 98  109 109 ALA ALA A . n 
A 1 99  THR 99  110 110 THR THR A . n 
A 1 100 ALA 100 111 111 ALA ALA A . n 
A 1 101 LEU 101 112 112 LEU LEU A . n 
A 1 102 ALA 102 113 113 ALA ALA A . n 
A 1 103 PRO 103 114 114 PRO PRO A . n 
A 1 104 LEU 104 115 115 LEU LEU A . n 
A 1 105 GLN 105 116 116 GLN GLN A . n 
A 1 106 ALA 106 117 117 ALA ALA A . n 
A 1 107 ASP 107 118 118 ASP ASP A . n 
A 1 108 HIS 108 119 119 HIS HIS A . n 
A 1 109 TYR 109 120 120 TYR TYR A . n 
A 1 110 ALA 110 121 121 ALA ALA A . n 
A 1 111 ALA 111 122 122 ALA ALA A . n 
A 1 112 LEU 112 123 123 LEU LEU A . n 
A 1 113 LEU 113 124 124 LEU LEU A . n 
A 1 114 GLY 114 125 125 GLY GLY A . n 
A 1 115 SER 115 126 126 SER SER A . n 
A 1 116 ASN 116 127 127 ASN ASN A . n 
A 1 117 SER 117 128 128 SER SER A . n 
A 1 118 GLU 118 129 129 GLU GLU A . n 
A 1 119 SER 119 130 130 SER SER A . n 
A 1 120 TRP 120 131 131 TRP TRP A . n 
A 1 121 GLY 121 132 132 GLY GLY A . n 
A 1 122 TRP 122 133 133 TRP TRP A . n 
A 1 123 ASP 123 134 134 ASP ASP A . n 
A 1 124 ILE 124 135 135 ILE ILE A . n 
A 1 125 GLY 125 136 136 GLY GLY A . n 
A 1 126 ARG 126 137 137 ARG ARG A . n 
A 1 127 GLY 127 138 138 GLY GLY A . n 
A 1 128 LYS 128 139 139 LYS LYS A . n 
A 1 129 LEU 129 140 140 LEU LEU A . n 
A 1 130 TYR 130 141 141 TYR TYR A . n 
A 1 131 HIS 131 142 142 HIS HIS A . n 
A 1 132 GLN 132 143 143 GLN GLN A . n 
A 1 133 SER 133 144 144 SER SER A . n 
A 1 134 LYS 134 145 145 LYS ALA A . n 
A 1 135 GLY 135 146 ?   ?   ?   A . n 
A 1 136 LEU 136 147 ?   ?   ?   A . n 
A 1 137 GLU 137 148 ?   ?   ?   A . n 
A 1 138 ALA 138 149 149 ALA ALA A . n 
A 1 139 PRO 139 150 150 PRO PRO A . n 
A 1 140 GLN 140 151 151 GLN GLN A . n 
A 1 141 TYR 141 152 152 TYR TYR A . n 
A 1 142 PRO 142 153 153 PRO PRO A . n 
A 1 143 ALA 143 154 154 ALA ALA A . n 
A 1 144 GLY 144 155 ?   ?   ?   A . n 
A 1 145 PRO 145 156 ?   ?   ?   A . n 
A 1 146 GLN 146 157 ?   ?   ?   A . n 
A 1 147 GLY 147 158 158 GLY GLY A . n 
A 1 148 GLU 148 159 159 GLU SER A . n 
A 1 149 GLN 149 160 160 GLN GLN A . n 
A 1 150 LEU 150 161 161 LEU LEU A . n 
A 1 151 VAL 151 162 162 VAL VAL A . n 
A 1 152 VAL 152 163 163 VAL VAL A . n 
A 1 153 PRO 153 164 164 PRO PRO A . n 
A 1 154 GLU 154 165 165 GLU GLU A . n 
A 1 155 ARG 155 166 166 ARG ARG A . n 
A 1 156 LEU 156 167 167 LEU LEU A . n 
A 1 157 LEU 157 168 168 LEU LEU A . n 
A 1 158 VAL 158 169 169 VAL VAL A . n 
A 1 159 VAL 159 170 170 VAL VAL A . n 
A 1 160 LEU 160 171 171 LEU LEU A . n 
A 1 161 ASP 161 172 172 ASP ASP A . n 
A 1 162 MET 162 173 173 MET MET A . n 
A 1 163 GLU 163 174 174 GLU GLU A . n 
A 1 164 GLU 164 175 175 GLU GLU A . n 
A 1 165 GLY 165 176 176 GLY GLY A . n 
A 1 166 THR 166 177 177 THR THR A . n 
A 1 167 LEU 167 178 178 LEU LEU A . n 
A 1 168 GLY 168 179 179 GLY GLY A . n 
A 1 169 TYR 169 180 180 TYR TYR A . n 
A 1 170 SER 170 181 181 SER SER A . n 
A 1 171 ILE 171 182 182 ILE ILE A . n 
A 1 172 GLY 172 183 183 GLY GLY A . n 
A 1 173 GLY 173 184 184 GLY GLY A . n 
A 1 174 THR 174 185 185 THR THR A . n 
A 1 175 TYR 175 186 186 TYR TYR A . n 
A 1 176 LEU 176 187 187 LEU LEU A . n 
A 1 177 GLY 177 188 188 GLY GLY A . n 
A 1 178 PRO 178 189 189 PRO PRO A . n 
A 1 179 ALA 179 190 190 ALA ALA A . n 
A 1 180 PHE 180 191 191 PHE PHE A . n 
A 1 181 ARG 181 192 192 ARG ARG A . n 
A 1 182 GLY 182 193 193 GLY GLY A . n 
A 1 183 LEU 183 194 194 LEU LEU A . n 
A 1 184 LYS 184 195 195 LYS LYS A . n 
A 1 185 GLY 185 196 196 GLY GLY A . n 
A 1 186 ARG 186 197 197 ARG ARG A . n 
A 1 187 THR 187 198 198 THR THR A . n 
A 1 188 LEU 188 199 199 LEU LEU A . n 
A 1 189 TYR 189 200 200 TYR TYR A . n 
A 1 190 PRO 190 201 201 PRO PRO A . n 
A 1 191 SER 191 202 202 SER SER A . n 
A 1 192 VAL 192 203 203 VAL VAL A . n 
A 1 193 SER 193 204 204 SER SER A . n 
A 1 194 ALA 194 205 205 ALA ALA A . n 
A 1 195 VAL 195 206 206 VAL VAL A . n 
A 1 196 TRP 196 207 207 TRP TRP A . n 
A 1 197 GLY 197 208 208 GLY GLY A . n 
A 1 198 GLN 198 209 209 GLN SER A . n 
A 1 199 CYS 199 210 210 CYS CYS A . n 
A 1 200 GLN 200 211 211 GLN GLN A . n 
A 1 201 VAL 201 212 212 VAL VAL A . n 
A 1 202 ARG 202 213 213 ARG ARG A . n 
A 1 203 ILE 203 214 214 ILE ILE A . n 
A 1 204 ARG 204 215 215 ARG ARG A . n 
A 1 205 TYR 205 216 216 TYR TYR A . n 
A 1 206 MET 206 217 217 MET MET A . n 
A 1 207 GLY 207 218 218 GLY GLY A . n 
A 1 208 GLU 208 219 219 GLU GLU A . n 
A 1 209 ARG 209 220 ?   ?   ?   A . n 
A 1 210 ARG 210 221 ?   ?   ?   A . n 
A 1 211 VAL 211 222 ?   ?   ?   A . n 
A 1 212 GLU 212 223 ?   ?   ?   A . n 
A 1 213 GLU 213 224 ?   ?   ?   A . n 
# 
loop_
_pdbx_nonpoly_scheme.asym_id 
_pdbx_nonpoly_scheme.entity_id 
_pdbx_nonpoly_scheme.mon_id 
_pdbx_nonpoly_scheme.ndb_seq_num 
_pdbx_nonpoly_scheme.pdb_seq_num 
_pdbx_nonpoly_scheme.auth_seq_num 
_pdbx_nonpoly_scheme.pdb_mon_id 
_pdbx_nonpoly_scheme.auth_mon_id 
_pdbx_nonpoly_scheme.pdb_strand_id 
_pdbx_nonpoly_scheme.pdb_ins_code 
B 2 GOL 1  988  988 GOL GOL A . 
C 3 HOH 1  989  1   HOH HOH A . 
C 3 HOH 2  990  2   HOH HOH A . 
C 3 HOH 3  991  3   HOH HOH A . 
C 3 HOH 4  992  4   HOH HOH A . 
C 3 HOH 5  993  5   HOH HOH A . 
C 3 HOH 6  994  6   HOH HOH A . 
C 3 HOH 7  995  7   HOH HOH A . 
C 3 HOH 8  996  8   HOH HOH A . 
C 3 HOH 9  997  9   HOH HOH A . 
C 3 HOH 10 998  10  HOH HOH A . 
C 3 HOH 11 999  11  HOH HOH A . 
C 3 HOH 12 1000 12  HOH HOH A . 
C 3 HOH 13 1001 13  HOH HOH A . 
C 3 HOH 14 1002 14  HOH HOH A . 
C 3 HOH 15 1003 15  HOH HOH A . 
C 3 HOH 16 1004 16  HOH HOH A . 
C 3 HOH 17 1005 17  HOH HOH A . 
C 3 HOH 18 1006 19  HOH HOH A . 
C 3 HOH 19 1007 20  HOH HOH A . 
C 3 HOH 20 1008 21  HOH HOH A . 
C 3 HOH 21 1009 22  HOH HOH A . 
C 3 HOH 22 1010 23  HOH HOH A . 
C 3 HOH 23 1011 24  HOH HOH A . 
C 3 HOH 24 1012 25  HOH HOH A . 
C 3 HOH 25 1013 26  HOH HOH A . 
C 3 HOH 26 1014 27  HOH HOH A . 
C 3 HOH 27 1015 28  HOH HOH A . 
C 3 HOH 28 1016 29  HOH HOH A . 
C 3 HOH 29 1017 30  HOH HOH A . 
C 3 HOH 30 1018 31  HOH HOH A . 
C 3 HOH 31 1019 32  HOH HOH A . 
C 3 HOH 32 1020 33  HOH HOH A . 
C 3 HOH 33 1021 34  HOH HOH A . 
C 3 HOH 34 1022 35  HOH HOH A . 
C 3 HOH 35 1023 36  HOH HOH A . 
C 3 HOH 36 1024 37  HOH HOH A . 
C 3 HOH 37 1025 38  HOH HOH A . 
C 3 HOH 38 1026 39  HOH HOH A . 
C 3 HOH 39 1027 40  HOH HOH A . 
C 3 HOH 40 1028 41  HOH HOH A . 
C 3 HOH 41 1029 42  HOH HOH A . 
C 3 HOH 42 1030 43  HOH HOH A . 
C 3 HOH 43 1031 44  HOH HOH A . 
C 3 HOH 44 1032 45  HOH HOH A . 
C 3 HOH 45 1033 46  HOH HOH A . 
C 3 HOH 46 1034 47  HOH HOH A . 
C 3 HOH 47 1035 48  HOH HOH A . 
C 3 HOH 48 1036 49  HOH HOH A . 
C 3 HOH 49 1037 50  HOH HOH A . 
C 3 HOH 50 1038 51  HOH HOH A . 
C 3 HOH 51 1039 52  HOH HOH A . 
C 3 HOH 52 1040 53  HOH HOH A . 
C 3 HOH 53 1041 54  HOH HOH A . 
C 3 HOH 54 1042 55  HOH HOH A . 
C 3 HOH 55 1043 56  HOH HOH A . 
C 3 HOH 56 1044 57  HOH HOH A . 
C 3 HOH 57 1045 58  HOH HOH A . 
C 3 HOH 58 1046 59  HOH HOH A . 
C 3 HOH 59 1047 60  HOH HOH A . 
# 
_pdbx_struct_assembly.id                   1 
_pdbx_struct_assembly.details              author_and_software_defined_assembly 
_pdbx_struct_assembly.method_details       PISA 
_pdbx_struct_assembly.oligomeric_details   monomeric 
_pdbx_struct_assembly.oligomeric_count     1 
# 
_pdbx_struct_assembly_gen.assembly_id       1 
_pdbx_struct_assembly_gen.oper_expression   1 
_pdbx_struct_assembly_gen.asym_id_list      A,B,C 
# 
_pdbx_struct_oper_list.id                   1 
_pdbx_struct_oper_list.type                 'identity operation' 
_pdbx_struct_oper_list.name                 1_555 
_pdbx_struct_oper_list.symmetry_operation   x,y,z 
_pdbx_struct_oper_list.matrix[1][1]         1.0000000000 
_pdbx_struct_oper_list.matrix[1][2]         0.0000000000 
_pdbx_struct_oper_list.matrix[1][3]         0.0000000000 
_pdbx_struct_oper_list.vector[1]            0.0000000000 
_pdbx_struct_oper_list.matrix[2][1]         0.0000000000 
_pdbx_struct_oper_list.matrix[2][2]         1.0000000000 
_pdbx_struct_oper_list.matrix[2][3]         0.0000000000 
_pdbx_struct_oper_list.vector[2]            0.0000000000 
_pdbx_struct_oper_list.matrix[3][1]         0.0000000000 
_pdbx_struct_oper_list.matrix[3][2]         0.0000000000 
_pdbx_struct_oper_list.matrix[3][3]         1.0000000000 
_pdbx_struct_oper_list.vector[3]            0.0000000000 
# 
loop_
_pdbx_audit_revision_history.ordinal 
_pdbx_audit_revision_history.data_content_type 
_pdbx_audit_revision_history.major_revision 
_pdbx_audit_revision_history.minor_revision 
_pdbx_audit_revision_history.revision_date 
1 'Structure model' 1 0 2009-02-24 
2 'Structure model' 1 1 2011-07-13 
3 'Structure model' 1 2 2012-02-08 
4 'Structure model' 1 3 2023-08-30 
# 
_pdbx_audit_revision_details.ordinal             1 
_pdbx_audit_revision_details.revision_ordinal    1 
_pdbx_audit_revision_details.data_content_type   'Structure model' 
_pdbx_audit_revision_details.provider            repository 
_pdbx_audit_revision_details.type                'Initial release' 
_pdbx_audit_revision_details.description         ? 
_pdbx_audit_revision_details.details             ? 
# 
loop_
_pdbx_audit_revision_group.ordinal 
_pdbx_audit_revision_group.revision_ordinal 
_pdbx_audit_revision_group.data_content_type 
_pdbx_audit_revision_group.group 
1 2 'Structure model' 'Non-polymer description'   
2 2 'Structure model' 'Version format compliance' 
3 3 'Structure model' 'Structure summary'         
4 4 'Structure model' 'Data collection'           
5 4 'Structure model' 'Database references'       
6 4 'Structure model' 'Derived calculations'      
7 4 'Structure model' 'Refinement description'    
# 
loop_
_pdbx_audit_revision_category.ordinal 
_pdbx_audit_revision_category.revision_ordinal 
_pdbx_audit_revision_category.data_content_type 
_pdbx_audit_revision_category.category 
1 4 'Structure model' chem_comp_atom                
2 4 'Structure model' chem_comp_bond                
3 4 'Structure model' database_2                    
4 4 'Structure model' pdbx_initial_refinement_model 
5 4 'Structure model' struct_site                   
# 
loop_
_pdbx_audit_revision_item.ordinal 
_pdbx_audit_revision_item.revision_ordinal 
_pdbx_audit_revision_item.data_content_type 
_pdbx_audit_revision_item.item 
1 4 'Structure model' '_database_2.pdbx_DOI'                
2 4 'Structure model' '_database_2.pdbx_database_accession' 
3 4 'Structure model' '_struct_site.pdbx_auth_asym_id'      
4 4 'Structure model' '_struct_site.pdbx_auth_comp_id'      
5 4 'Structure model' '_struct_site.pdbx_auth_seq_id'       
# 
loop_
_software.name 
_software.classification 
_software.version 
_software.citation_id 
_software.pdbx_ordinal 
CrystalClear 'data collection' .        ? 1 
MOLREP       phasing           .        ? 2 
REFMAC       refinement        5.4.0067 ? 3 
HKL-2000     'data reduction'  .        ? 4 
HKL-2000     'data scaling'    .        ? 5 
# 
loop_
_pdbx_validate_torsion.id 
_pdbx_validate_torsion.PDB_model_num 
_pdbx_validate_torsion.auth_comp_id 
_pdbx_validate_torsion.auth_asym_id 
_pdbx_validate_torsion.auth_seq_id 
_pdbx_validate_torsion.PDB_ins_code 
_pdbx_validate_torsion.label_alt_id 
_pdbx_validate_torsion.phi 
_pdbx_validate_torsion.psi 
1 1 ALA A 35  ? ? -48.40  156.24  
2 1 GLU A 55  ? ? -53.17  -9.94   
3 1 ASP A 118 ? ? -96.34  32.07   
4 1 ARG A 192 ? ? -113.45 -168.02 
5 1 GLN A 209 ? ? 89.28   52.46   
# 
loop_
_pdbx_unobs_or_zero_occ_atoms.id 
_pdbx_unobs_or_zero_occ_atoms.PDB_model_num 
_pdbx_unobs_or_zero_occ_atoms.polymer_flag 
_pdbx_unobs_or_zero_occ_atoms.occupancy_flag 
_pdbx_unobs_or_zero_occ_atoms.auth_asym_id 
_pdbx_unobs_or_zero_occ_atoms.auth_comp_id 
_pdbx_unobs_or_zero_occ_atoms.auth_seq_id 
_pdbx_unobs_or_zero_occ_atoms.PDB_ins_code 
_pdbx_unobs_or_zero_occ_atoms.auth_atom_id 
_pdbx_unobs_or_zero_occ_atoms.label_alt_id 
_pdbx_unobs_or_zero_occ_atoms.label_asym_id 
_pdbx_unobs_or_zero_occ_atoms.label_comp_id 
_pdbx_unobs_or_zero_occ_atoms.label_seq_id 
_pdbx_unobs_or_zero_occ_atoms.label_atom_id 
1  1 Y 1 A SER 21  ? OG  ? A SER 10  OG  
2  1 Y 1 A ARG 82  ? CD  ? A ARG 71  CD  
3  1 Y 1 A ARG 82  ? NE  ? A ARG 71  NE  
4  1 Y 1 A ARG 82  ? CZ  ? A ARG 71  CZ  
5  1 Y 1 A ARG 82  ? NH1 ? A ARG 71  NH1 
6  1 Y 1 A ARG 82  ? NH2 ? A ARG 71  NH2 
7  1 Y 1 A LYS 145 ? CG  ? A LYS 134 CG  
8  1 Y 1 A LYS 145 ? CD  ? A LYS 134 CD  
9  1 Y 1 A LYS 145 ? CE  ? A LYS 134 CE  
10 1 Y 1 A LYS 145 ? NZ  ? A LYS 134 NZ  
11 1 Y 1 A GLU 159 ? CD  ? A GLU 148 CD  
12 1 Y 1 A GLU 159 ? OE1 ? A GLU 148 OE1 
13 1 Y 1 A GLU 159 ? OE2 ? A GLU 148 OE2 
14 1 Y 1 A GLN 209 ? CD  ? A GLN 198 CD  
15 1 Y 1 A GLN 209 ? OE1 ? A GLN 198 OE1 
16 1 Y 1 A GLN 209 ? NE2 ? A GLN 198 NE2 
# 
loop_
_pdbx_unobs_or_zero_occ_residues.id 
_pdbx_unobs_or_zero_occ_residues.PDB_model_num 
_pdbx_unobs_or_zero_occ_residues.polymer_flag 
_pdbx_unobs_or_zero_occ_residues.occupancy_flag 
_pdbx_unobs_or_zero_occ_residues.auth_asym_id 
_pdbx_unobs_or_zero_occ_residues.auth_comp_id 
_pdbx_unobs_or_zero_occ_residues.auth_seq_id 
_pdbx_unobs_or_zero_occ_residues.PDB_ins_code 
_pdbx_unobs_or_zero_occ_residues.label_asym_id 
_pdbx_unobs_or_zero_occ_residues.label_comp_id 
_pdbx_unobs_or_zero_occ_residues.label_seq_id 
1  1 Y 1 A SER 12  ? A SER 1   
2  1 Y 1 A THR 13  ? A THR 2   
3  1 Y 1 A PRO 14  ? A PRO 3   
4  1 Y 1 A THR 15  ? A THR 4   
5  1 Y 1 A SER 16  ? A SER 5   
6  1 Y 1 A GLN 17  ? A GLN 6   
7  1 Y 1 A ALA 18  ? A ALA 7   
8  1 Y 1 A LEU 19  ? A LEU 8   
9  1 Y 1 A TYR 20  ? A TYR 9   
10 1 Y 1 A GLY 146 ? A GLY 135 
11 1 Y 1 A LEU 147 ? A LEU 136 
12 1 Y 1 A GLU 148 ? A GLU 137 
13 1 Y 1 A GLY 155 ? A GLY 144 
14 1 Y 1 A PRO 156 ? A PRO 145 
15 1 Y 1 A GLN 157 ? A GLN 146 
16 1 Y 1 A ARG 220 ? A ARG 209 
17 1 Y 1 A ARG 221 ? A ARG 210 
18 1 Y 1 A VAL 222 ? A VAL 211 
19 1 Y 1 A GLU 223 ? A GLU 212 
20 1 Y 1 A GLU 224 ? A GLU 213 
# 
loop_
_chem_comp_atom.comp_id 
_chem_comp_atom.atom_id 
_chem_comp_atom.type_symbol 
_chem_comp_atom.pdbx_aromatic_flag 
_chem_comp_atom.pdbx_stereo_config 
_chem_comp_atom.pdbx_ordinal 
ALA N    N N N 1   
ALA CA   C N S 2   
ALA C    C N N 3   
ALA O    O N N 4   
ALA CB   C N N 5   
ALA OXT  O N N 6   
ALA H    H N N 7   
ALA H2   H N N 8   
ALA HA   H N N 9   
ALA HB1  H N N 10  
ALA HB2  H N N 11  
ALA HB3  H N N 12  
ALA HXT  H N N 13  
ARG N    N N N 14  
ARG CA   C N S 15  
ARG C    C N N 16  
ARG O    O N N 17  
ARG CB   C N N 18  
ARG CG   C N N 19  
ARG CD   C N N 20  
ARG NE   N N N 21  
ARG CZ   C N N 22  
ARG NH1  N N N 23  
ARG NH2  N N N 24  
ARG OXT  O N N 25  
ARG H    H N N 26  
ARG H2   H N N 27  
ARG HA   H N N 28  
ARG HB2  H N N 29  
ARG HB3  H N N 30  
ARG HG2  H N N 31  
ARG HG3  H N N 32  
ARG HD2  H N N 33  
ARG HD3  H N N 34  
ARG HE   H N N 35  
ARG HH11 H N N 36  
ARG HH12 H N N 37  
ARG HH21 H N N 38  
ARG HH22 H N N 39  
ARG HXT  H N N 40  
ASN N    N N N 41  
ASN CA   C N S 42  
ASN C    C N N 43  
ASN O    O N N 44  
ASN CB   C N N 45  
ASN CG   C N N 46  
ASN OD1  O N N 47  
ASN ND2  N N N 48  
ASN OXT  O N N 49  
ASN H    H N N 50  
ASN H2   H N N 51  
ASN HA   H N N 52  
ASN HB2  H N N 53  
ASN HB3  H N N 54  
ASN HD21 H N N 55  
ASN HD22 H N N 56  
ASN HXT  H N N 57  
ASP N    N N N 58  
ASP CA   C N S 59  
ASP C    C N N 60  
ASP O    O N N 61  
ASP CB   C N N 62  
ASP CG   C N N 63  
ASP OD1  O N N 64  
ASP OD2  O N N 65  
ASP OXT  O N N 66  
ASP H    H N N 67  
ASP H2   H N N 68  
ASP HA   H N N 69  
ASP HB2  H N N 70  
ASP HB3  H N N 71  
ASP HD2  H N N 72  
ASP HXT  H N N 73  
CYS N    N N N 74  
CYS CA   C N R 75  
CYS C    C N N 76  
CYS O    O N N 77  
CYS CB   C N N 78  
CYS SG   S N N 79  
CYS OXT  O N N 80  
CYS H    H N N 81  
CYS H2   H N N 82  
CYS HA   H N N 83  
CYS HB2  H N N 84  
CYS HB3  H N N 85  
CYS HG   H N N 86  
CYS HXT  H N N 87  
GLN N    N N N 88  
GLN CA   C N S 89  
GLN C    C N N 90  
GLN O    O N N 91  
GLN CB   C N N 92  
GLN CG   C N N 93  
GLN CD   C N N 94  
GLN OE1  O N N 95  
GLN NE2  N N N 96  
GLN OXT  O N N 97  
GLN H    H N N 98  
GLN H2   H N N 99  
GLN HA   H N N 100 
GLN HB2  H N N 101 
GLN HB3  H N N 102 
GLN HG2  H N N 103 
GLN HG3  H N N 104 
GLN HE21 H N N 105 
GLN HE22 H N N 106 
GLN HXT  H N N 107 
GLU N    N N N 108 
GLU CA   C N S 109 
GLU C    C N N 110 
GLU O    O N N 111 
GLU CB   C N N 112 
GLU CG   C N N 113 
GLU CD   C N N 114 
GLU OE1  O N N 115 
GLU OE2  O N N 116 
GLU OXT  O N N 117 
GLU H    H N N 118 
GLU H2   H N N 119 
GLU HA   H N N 120 
GLU HB2  H N N 121 
GLU HB3  H N N 122 
GLU HG2  H N N 123 
GLU HG3  H N N 124 
GLU HE2  H N N 125 
GLU HXT  H N N 126 
GLY N    N N N 127 
GLY CA   C N N 128 
GLY C    C N N 129 
GLY O    O N N 130 
GLY OXT  O N N 131 
GLY H    H N N 132 
GLY H2   H N N 133 
GLY HA2  H N N 134 
GLY HA3  H N N 135 
GLY HXT  H N N 136 
GOL C1   C N N 137 
GOL O1   O N N 138 
GOL C2   C N N 139 
GOL O2   O N N 140 
GOL C3   C N N 141 
GOL O3   O N N 142 
GOL H11  H N N 143 
GOL H12  H N N 144 
GOL HO1  H N N 145 
GOL H2   H N N 146 
GOL HO2  H N N 147 
GOL H31  H N N 148 
GOL H32  H N N 149 
GOL HO3  H N N 150 
HIS N    N N N 151 
HIS CA   C N S 152 
HIS C    C N N 153 
HIS O    O N N 154 
HIS CB   C N N 155 
HIS CG   C Y N 156 
HIS ND1  N Y N 157 
HIS CD2  C Y N 158 
HIS CE1  C Y N 159 
HIS NE2  N Y N 160 
HIS OXT  O N N 161 
HIS H    H N N 162 
HIS H2   H N N 163 
HIS HA   H N N 164 
HIS HB2  H N N 165 
HIS HB3  H N N 166 
HIS HD1  H N N 167 
HIS HD2  H N N 168 
HIS HE1  H N N 169 
HIS HE2  H N N 170 
HIS HXT  H N N 171 
HOH O    O N N 172 
HOH H1   H N N 173 
HOH H2   H N N 174 
ILE N    N N N 175 
ILE CA   C N S 176 
ILE C    C N N 177 
ILE O    O N N 178 
ILE CB   C N S 179 
ILE CG1  C N N 180 
ILE CG2  C N N 181 
ILE CD1  C N N 182 
ILE OXT  O N N 183 
ILE H    H N N 184 
ILE H2   H N N 185 
ILE HA   H N N 186 
ILE HB   H N N 187 
ILE HG12 H N N 188 
ILE HG13 H N N 189 
ILE HG21 H N N 190 
ILE HG22 H N N 191 
ILE HG23 H N N 192 
ILE HD11 H N N 193 
ILE HD12 H N N 194 
ILE HD13 H N N 195 
ILE HXT  H N N 196 
LEU N    N N N 197 
LEU CA   C N S 198 
LEU C    C N N 199 
LEU O    O N N 200 
LEU CB   C N N 201 
LEU CG   C N N 202 
LEU CD1  C N N 203 
LEU CD2  C N N 204 
LEU OXT  O N N 205 
LEU H    H N N 206 
LEU H2   H N N 207 
LEU HA   H N N 208 
LEU HB2  H N N 209 
LEU HB3  H N N 210 
LEU HG   H N N 211 
LEU HD11 H N N 212 
LEU HD12 H N N 213 
LEU HD13 H N N 214 
LEU HD21 H N N 215 
LEU HD22 H N N 216 
LEU HD23 H N N 217 
LEU HXT  H N N 218 
LYS N    N N N 219 
LYS CA   C N S 220 
LYS C    C N N 221 
LYS O    O N N 222 
LYS CB   C N N 223 
LYS CG   C N N 224 
LYS CD   C N N 225 
LYS CE   C N N 226 
LYS NZ   N N N 227 
LYS OXT  O N N 228 
LYS H    H N N 229 
LYS H2   H N N 230 
LYS HA   H N N 231 
LYS HB2  H N N 232 
LYS HB3  H N N 233 
LYS HG2  H N N 234 
LYS HG3  H N N 235 
LYS HD2  H N N 236 
LYS HD3  H N N 237 
LYS HE2  H N N 238 
LYS HE3  H N N 239 
LYS HZ1  H N N 240 
LYS HZ2  H N N 241 
LYS HZ3  H N N 242 
LYS HXT  H N N 243 
MET N    N N N 244 
MET CA   C N S 245 
MET C    C N N 246 
MET O    O N N 247 
MET CB   C N N 248 
MET CG   C N N 249 
MET SD   S N N 250 
MET CE   C N N 251 
MET OXT  O N N 252 
MET H    H N N 253 
MET H2   H N N 254 
MET HA   H N N 255 
MET HB2  H N N 256 
MET HB3  H N N 257 
MET HG2  H N N 258 
MET HG3  H N N 259 
MET HE1  H N N 260 
MET HE2  H N N 261 
MET HE3  H N N 262 
MET HXT  H N N 263 
PHE N    N N N 264 
PHE CA   C N S 265 
PHE C    C N N 266 
PHE O    O N N 267 
PHE CB   C N N 268 
PHE CG   C Y N 269 
PHE CD1  C Y N 270 
PHE CD2  C Y N 271 
PHE CE1  C Y N 272 
PHE CE2  C Y N 273 
PHE CZ   C Y N 274 
PHE OXT  O N N 275 
PHE H    H N N 276 
PHE H2   H N N 277 
PHE HA   H N N 278 
PHE HB2  H N N 279 
PHE HB3  H N N 280 
PHE HD1  H N N 281 
PHE HD2  H N N 282 
PHE HE1  H N N 283 
PHE HE2  H N N 284 
PHE HZ   H N N 285 
PHE HXT  H N N 286 
PRO N    N N N 287 
PRO CA   C N S 288 
PRO C    C N N 289 
PRO O    O N N 290 
PRO CB   C N N 291 
PRO CG   C N N 292 
PRO CD   C N N 293 
PRO OXT  O N N 294 
PRO H    H N N 295 
PRO HA   H N N 296 
PRO HB2  H N N 297 
PRO HB3  H N N 298 
PRO HG2  H N N 299 
PRO HG3  H N N 300 
PRO HD2  H N N 301 
PRO HD3  H N N 302 
PRO HXT  H N N 303 
SER N    N N N 304 
SER CA   C N S 305 
SER C    C N N 306 
SER O    O N N 307 
SER CB   C N N 308 
SER OG   O N N 309 
SER OXT  O N N 310 
SER H    H N N 311 
SER H2   H N N 312 
SER HA   H N N 313 
SER HB2  H N N 314 
SER HB3  H N N 315 
SER HG   H N N 316 
SER HXT  H N N 317 
THR N    N N N 318 
THR CA   C N S 319 
THR C    C N N 320 
THR O    O N N 321 
THR CB   C N R 322 
THR OG1  O N N 323 
THR CG2  C N N 324 
THR OXT  O N N 325 
THR H    H N N 326 
THR H2   H N N 327 
THR HA   H N N 328 
THR HB   H N N 329 
THR HG1  H N N 330 
THR HG21 H N N 331 
THR HG22 H N N 332 
THR HG23 H N N 333 
THR HXT  H N N 334 
TRP N    N N N 335 
TRP CA   C N S 336 
TRP C    C N N 337 
TRP O    O N N 338 
TRP CB   C N N 339 
TRP CG   C Y N 340 
TRP CD1  C Y N 341 
TRP CD2  C Y N 342 
TRP NE1  N Y N 343 
TRP CE2  C Y N 344 
TRP CE3  C Y N 345 
TRP CZ2  C Y N 346 
TRP CZ3  C Y N 347 
TRP CH2  C Y N 348 
TRP OXT  O N N 349 
TRP H    H N N 350 
TRP H2   H N N 351 
TRP HA   H N N 352 
TRP HB2  H N N 353 
TRP HB3  H N N 354 
TRP HD1  H N N 355 
TRP HE1  H N N 356 
TRP HE3  H N N 357 
TRP HZ2  H N N 358 
TRP HZ3  H N N 359 
TRP HH2  H N N 360 
TRP HXT  H N N 361 
TYR N    N N N 362 
TYR CA   C N S 363 
TYR C    C N N 364 
TYR O    O N N 365 
TYR CB   C N N 366 
TYR CG   C Y N 367 
TYR CD1  C Y N 368 
TYR CD2  C Y N 369 
TYR CE1  C Y N 370 
TYR CE2  C Y N 371 
TYR CZ   C Y N 372 
TYR OH   O N N 373 
TYR OXT  O N N 374 
TYR H    H N N 375 
TYR H2   H N N 376 
TYR HA   H N N 377 
TYR HB2  H N N 378 
TYR HB3  H N N 379 
TYR HD1  H N N 380 
TYR HD2  H N N 381 
TYR HE1  H N N 382 
TYR HE2  H N N 383 
TYR HH   H N N 384 
TYR HXT  H N N 385 
VAL N    N N N 386 
VAL CA   C N S 387 
VAL C    C N N 388 
VAL O    O N N 389 
VAL CB   C N N 390 
VAL CG1  C N N 391 
VAL CG2  C N N 392 
VAL OXT  O N N 393 
VAL H    H N N 394 
VAL H2   H N N 395 
VAL HA   H N N 396 
VAL HB   H N N 397 
VAL HG11 H N N 398 
VAL HG12 H N N 399 
VAL HG13 H N N 400 
VAL HG21 H N N 401 
VAL HG22 H N N 402 
VAL HG23 H N N 403 
VAL HXT  H N N 404 
# 
loop_
_chem_comp_bond.comp_id 
_chem_comp_bond.atom_id_1 
_chem_comp_bond.atom_id_2 
_chem_comp_bond.value_order 
_chem_comp_bond.pdbx_aromatic_flag 
_chem_comp_bond.pdbx_stereo_config 
_chem_comp_bond.pdbx_ordinal 
ALA N   CA   sing N N 1   
ALA N   H    sing N N 2   
ALA N   H2   sing N N 3   
ALA CA  C    sing N N 4   
ALA CA  CB   sing N N 5   
ALA CA  HA   sing N N 6   
ALA C   O    doub N N 7   
ALA C   OXT  sing N N 8   
ALA CB  HB1  sing N N 9   
ALA CB  HB2  sing N N 10  
ALA CB  HB3  sing N N 11  
ALA OXT HXT  sing N N 12  
ARG N   CA   sing N N 13  
ARG N   H    sing N N 14  
ARG N   H2   sing N N 15  
ARG CA  C    sing N N 16  
ARG CA  CB   sing N N 17  
ARG CA  HA   sing N N 18  
ARG C   O    doub N N 19  
ARG C   OXT  sing N N 20  
ARG CB  CG   sing N N 21  
ARG CB  HB2  sing N N 22  
ARG CB  HB3  sing N N 23  
ARG CG  CD   sing N N 24  
ARG CG  HG2  sing N N 25  
ARG CG  HG3  sing N N 26  
ARG CD  NE   sing N N 27  
ARG CD  HD2  sing N N 28  
ARG CD  HD3  sing N N 29  
ARG NE  CZ   sing N N 30  
ARG NE  HE   sing N N 31  
ARG CZ  NH1  sing N N 32  
ARG CZ  NH2  doub N N 33  
ARG NH1 HH11 sing N N 34  
ARG NH1 HH12 sing N N 35  
ARG NH2 HH21 sing N N 36  
ARG NH2 HH22 sing N N 37  
ARG OXT HXT  sing N N 38  
ASN N   CA   sing N N 39  
ASN N   H    sing N N 40  
ASN N   H2   sing N N 41  
ASN CA  C    sing N N 42  
ASN CA  CB   sing N N 43  
ASN CA  HA   sing N N 44  
ASN C   O    doub N N 45  
ASN C   OXT  sing N N 46  
ASN CB  CG   sing N N 47  
ASN CB  HB2  sing N N 48  
ASN CB  HB3  sing N N 49  
ASN CG  OD1  doub N N 50  
ASN CG  ND2  sing N N 51  
ASN ND2 HD21 sing N N 52  
ASN ND2 HD22 sing N N 53  
ASN OXT HXT  sing N N 54  
ASP N   CA   sing N N 55  
ASP N   H    sing N N 56  
ASP N   H2   sing N N 57  
ASP CA  C    sing N N 58  
ASP CA  CB   sing N N 59  
ASP CA  HA   sing N N 60  
ASP C   O    doub N N 61  
ASP C   OXT  sing N N 62  
ASP CB  CG   sing N N 63  
ASP CB  HB2  sing N N 64  
ASP CB  HB3  sing N N 65  
ASP CG  OD1  doub N N 66  
ASP CG  OD2  sing N N 67  
ASP OD2 HD2  sing N N 68  
ASP OXT HXT  sing N N 69  
CYS N   CA   sing N N 70  
CYS N   H    sing N N 71  
CYS N   H2   sing N N 72  
CYS CA  C    sing N N 73  
CYS CA  CB   sing N N 74  
CYS CA  HA   sing N N 75  
CYS C   O    doub N N 76  
CYS C   OXT  sing N N 77  
CYS CB  SG   sing N N 78  
CYS CB  HB2  sing N N 79  
CYS CB  HB3  sing N N 80  
CYS SG  HG   sing N N 81  
CYS OXT HXT  sing N N 82  
GLN N   CA   sing N N 83  
GLN N   H    sing N N 84  
GLN N   H2   sing N N 85  
GLN CA  C    sing N N 86  
GLN CA  CB   sing N N 87  
GLN CA  HA   sing N N 88  
GLN C   O    doub N N 89  
GLN C   OXT  sing N N 90  
GLN CB  CG   sing N N 91  
GLN CB  HB2  sing N N 92  
GLN CB  HB3  sing N N 93  
GLN CG  CD   sing N N 94  
GLN CG  HG2  sing N N 95  
GLN CG  HG3  sing N N 96  
GLN CD  OE1  doub N N 97  
GLN CD  NE2  sing N N 98  
GLN NE2 HE21 sing N N 99  
GLN NE2 HE22 sing N N 100 
GLN OXT HXT  sing N N 101 
GLU N   CA   sing N N 102 
GLU N   H    sing N N 103 
GLU N   H2   sing N N 104 
GLU CA  C    sing N N 105 
GLU CA  CB   sing N N 106 
GLU CA  HA   sing N N 107 
GLU C   O    doub N N 108 
GLU C   OXT  sing N N 109 
GLU CB  CG   sing N N 110 
GLU CB  HB2  sing N N 111 
GLU CB  HB3  sing N N 112 
GLU CG  CD   sing N N 113 
GLU CG  HG2  sing N N 114 
GLU CG  HG3  sing N N 115 
GLU CD  OE1  doub N N 116 
GLU CD  OE2  sing N N 117 
GLU OE2 HE2  sing N N 118 
GLU OXT HXT  sing N N 119 
GLY N   CA   sing N N 120 
GLY N   H    sing N N 121 
GLY N   H2   sing N N 122 
GLY CA  C    sing N N 123 
GLY CA  HA2  sing N N 124 
GLY CA  HA3  sing N N 125 
GLY C   O    doub N N 126 
GLY C   OXT  sing N N 127 
GLY OXT HXT  sing N N 128 
GOL C1  O1   sing N N 129 
GOL C1  C2   sing N N 130 
GOL C1  H11  sing N N 131 
GOL C1  H12  sing N N 132 
GOL O1  HO1  sing N N 133 
GOL C2  O2   sing N N 134 
GOL C2  C3   sing N N 135 
GOL C2  H2   sing N N 136 
GOL O2  HO2  sing N N 137 
GOL C3  O3   sing N N 138 
GOL C3  H31  sing N N 139 
GOL C3  H32  sing N N 140 
GOL O3  HO3  sing N N 141 
HIS N   CA   sing N N 142 
HIS N   H    sing N N 143 
HIS N   H2   sing N N 144 
HIS CA  C    sing N N 145 
HIS CA  CB   sing N N 146 
HIS CA  HA   sing N N 147 
HIS C   O    doub N N 148 
HIS C   OXT  sing N N 149 
HIS CB  CG   sing N N 150 
HIS CB  HB2  sing N N 151 
HIS CB  HB3  sing N N 152 
HIS CG  ND1  sing Y N 153 
HIS CG  CD2  doub Y N 154 
HIS ND1 CE1  doub Y N 155 
HIS ND1 HD1  sing N N 156 
HIS CD2 NE2  sing Y N 157 
HIS CD2 HD2  sing N N 158 
HIS CE1 NE2  sing Y N 159 
HIS CE1 HE1  sing N N 160 
HIS NE2 HE2  sing N N 161 
HIS OXT HXT  sing N N 162 
HOH O   H1   sing N N 163 
HOH O   H2   sing N N 164 
ILE N   CA   sing N N 165 
ILE N   H    sing N N 166 
ILE N   H2   sing N N 167 
ILE CA  C    sing N N 168 
ILE CA  CB   sing N N 169 
ILE CA  HA   sing N N 170 
ILE C   O    doub N N 171 
ILE C   OXT  sing N N 172 
ILE CB  CG1  sing N N 173 
ILE CB  CG2  sing N N 174 
ILE CB  HB   sing N N 175 
ILE CG1 CD1  sing N N 176 
ILE CG1 HG12 sing N N 177 
ILE CG1 HG13 sing N N 178 
ILE CG2 HG21 sing N N 179 
ILE CG2 HG22 sing N N 180 
ILE CG2 HG23 sing N N 181 
ILE CD1 HD11 sing N N 182 
ILE CD1 HD12 sing N N 183 
ILE CD1 HD13 sing N N 184 
ILE OXT HXT  sing N N 185 
LEU N   CA   sing N N 186 
LEU N   H    sing N N 187 
LEU N   H2   sing N N 188 
LEU CA  C    sing N N 189 
LEU CA  CB   sing N N 190 
LEU CA  HA   sing N N 191 
LEU C   O    doub N N 192 
LEU C   OXT  sing N N 193 
LEU CB  CG   sing N N 194 
LEU CB  HB2  sing N N 195 
LEU CB  HB3  sing N N 196 
LEU CG  CD1  sing N N 197 
LEU CG  CD2  sing N N 198 
LEU CG  HG   sing N N 199 
LEU CD1 HD11 sing N N 200 
LEU CD1 HD12 sing N N 201 
LEU CD1 HD13 sing N N 202 
LEU CD2 HD21 sing N N 203 
LEU CD2 HD22 sing N N 204 
LEU CD2 HD23 sing N N 205 
LEU OXT HXT  sing N N 206 
LYS N   CA   sing N N 207 
LYS N   H    sing N N 208 
LYS N   H2   sing N N 209 
LYS CA  C    sing N N 210 
LYS CA  CB   sing N N 211 
LYS CA  HA   sing N N 212 
LYS C   O    doub N N 213 
LYS C   OXT  sing N N 214 
LYS CB  CG   sing N N 215 
LYS CB  HB2  sing N N 216 
LYS CB  HB3  sing N N 217 
LYS CG  CD   sing N N 218 
LYS CG  HG2  sing N N 219 
LYS CG  HG3  sing N N 220 
LYS CD  CE   sing N N 221 
LYS CD  HD2  sing N N 222 
LYS CD  HD3  sing N N 223 
LYS CE  NZ   sing N N 224 
LYS CE  HE2  sing N N 225 
LYS CE  HE3  sing N N 226 
LYS NZ  HZ1  sing N N 227 
LYS NZ  HZ2  sing N N 228 
LYS NZ  HZ3  sing N N 229 
LYS OXT HXT  sing N N 230 
MET N   CA   sing N N 231 
MET N   H    sing N N 232 
MET N   H2   sing N N 233 
MET CA  C    sing N N 234 
MET CA  CB   sing N N 235 
MET CA  HA   sing N N 236 
MET C   O    doub N N 237 
MET C   OXT  sing N N 238 
MET CB  CG   sing N N 239 
MET CB  HB2  sing N N 240 
MET CB  HB3  sing N N 241 
MET CG  SD   sing N N 242 
MET CG  HG2  sing N N 243 
MET CG  HG3  sing N N 244 
MET SD  CE   sing N N 245 
MET CE  HE1  sing N N 246 
MET CE  HE2  sing N N 247 
MET CE  HE3  sing N N 248 
MET OXT HXT  sing N N 249 
PHE N   CA   sing N N 250 
PHE N   H    sing N N 251 
PHE N   H2   sing N N 252 
PHE CA  C    sing N N 253 
PHE CA  CB   sing N N 254 
PHE CA  HA   sing N N 255 
PHE C   O    doub N N 256 
PHE C   OXT  sing N N 257 
PHE CB  CG   sing N N 258 
PHE CB  HB2  sing N N 259 
PHE CB  HB3  sing N N 260 
PHE CG  CD1  doub Y N 261 
PHE CG  CD2  sing Y N 262 
PHE CD1 CE1  sing Y N 263 
PHE CD1 HD1  sing N N 264 
PHE CD2 CE2  doub Y N 265 
PHE CD2 HD2  sing N N 266 
PHE CE1 CZ   doub Y N 267 
PHE CE1 HE1  sing N N 268 
PHE CE2 CZ   sing Y N 269 
PHE CE2 HE2  sing N N 270 
PHE CZ  HZ   sing N N 271 
PHE OXT HXT  sing N N 272 
PRO N   CA   sing N N 273 
PRO N   CD   sing N N 274 
PRO N   H    sing N N 275 
PRO CA  C    sing N N 276 
PRO CA  CB   sing N N 277 
PRO CA  HA   sing N N 278 
PRO C   O    doub N N 279 
PRO C   OXT  sing N N 280 
PRO CB  CG   sing N N 281 
PRO CB  HB2  sing N N 282 
PRO CB  HB3  sing N N 283 
PRO CG  CD   sing N N 284 
PRO CG  HG2  sing N N 285 
PRO CG  HG3  sing N N 286 
PRO CD  HD2  sing N N 287 
PRO CD  HD3  sing N N 288 
PRO OXT HXT  sing N N 289 
SER N   CA   sing N N 290 
SER N   H    sing N N 291 
SER N   H2   sing N N 292 
SER CA  C    sing N N 293 
SER CA  CB   sing N N 294 
SER CA  HA   sing N N 295 
SER C   O    doub N N 296 
SER C   OXT  sing N N 297 
SER CB  OG   sing N N 298 
SER CB  HB2  sing N N 299 
SER CB  HB3  sing N N 300 
SER OG  HG   sing N N 301 
SER OXT HXT  sing N N 302 
THR N   CA   sing N N 303 
THR N   H    sing N N 304 
THR N   H2   sing N N 305 
THR CA  C    sing N N 306 
THR CA  CB   sing N N 307 
THR CA  HA   sing N N 308 
THR C   O    doub N N 309 
THR C   OXT  sing N N 310 
THR CB  OG1  sing N N 311 
THR CB  CG2  sing N N 312 
THR CB  HB   sing N N 313 
THR OG1 HG1  sing N N 314 
THR CG2 HG21 sing N N 315 
THR CG2 HG22 sing N N 316 
THR CG2 HG23 sing N N 317 
THR OXT HXT  sing N N 318 
TRP N   CA   sing N N 319 
TRP N   H    sing N N 320 
TRP N   H2   sing N N 321 
TRP CA  C    sing N N 322 
TRP CA  CB   sing N N 323 
TRP CA  HA   sing N N 324 
TRP C   O    doub N N 325 
TRP C   OXT  sing N N 326 
TRP CB  CG   sing N N 327 
TRP CB  HB2  sing N N 328 
TRP CB  HB3  sing N N 329 
TRP CG  CD1  doub Y N 330 
TRP CG  CD2  sing Y N 331 
TRP CD1 NE1  sing Y N 332 
TRP CD1 HD1  sing N N 333 
TRP CD2 CE2  doub Y N 334 
TRP CD2 CE3  sing Y N 335 
TRP NE1 CE2  sing Y N 336 
TRP NE1 HE1  sing N N 337 
TRP CE2 CZ2  sing Y N 338 
TRP CE3 CZ3  doub Y N 339 
TRP CE3 HE3  sing N N 340 
TRP CZ2 CH2  doub Y N 341 
TRP CZ2 HZ2  sing N N 342 
TRP CZ3 CH2  sing Y N 343 
TRP CZ3 HZ3  sing N N 344 
TRP CH2 HH2  sing N N 345 
TRP OXT HXT  sing N N 346 
TYR N   CA   sing N N 347 
TYR N   H    sing N N 348 
TYR N   H2   sing N N 349 
TYR CA  C    sing N N 350 
TYR CA  CB   sing N N 351 
TYR CA  HA   sing N N 352 
TYR C   O    doub N N 353 
TYR C   OXT  sing N N 354 
TYR CB  CG   sing N N 355 
TYR CB  HB2  sing N N 356 
TYR CB  HB3  sing N N 357 
TYR CG  CD1  doub Y N 358 
TYR CG  CD2  sing Y N 359 
TYR CD1 CE1  sing Y N 360 
TYR CD1 HD1  sing N N 361 
TYR CD2 CE2  doub Y N 362 
TYR CD2 HD2  sing N N 363 
TYR CE1 CZ   doub Y N 364 
TYR CE1 HE1  sing N N 365 
TYR CE2 CZ   sing Y N 366 
TYR CE2 HE2  sing N N 367 
TYR CZ  OH   sing N N 368 
TYR OH  HH   sing N N 369 
TYR OXT HXT  sing N N 370 
VAL N   CA   sing N N 371 
VAL N   H    sing N N 372 
VAL N   H2   sing N N 373 
VAL CA  C    sing N N 374 
VAL CA  CB   sing N N 375 
VAL CA  HA   sing N N 376 
VAL C   O    doub N N 377 
VAL C   OXT  sing N N 378 
VAL CB  CG1  sing N N 379 
VAL CB  CG2  sing N N 380 
VAL CB  HB   sing N N 381 
VAL CG1 HG11 sing N N 382 
VAL CG1 HG12 sing N N 383 
VAL CG1 HG13 sing N N 384 
VAL CG2 HG21 sing N N 385 
VAL CG2 HG22 sing N N 386 
VAL CG2 HG23 sing N N 387 
VAL OXT HXT  sing N N 388 
# 
loop_
_pdbx_entity_nonpoly.entity_id 
_pdbx_entity_nonpoly.name 
_pdbx_entity_nonpoly.comp_id 
2 GLYCEROL GOL 
3 water    HOH 
# 
_pdbx_initial_refinement_model.id               1 
_pdbx_initial_refinement_model.entity_id_list   ? 
_pdbx_initial_refinement_model.type             'experimental model' 
_pdbx_initial_refinement_model.source_name      PDB 
_pdbx_initial_refinement_model.accession_code   2FNJ 
_pdbx_initial_refinement_model.details          'PDB entry 2FNJ' 
# 
